data_3HYW
#
_entry.id   3HYW
#
_cell.length_a   110.780
_cell.length_b   154.010
_cell.length_c   175.550
_cell.angle_alpha   90.00
_cell.angle_beta   90.00
_cell.angle_gamma   90.00
#
_symmetry.space_group_name_H-M   'P 21 21 21'
#
loop_
_entity.id
_entity.type
_entity.pdbx_description
1 polymer 'Sulfide-quinone reductase'
2 non-polymer 'FLAVIN-ADENINE DINUCLEOTIDE'
3 non-polymer 2-decyl-5,6-dimethoxy-3-methylcyclohexa-2,5-diene-1,4-dione
4 non-polymer DODECYL-BETA-D-MALTOSIDE
5 non-polymer 'HYDROSULFURIC ACID'
6 non-polymer octathiocane
7 non-polymer 'SULFATE ION'
8 water water
#
_entity_poly.entity_id   1
_entity_poly.type   'polypeptide(L)'
_entity_poly.pdbx_seq_one_letter_code
;MAKHVVVIGGGVGGIATAYNLRNLMPDLKITLISDRPYFGFTPAFPHLAMGWRKFEDISVPLAPLLPKFNIEFINEKAES
IDPDANTVTTQSGKKIEYDYLVIATGPKLVFGAEGQEENSTSICTAEHALETQKKLQELYANPGPVVIGAIPGVS(CSS)
FGPAYEFALMLHYELKKRGIRYKVPMTFITSEPYLGHFGVGGIGASKRLVEDLFAERNIDWIANVAVKAIEPDKVIYEDL
NGNTHEVPAKFTMFMPSFQGPEVVASAGDKVANPANKMVIVNRCFQNPTYKNIFGVGVVTAIPPIEKTPIPTGVPKTGMM
IEQMAMAVAHNIVNDIRNNPDKYAPRLSAI(CSS)IADFGEDAGFFFADPVIPPRERVITKMGKWAHYFKTAFEKYFLWK
VRNGNIAPSFEEKVLEIFLKVHPIELCKDCEGAPGSRC
;
_entity_poly.pdbx_strand_id   A,B,C,D,E,F
#
# COMPACT_ATOMS: atom_id res chain seq x y z
N ALA A 2 16.14 50.90 32.07
CA ALA A 2 15.83 49.49 31.70
C ALA A 2 16.47 48.48 32.63
N LYS A 3 15.82 47.32 32.80
CA LYS A 3 16.37 46.23 33.60
C LYS A 3 17.51 45.53 32.84
N HIS A 4 18.26 44.71 33.56
CA HIS A 4 19.41 44.01 32.98
C HIS A 4 19.33 42.51 33.21
N VAL A 5 19.29 41.74 32.12
CA VAL A 5 19.34 40.29 32.21
C VAL A 5 20.71 39.79 31.76
N VAL A 6 21.33 38.95 32.59
CA VAL A 6 22.54 38.24 32.19
C VAL A 6 22.17 36.81 31.82
N VAL A 7 22.63 36.38 30.65
CA VAL A 7 22.46 35.01 30.19
C VAL A 7 23.83 34.35 30.13
N ILE A 8 23.99 33.24 30.86
CA ILE A 8 25.23 32.49 30.81
C ILE A 8 25.07 31.31 29.85
N GLY A 9 25.77 31.38 28.72
CA GLY A 9 25.79 30.29 27.75
C GLY A 9 25.32 30.76 26.39
N GLY A 10 26.15 30.55 25.38
CA GLY A 10 25.83 30.91 24.00
C GLY A 10 25.42 29.74 23.13
N GLY A 11 24.56 28.88 23.66
CA GLY A 11 24.06 27.70 22.95
C GLY A 11 22.56 27.80 22.70
N VAL A 12 21.92 26.66 22.50
CA VAL A 12 20.50 26.64 22.14
C VAL A 12 19.65 27.40 23.16
N GLY A 13 19.81 27.06 24.44
CA GLY A 13 19.02 27.65 25.51
C GLY A 13 19.29 29.12 25.75
N GLY A 14 20.57 29.50 25.77
CA GLY A 14 20.99 30.88 25.99
C GLY A 14 20.59 31.83 24.88
N ILE A 15 20.88 31.44 23.64
CA ILE A 15 20.47 32.21 22.47
C ILE A 15 18.93 32.33 22.40
N ALA A 16 18.20 31.23 22.59
CA ALA A 16 16.74 31.26 22.54
C ALA A 16 16.15 32.19 23.58
N THR A 17 16.66 32.13 24.81
CA THR A 17 16.19 33.00 25.88
C THR A 17 16.51 34.48 25.60
N ALA A 18 17.76 34.77 25.25
CA ALA A 18 18.18 36.13 24.90
C ALA A 18 17.36 36.74 23.75
N TYR A 19 17.16 35.98 22.68
CA TYR A 19 16.37 36.45 21.53
C TYR A 19 14.89 36.63 21.91
N ASN A 20 14.35 35.69 22.69
CA ASN A 20 12.95 35.77 23.13
C ASN A 20 12.74 37.03 23.96
N LEU A 21 13.65 37.28 24.90
CA LEU A 21 13.63 38.50 25.72
C LEU A 21 13.75 39.77 24.89
N ARG A 22 14.65 39.77 23.92
CA ARG A 22 14.88 40.94 23.07
C ARG A 22 13.64 41.31 22.25
N ASN A 23 12.97 40.29 21.72
CA ASN A 23 11.80 40.50 20.86
C ASN A 23 10.57 40.91 21.68
N LEU A 24 10.51 40.44 22.92
CA LEU A 24 9.47 40.80 23.87
C LEU A 24 9.65 42.23 24.42
N MET A 25 10.91 42.61 24.64
CA MET A 25 11.24 43.85 25.31
C MET A 25 12.45 44.50 24.64
N PRO A 26 12.21 45.33 23.60
CA PRO A 26 13.26 46.04 22.88
C PRO A 26 14.20 46.90 23.74
N ASP A 27 13.71 47.45 24.84
CA ASP A 27 14.54 48.34 25.66
C ASP A 27 15.32 47.61 26.77
N LEU A 28 15.00 46.34 26.99
CA LEU A 28 15.69 45.50 27.98
C LEU A 28 17.19 45.42 27.69
N LYS A 29 18.03 45.66 28.71
CA LYS A 29 19.47 45.43 28.54
C LYS A 29 19.75 43.93 28.73
N ILE A 30 20.48 43.35 27.78
CA ILE A 30 20.75 41.91 27.79
C ILE A 30 22.22 41.65 27.50
N THR A 31 22.86 40.90 28.40
CA THR A 31 24.24 40.53 28.25
C THR A 31 24.32 39.01 28.20
N LEU A 32 24.97 38.49 27.16
CA LEU A 32 25.22 37.07 27.04
C LEU A 32 26.70 36.79 27.26
N ILE A 33 26.98 35.89 28.19
CA ILE A 33 28.35 35.47 28.51
C ILE A 33 28.52 34.02 28.06
N SER A 34 29.52 33.77 27.21
CA SER A 34 29.83 32.41 26.78
C SER A 34 31.33 32.21 26.58
N ASP A 35 31.81 31.02 26.95
CA ASP A 35 33.23 30.68 26.80
C ASP A 35 33.61 30.28 25.36
N ARG A 36 32.61 29.91 24.57
CA ARG A 36 32.83 29.64 23.16
C ARG A 36 32.48 30.88 22.34
N PRO A 37 33.30 31.19 21.32
CA PRO A 37 33.07 32.36 20.48
C PRO A 37 31.96 32.16 19.44
N TYR A 38 31.36 30.97 19.42
CA TYR A 38 30.41 30.62 18.37
C TYR A 38 29.19 29.93 18.97
N PHE A 39 28.06 30.04 18.29
CA PHE A 39 26.96 29.11 18.53
C PHE A 39 27.23 27.85 17.72
N GLY A 40 27.20 26.69 18.38
CA GLY A 40 27.39 25.42 17.68
C GLY A 40 26.07 24.70 17.54
N PHE A 41 25.70 24.32 16.31
CA PHE A 41 24.48 23.55 16.11
C PHE A 41 24.70 22.09 16.49
N THR A 42 24.43 21.83 17.76
CA THR A 42 24.69 20.53 18.40
C THR A 42 24.13 19.32 17.62
N PRO A 43 22.87 19.39 17.13
CA PRO A 43 22.33 18.25 16.36
C PRO A 43 23.09 17.85 15.08
N ALA A 44 24.02 18.68 14.62
CA ALA A 44 24.86 18.33 13.47
C ALA A 44 26.24 17.83 13.88
N PHE A 45 26.48 17.71 15.19
CA PHE A 45 27.75 17.21 15.69
C PHE A 45 28.05 15.75 15.31
N PRO A 46 27.02 14.86 15.35
CA PRO A 46 27.28 13.51 14.81
C PRO A 46 27.71 13.51 13.35
N HIS A 47 27.12 14.40 12.55
CA HIS A 47 27.49 14.55 11.15
C HIS A 47 28.89 15.14 11.03
N LEU A 48 29.24 16.08 11.90
CA LEU A 48 30.61 16.62 11.94
C LEU A 48 31.62 15.51 12.23
N ALA A 49 31.27 14.64 13.18
CA ALA A 49 32.10 13.48 13.53
C ALA A 49 32.26 12.52 12.36
N MET A 50 31.24 12.44 11.52
CA MET A 50 31.31 11.55 10.35
C MET A 50 32.06 12.18 9.19
N GLY A 51 32.38 13.47 9.30
CA GLY A 51 33.03 14.21 8.23
C GLY A 51 32.04 14.68 7.19
N TRP A 52 30.75 14.67 7.57
CA TRP A 52 29.67 15.04 6.65
C TRP A 52 29.32 16.53 6.75
N ARG A 53 30.02 17.23 7.64
CA ARG A 53 29.88 18.69 7.78
C ARG A 53 31.24 19.33 7.95
N LYS A 54 31.34 20.59 7.54
CA LYS A 54 32.45 21.46 7.93
C LYS A 54 32.00 22.28 9.13
N PHE A 55 32.92 22.55 10.04
CA PHE A 55 32.57 23.29 11.27
C PHE A 55 31.89 24.64 10.99
N GLU A 56 32.39 25.37 10.01
CA GLU A 56 31.88 26.71 9.72
C GLU A 56 30.47 26.69 9.12
N ASP A 57 30.04 25.51 8.67
CA ASP A 57 28.69 25.34 8.12
C ASP A 57 27.60 25.06 9.17
N ILE A 58 28.03 24.74 10.41
CA ILE A 58 27.10 24.44 11.50
C ILE A 58 27.42 25.25 12.76
N SER A 59 28.03 26.41 12.57
CA SER A 59 28.36 27.32 13.67
C SER A 59 28.17 28.77 13.25
N VAL A 60 27.99 29.64 14.25
CA VAL A 60 27.77 31.08 14.03
C VAL A 60 28.64 31.89 15.00
N PRO A 61 29.63 32.64 14.48
CA PRO A 61 30.38 33.56 15.36
C PRO A 61 29.47 34.62 15.98
N LEU A 62 29.54 34.76 17.30
CA LEU A 62 28.59 35.57 18.08
C LEU A 62 28.97 37.05 18.25
N ALA A 63 30.26 37.34 18.33
CA ALA A 63 30.73 38.72 18.57
C ALA A 63 30.27 39.72 17.52
N PRO A 64 30.36 39.37 16.22
CA PRO A 64 29.85 40.36 15.26
C PRO A 64 28.32 40.31 15.08
N LEU A 65 27.69 39.26 15.60
CA LEU A 65 26.27 39.04 15.40
C LEU A 65 25.38 39.67 16.47
N LEU A 66 25.67 39.38 17.74
CA LEU A 66 24.78 39.77 18.84
C LEU A 66 24.51 41.28 19.04
N PRO A 67 25.53 42.16 18.81
CA PRO A 67 25.29 43.62 18.83
C PRO A 67 24.21 44.11 17.86
N LYS A 68 24.05 43.41 16.73
CA LYS A 68 23.00 43.73 15.75
C LYS A 68 21.60 43.59 16.36
N PHE A 69 21.51 42.82 17.44
CA PHE A 69 20.25 42.61 18.15
C PHE A 69 20.27 43.28 19.52
N ASN A 70 21.16 44.28 19.65
CA ASN A 70 21.38 45.00 20.92
C ASN A 70 21.64 44.09 22.12
N ILE A 71 22.42 43.03 21.89
CA ILE A 71 22.83 42.10 22.94
C ILE A 71 24.34 42.21 23.12
N GLU A 72 24.76 42.47 24.35
CA GLU A 72 26.18 42.56 24.66
C GLU A 72 26.75 41.15 24.81
N PHE A 73 27.83 40.87 24.08
CA PHE A 73 28.50 39.58 24.15
C PHE A 73 29.82 39.69 24.89
N ILE A 74 29.98 38.86 25.92
CA ILE A 74 31.23 38.73 26.63
C ILE A 74 31.76 37.32 26.37
N ASN A 75 32.84 37.24 25.60
CA ASN A 75 33.44 35.95 25.27
C ASN A 75 34.41 35.52 26.37
N GLU A 76 33.83 35.13 27.50
CA GLU A 76 34.56 34.65 28.67
C GLU A 76 33.76 33.55 29.32
N LYS A 77 34.46 32.68 30.02
CA LYS A 77 33.83 31.73 30.91
C LYS A 77 33.29 32.45 32.14
N ALA A 78 32.02 32.25 32.46
CA ALA A 78 31.49 32.68 33.75
C ALA A 78 32.04 31.76 34.84
N GLU A 79 32.65 32.36 35.86
CA GLU A 79 33.39 31.62 36.88
C GLU A 79 32.57 31.38 38.14
N SER A 80 31.88 32.41 38.63
CA SER A 80 31.04 32.27 39.80
C SER A 80 29.79 33.13 39.76
N ILE A 81 28.83 32.78 40.60
CA ILE A 81 27.58 33.51 40.75
C ILE A 81 27.39 33.80 42.24
N ASP A 82 27.18 35.07 42.58
CA ASP A 82 26.76 35.44 43.91
C ASP A 82 25.29 35.86 43.84
N PRO A 83 24.38 34.95 44.24
CA PRO A 83 22.94 35.19 44.09
C PRO A 83 22.38 36.17 45.11
N ASP A 84 23.10 36.37 46.21
CA ASP A 84 22.72 37.34 47.24
C ASP A 84 23.07 38.76 46.80
N ALA A 85 24.18 38.88 46.08
CA ALA A 85 24.64 40.17 45.58
C ALA A 85 24.13 40.44 44.16
N ASN A 86 23.46 39.44 43.58
CA ASN A 86 23.01 39.49 42.18
C ASN A 86 24.14 39.78 41.20
N THR A 87 25.23 39.03 41.32
CA THR A 87 26.39 39.24 40.47
C THR A 87 26.91 37.96 39.83
N VAL A 88 27.55 38.12 38.68
CA VAL A 88 28.31 37.06 38.03
C VAL A 88 29.74 37.56 37.86
N THR A 89 30.70 36.68 38.13
CA THR A 89 32.11 37.01 37.92
C THR A 89 32.69 36.12 36.85
N THR A 90 33.41 36.72 35.91
CA THR A 90 34.04 35.98 34.83
C THR A 90 35.44 35.50 35.22
N GLN A 91 36.04 34.66 34.40
CA GLN A 91 37.36 34.09 34.64
C GLN A 91 38.46 35.17 34.80
N SER A 92 38.35 36.25 34.03
CA SER A 92 39.30 37.36 34.13
C SER A 92 39.03 38.25 35.34
N GLY A 93 37.91 38.01 36.01
CA GLY A 93 37.57 38.70 37.25
C GLY A 93 36.56 39.82 37.12
N LYS A 94 36.06 40.03 35.92
CA LYS A 94 35.04 41.06 35.66
C LYS A 94 33.73 40.75 36.40
N LYS A 95 33.23 41.74 37.14
CA LYS A 95 31.98 41.60 37.89
C LYS A 95 30.83 42.21 37.11
N ILE A 96 29.82 41.40 36.84
CA ILE A 96 28.64 41.83 36.10
C ILE A 96 27.41 41.69 37.01
N GLU A 97 26.72 42.81 37.23
CA GLU A 97 25.53 42.82 38.08
C GLU A 97 24.31 42.51 37.21
N TYR A 98 23.32 41.86 37.82
CA TYR A 98 22.09 41.53 37.08
C TYR A 98 20.84 41.80 37.88
N ASP A 99 19.75 42.06 37.18
CA ASP A 99 18.41 42.10 37.78
C ASP A 99 17.79 40.71 37.67
N TYR A 100 18.05 40.04 36.55
CA TYR A 100 17.64 38.66 36.35
C TYR A 100 18.80 37.88 35.73
N LEU A 101 18.91 36.60 36.08
CA LEU A 101 19.96 35.73 35.58
C LEU A 101 19.39 34.48 34.93
N VAL A 102 19.85 34.17 33.73
CA VAL A 102 19.51 32.92 33.05
C VAL A 102 20.75 32.03 32.93
N ILE A 103 20.70 30.87 33.55
CA ILE A 103 21.79 29.90 33.47
C ILE A 103 21.50 28.89 32.38
N ALA A 104 22.35 28.86 31.36
CA ALA A 104 22.16 27.99 30.19
C ALA A 104 23.49 27.44 29.65
N THR A 105 24.29 26.89 30.56
CA THR A 105 25.65 26.46 30.27
C THR A 105 25.78 25.07 29.60
N GLY A 106 24.66 24.39 29.40
CA GLY A 106 24.67 23.09 28.73
C GLY A 106 25.23 21.98 29.62
N PRO A 107 25.54 20.81 29.03
CA PRO A 107 26.11 19.71 29.81
C PRO A 107 27.59 19.89 30.17
N LYS A 108 27.95 19.58 31.40
CA LYS A 108 29.35 19.33 31.73
C LYS A 108 29.59 17.82 31.63
N LEU A 109 30.56 17.44 30.82
CA LEU A 109 30.74 16.04 30.45
C LEU A 109 31.51 15.27 31.50
N VAL A 110 30.99 14.10 31.86
CA VAL A 110 31.68 13.18 32.77
C VAL A 110 31.95 11.86 32.04
N PHE A 111 33.21 11.59 31.78
CA PHE A 111 33.64 10.35 31.14
C PHE A 111 33.88 9.30 32.21
N GLY A 112 32.79 8.77 32.75
CA GLY A 112 32.77 7.95 33.95
C GLY A 112 33.42 6.57 33.89
N ALA A 113 33.41 5.95 32.71
CA ALA A 113 34.08 4.65 32.54
C ALA A 113 35.59 4.83 32.56
N GLU A 114 36.29 3.86 33.13
CA GLU A 114 37.74 3.90 33.26
C GLU A 114 38.39 3.95 31.88
N GLY A 115 39.24 4.94 31.66
CA GLY A 115 39.95 5.11 30.40
C GLY A 115 39.10 5.63 29.24
N GLN A 116 37.89 6.12 29.55
CA GLN A 116 36.95 6.54 28.52
C GLN A 116 37.41 7.78 27.78
N GLU A 117 37.73 8.85 28.52
CA GLU A 117 38.19 10.10 27.90
C GLU A 117 39.46 9.88 27.08
N GLU A 118 40.33 8.98 27.54
CA GLU A 118 41.62 8.71 26.90
C GLU A 118 41.53 7.76 25.68
N ASN A 119 40.73 6.71 25.82
CA ASN A 119 40.72 5.61 24.83
C ASN A 119 39.52 5.58 23.90
N SER A 120 38.43 6.22 24.29
CA SER A 120 37.22 6.25 23.47
C SER A 120 37.13 7.57 22.68
N THR A 121 35.99 7.76 22.02
CA THR A 121 35.68 9.04 21.36
C THR A 121 34.31 9.50 21.82
N SER A 122 34.03 10.78 21.58
CA SER A 122 32.75 11.37 21.93
C SER A 122 32.39 12.44 20.89
N ILE A 123 31.11 12.75 20.79
CA ILE A 123 30.61 13.64 19.74
C ILE A 123 29.77 14.78 20.32
N CYS A 124 29.92 15.02 21.62
CA CYS A 124 29.06 15.95 22.36
C CYS A 124 29.44 17.42 22.21
N THR A 125 30.70 17.68 21.85
CA THR A 125 31.13 19.02 21.45
C THR A 125 31.71 18.96 20.05
N ALA A 126 31.77 20.12 19.38
CA ALA A 126 32.37 20.20 18.06
C ALA A 126 33.82 19.72 18.10
N GLU A 127 34.53 20.14 19.15
CA GLU A 127 35.94 19.83 19.36
C GLU A 127 36.19 18.34 19.51
N HIS A 128 35.37 17.68 20.32
CA HIS A 128 35.42 16.21 20.46
C HIS A 128 35.02 15.48 19.17
N ALA A 129 33.96 15.96 18.51
CA ALA A 129 33.50 15.34 17.25
C ALA A 129 34.57 15.36 16.16
N LEU A 130 35.36 16.42 16.11
CA LEU A 130 36.46 16.53 15.15
C LEU A 130 37.58 15.51 15.42
N GLU A 131 37.88 15.27 16.69
CA GLU A 131 38.81 14.21 17.10
C GLU A 131 38.30 12.84 16.69
N THR A 132 36.99 12.60 16.86
CA THR A 132 36.34 11.37 16.41
C THR A 132 36.49 11.14 14.91
N GLN A 133 36.28 12.20 14.13
CA GLN A 133 36.44 12.14 12.67
C GLN A 133 37.83 11.62 12.31
N LYS A 134 38.83 12.12 13.02
CA LYS A 134 40.23 11.75 12.79
C LYS A 134 40.50 10.27 13.11
N LYS A 135 39.82 9.74 14.13
CA LYS A 135 40.00 8.34 14.51
C LYS A 135 39.22 7.38 13.63
N LEU A 136 38.13 7.87 13.03
CA LEU A 136 37.34 7.08 12.08
C LEU A 136 38.12 6.72 10.82
N GLN A 137 38.91 7.67 10.33
CA GLN A 137 39.77 7.46 9.15
C GLN A 137 40.67 6.23 9.34
N GLU A 138 41.17 6.08 10.57
CA GLU A 138 42.01 4.94 10.98
C GLU A 138 41.24 3.61 10.97
N LEU A 139 39.95 3.66 11.29
CA LEU A 139 39.09 2.48 11.24
C LEU A 139 38.84 1.98 9.82
N TYR A 140 38.61 2.91 8.90
CA TYR A 140 38.38 2.57 7.48
C TYR A 140 39.63 1.94 6.86
N ALA A 141 40.80 2.47 7.25
CA ALA A 141 42.09 1.98 6.79
C ALA A 141 42.37 0.57 7.33
N ASN A 142 42.10 0.38 8.62
CA ASN A 142 42.31 -0.91 9.28
C ASN A 142 41.06 -1.36 10.02
N PRO A 143 40.12 -2.00 9.28
CA PRO A 143 38.81 -2.36 9.84
C PRO A 143 38.90 -3.39 10.98
N GLY A 144 38.06 -3.19 11.99
CA GLY A 144 38.00 -4.07 13.14
C GLY A 144 36.71 -3.80 13.91
N PRO A 145 36.55 -4.44 15.08
CA PRO A 145 35.32 -4.36 15.86
C PRO A 145 35.02 -2.93 16.33
N VAL A 146 33.76 -2.53 16.13
CA VAL A 146 33.27 -1.26 16.64
C VAL A 146 32.28 -1.51 17.77
N VAL A 147 32.41 -0.73 18.84
CA VAL A 147 31.38 -0.68 19.87
C VAL A 147 31.04 0.76 20.23
N ILE A 148 29.74 1.02 20.28
CA ILE A 148 29.22 2.35 20.48
C ILE A 148 28.17 2.23 21.58
N GLY A 149 27.98 3.28 22.38
CA GLY A 149 26.87 3.25 23.31
C GLY A 149 26.90 4.30 24.39
N ALA A 150 26.34 3.93 25.53
CA ALA A 150 26.15 4.84 26.65
C ALA A 150 26.59 4.17 27.96
N ILE A 151 27.33 4.94 28.76
CA ILE A 151 27.75 4.50 30.08
C ILE A 151 26.57 4.69 31.05
N PRO A 152 26.69 4.21 32.31
CA PRO A 152 25.63 4.49 33.28
C PRO A 152 25.46 5.99 33.54
N GLY A 153 24.23 6.40 33.86
CA GLY A 153 23.92 7.81 34.14
C GLY A 153 23.74 8.69 32.92
N VAL A 154 23.85 8.10 31.73
CA VAL A 154 23.65 8.85 30.50
C VAL A 154 22.20 9.33 30.42
N SER A 155 22.01 10.49 29.82
CA SER A 155 20.70 11.09 29.66
C SER A 155 20.42 11.52 28.23
N PHE A 157 20.79 9.74 24.69
CA PHE A 157 21.06 8.47 24.00
C PHE A 157 20.93 8.55 22.48
N GLY A 158 19.99 9.36 22.01
CA GLY A 158 19.76 9.55 20.58
C GLY A 158 20.99 9.68 19.71
N PRO A 159 21.94 10.56 20.07
CA PRO A 159 23.16 10.71 19.27
C PRO A 159 24.00 9.44 19.11
N ALA A 160 23.97 8.56 20.11
CA ALA A 160 24.66 7.26 20.03
C ALA A 160 24.02 6.37 18.97
N TYR A 161 22.69 6.32 18.96
CA TYR A 161 21.94 5.61 17.92
C TYR A 161 22.20 6.17 16.53
N GLU A 162 22.17 7.50 16.42
CA GLU A 162 22.46 8.19 15.16
C GLU A 162 23.84 7.81 14.64
N PHE A 163 24.85 7.96 15.50
CA PHE A 163 26.25 7.72 15.12
C PHE A 163 26.48 6.28 14.69
N ALA A 164 25.89 5.34 15.42
CA ALA A 164 26.01 3.93 15.08
C ALA A 164 25.45 3.63 13.68
N LEU A 165 24.26 4.18 13.39
CA LEU A 165 23.62 3.91 12.11
C LEU A 165 24.24 4.68 10.95
N MET A 166 24.74 5.88 11.25
CA MET A 166 25.52 6.69 10.30
C MET A 166 26.81 5.99 9.90
N LEU A 167 27.49 5.42 10.89
CA LEU A 167 28.73 4.69 10.66
C LEU A 167 28.48 3.44 9.82
N HIS A 168 27.44 2.68 10.16
CA HIS A 168 27.00 1.55 9.32
C HIS A 168 26.80 1.97 7.86
N TYR A 169 26.08 3.09 7.66
CA TYR A 169 25.84 3.64 6.34
C TYR A 169 27.15 3.95 5.61
N GLU A 170 28.06 4.64 6.30
CA GLU A 170 29.37 5.00 5.75
C GLU A 170 30.19 3.77 5.36
N LEU A 171 30.21 2.77 6.23
CA LEU A 171 30.96 1.54 5.98
C LEU A 171 30.40 0.79 4.77
N LYS A 172 29.08 0.77 4.64
CA LYS A 172 28.41 0.17 3.49
C LYS A 172 28.68 0.97 2.21
N LYS A 173 28.82 2.28 2.35
CA LYS A 173 29.21 3.16 1.25
C LYS A 173 30.63 2.82 0.77
N ARG A 174 31.52 2.60 1.73
CA ARG A 174 32.91 2.25 1.45
C ARG A 174 33.09 0.77 1.10
N GLY A 175 32.00 0.00 1.21
CA GLY A 175 32.00 -1.43 0.90
C GLY A 175 32.83 -2.27 1.85
N ILE A 176 32.95 -1.83 3.09
CA ILE A 176 33.77 -2.52 4.09
C ILE A 176 32.98 -2.91 5.35
N ARG A 177 31.65 -2.85 5.28
CA ARG A 177 30.80 -3.21 6.42
C ARG A 177 30.94 -4.69 6.80
N TYR A 178 31.21 -5.55 5.82
CA TYR A 178 31.43 -6.97 6.08
C TYR A 178 32.74 -7.26 6.83
N LYS A 179 33.57 -6.24 6.98
CA LYS A 179 34.82 -6.35 7.73
C LYS A 179 34.72 -5.74 9.13
N VAL A 180 33.58 -5.08 9.42
CA VAL A 180 33.43 -4.33 10.67
C VAL A 180 32.27 -4.83 11.54
N PRO A 181 32.57 -5.68 12.53
CA PRO A 181 31.57 -6.04 13.53
C PRO A 181 31.12 -4.79 14.30
N MET A 182 29.82 -4.67 14.51
CA MET A 182 29.28 -3.54 15.25
C MET A 182 28.42 -4.01 16.40
N THR A 183 28.69 -3.43 17.57
CA THR A 183 27.97 -3.75 18.79
C THR A 183 27.57 -2.47 19.51
N PHE A 184 26.31 -2.42 19.92
CA PHE A 184 25.78 -1.28 20.65
C PHE A 184 25.60 -1.70 22.10
N ILE A 185 26.18 -0.95 23.03
CA ILE A 185 26.10 -1.29 24.46
C ILE A 185 25.53 -0.10 25.25
N THR A 186 24.41 -0.32 25.93
CA THR A 186 23.73 0.78 26.60
C THR A 186 23.29 0.50 28.04
N SER A 187 23.27 1.56 28.83
CA SER A 187 22.70 1.55 30.18
C SER A 187 21.17 1.47 30.17
N GLU A 188 20.55 1.84 29.05
CA GLU A 188 19.09 1.67 28.88
C GLU A 188 18.70 0.25 29.18
N PRO A 189 17.53 0.05 29.81
CA PRO A 189 17.05 -1.30 30.11
C PRO A 189 16.71 -2.06 28.83
N TYR A 190 16.41 -1.33 27.76
CA TYR A 190 16.17 -1.93 26.45
C TYR A 190 16.45 -0.89 25.38
N LEU A 191 16.60 -1.33 24.13
CA LEU A 191 16.86 -0.42 23.02
C LEU A 191 15.69 0.55 22.85
N GLY A 192 15.98 1.80 22.51
CA GLY A 192 14.93 2.77 22.26
C GLY A 192 14.15 3.18 23.49
N HIS A 193 14.77 3.01 24.67
CA HIS A 193 14.27 3.58 25.92
C HIS A 193 14.50 5.09 25.97
N PHE A 194 15.71 5.52 25.58
CA PHE A 194 16.07 6.94 25.43
C PHE A 194 16.07 7.77 26.72
N GLY A 195 15.97 7.12 27.88
CA GLY A 195 15.80 7.85 29.14
C GLY A 195 14.39 8.42 29.30
N VAL A 196 13.44 7.94 28.50
CA VAL A 196 12.05 8.41 28.58
C VAL A 196 11.01 7.29 28.69
N GLY A 197 11.48 6.05 28.89
CA GLY A 197 10.61 4.88 28.93
C GLY A 197 10.02 4.52 27.58
N GLY A 198 10.76 4.83 26.52
CA GLY A 198 10.31 4.55 25.17
C GLY A 198 9.36 5.61 24.62
N ILE A 199 9.25 5.66 23.30
CA ILE A 199 8.30 6.53 22.62
C ILE A 199 7.53 5.64 21.66
N GLY A 200 6.27 5.37 22.01
CA GLY A 200 5.46 4.40 21.27
C GLY A 200 6.23 3.09 21.19
N ALA A 201 6.24 2.48 20.01
CA ALA A 201 6.97 1.24 19.79
C ALA A 201 8.44 1.47 19.35
N SER A 202 9.13 2.39 20.02
CA SER A 202 10.54 2.69 19.71
C SER A 202 11.49 1.52 19.97
N LYS A 203 11.19 0.70 20.98
CA LYS A 203 12.00 -0.47 21.29
C LYS A 203 11.94 -1.47 20.14
N ARG A 204 10.71 -1.82 19.75
CA ARG A 204 10.44 -2.72 18.63
C ARG A 204 11.05 -2.19 17.33
N LEU A 205 10.94 -0.89 17.10
CA LEU A 205 11.49 -0.20 15.93
C LEU A 205 13.02 -0.28 15.86
N VAL A 206 13.69 0.07 16.96
CA VAL A 206 15.16 0.09 16.98
C VAL A 206 15.72 -1.33 16.95
N GLU A 207 15.07 -2.26 17.65
CA GLU A 207 15.46 -3.67 17.61
C GLU A 207 15.43 -4.22 16.19
N ASP A 208 14.33 -3.97 15.47
CA ASP A 208 14.19 -4.46 14.09
C ASP A 208 15.21 -3.81 13.17
N LEU A 209 15.49 -2.54 13.44
CA LEU A 209 16.44 -1.75 12.67
C LEU A 209 17.88 -2.24 12.86
N PHE A 210 18.26 -2.51 14.10
CA PHE A 210 19.58 -3.06 14.41
C PHE A 210 19.73 -4.47 13.79
N ALA A 211 18.67 -5.26 13.87
CA ALA A 211 18.64 -6.59 13.25
C ALA A 211 18.78 -6.52 11.72
N GLU A 212 18.02 -5.63 11.09
CA GLU A 212 18.07 -5.46 9.62
C GLU A 212 19.45 -5.01 9.13
N ARG A 213 20.18 -4.29 9.98
CA ARG A 213 21.49 -3.75 9.59
C ARG A 213 22.66 -4.43 10.30
N ASN A 214 22.37 -5.56 10.94
CA ASN A 214 23.39 -6.39 11.61
C ASN A 214 24.20 -5.61 12.65
N ILE A 215 23.49 -4.92 13.54
CA ILE A 215 24.13 -4.25 14.68
C ILE A 215 23.78 -5.05 15.91
N ASP A 216 24.77 -5.72 16.47
CA ASP A 216 24.59 -6.49 17.68
C ASP A 216 24.45 -5.55 18.86
N TRP A 217 23.81 -6.00 19.93
CA TRP A 217 23.56 -5.11 21.04
C TRP A 217 23.46 -5.79 22.38
N ILE A 218 23.79 -5.03 23.42
CA ILE A 218 23.72 -5.45 24.80
C ILE A 218 23.13 -4.28 25.56
N ALA A 219 21.98 -4.50 26.18
CA ALA A 219 21.30 -3.47 26.95
C ALA A 219 21.31 -3.83 28.43
N ASN A 220 20.98 -2.86 29.27
CA ASN A 220 20.82 -3.08 30.71
C ASN A 220 22.12 -3.49 31.41
N VAL A 221 23.23 -2.92 30.94
CA VAL A 221 24.53 -3.21 31.53
C VAL A 221 25.28 -1.92 31.81
N ALA A 222 26.29 -1.99 32.66
CA ALA A 222 27.06 -0.83 33.07
C ALA A 222 28.46 -0.94 32.49
N VAL A 223 28.75 -0.12 31.49
CA VAL A 223 30.10 -0.01 30.93
C VAL A 223 31.01 0.54 32.03
N LYS A 224 32.06 -0.22 32.34
CA LYS A 224 32.96 0.10 33.46
C LYS A 224 34.31 0.63 32.99
N ALA A 225 34.73 0.17 31.81
CA ALA A 225 36.05 0.50 31.30
C ALA A 225 36.10 0.41 29.78
N ILE A 226 36.83 1.34 29.20
CA ILE A 226 37.17 1.29 27.80
C ILE A 226 38.69 1.28 27.71
N GLU A 227 39.22 0.18 27.20
CA GLU A 227 40.65 0.02 26.99
C GLU A 227 40.92 0.21 25.49
N PRO A 228 42.20 0.35 25.10
CA PRO A 228 42.46 0.48 23.65
C PRO A 228 42.02 -0.76 22.87
N ASP A 229 41.83 -1.86 23.60
CA ASP A 229 41.69 -3.21 23.07
C ASP A 229 40.25 -3.71 23.15
N LYS A 230 39.48 -3.16 24.08
CA LYS A 230 38.21 -3.76 24.48
C LYS A 230 37.35 -2.86 25.36
N VAL A 231 36.07 -3.21 25.46
CA VAL A 231 35.15 -2.59 26.40
C VAL A 231 34.79 -3.62 27.46
N ILE A 232 34.85 -3.18 28.71
CA ILE A 232 34.47 -4.01 29.85
C ILE A 232 33.16 -3.49 30.45
N TYR A 233 32.18 -4.37 30.55
CA TYR A 233 30.89 -4.01 31.14
C TYR A 233 30.51 -4.99 32.24
N GLU A 234 29.62 -4.54 33.12
CA GLU A 234 29.14 -5.34 34.24
C GLU A 234 27.64 -5.53 34.08
N ASP A 235 27.16 -6.77 34.18
CA ASP A 235 25.72 -7.00 34.19
C ASP A 235 25.12 -6.75 35.58
N LEU A 236 23.82 -6.95 35.70
CA LEU A 236 23.10 -6.70 36.96
C LEU A 236 23.36 -7.74 38.04
N ASN A 237 23.95 -8.87 37.65
CA ASN A 237 24.40 -9.89 38.60
C ASN A 237 25.79 -9.56 39.16
N GLY A 238 26.39 -8.47 38.67
CA GLY A 238 27.71 -8.05 39.12
C GLY A 238 28.85 -8.72 38.38
N ASN A 239 28.52 -9.57 37.43
CA ASN A 239 29.51 -10.28 36.61
C ASN A 239 30.06 -9.38 35.51
N THR A 240 31.38 -9.36 35.37
CA THR A 240 32.06 -8.56 34.37
C THR A 240 32.21 -9.32 33.06
N HIS A 241 32.04 -8.60 31.96
CA HIS A 241 32.15 -9.17 30.63
C HIS A 241 33.04 -8.27 29.75
N GLU A 242 33.50 -8.85 28.65
CA GLU A 242 34.51 -8.25 27.83
C GLU A 242 34.08 -8.38 26.37
N VAL A 243 34.22 -7.30 25.62
CA VAL A 243 33.92 -7.32 24.19
C VAL A 243 35.08 -6.62 23.46
N PRO A 244 35.59 -7.24 22.37
CA PRO A 244 36.71 -6.66 21.63
C PRO A 244 36.32 -5.40 20.85
N ALA A 245 37.23 -4.43 20.80
CA ALA A 245 36.96 -3.15 20.15
C ALA A 245 38.22 -2.48 19.64
N LYS A 246 38.21 -2.10 18.36
CA LYS A 246 39.29 -1.31 17.77
C LYS A 246 38.91 0.17 17.75
N PHE A 247 37.62 0.44 17.59
CA PHE A 247 37.10 1.80 17.66
C PHE A 247 35.87 1.83 18.55
N THR A 248 35.80 2.82 19.44
CA THR A 248 34.61 3.04 20.25
C THR A 248 34.14 4.50 20.22
N MET A 249 32.84 4.68 20.47
CA MET A 249 32.27 5.99 20.67
C MET A 249 31.23 5.83 21.76
N PHE A 250 31.51 6.43 22.92
CA PHE A 250 30.57 6.40 24.02
C PHE A 250 30.09 7.79 24.43
N MET A 251 28.82 7.84 24.82
CA MET A 251 28.25 9.04 25.43
C MET A 251 28.76 9.16 26.86
N PRO A 252 29.16 10.37 27.26
CA PRO A 252 29.42 10.65 28.66
C PRO A 252 28.12 10.98 29.39
N SER A 253 28.15 10.89 30.72
CA SER A 253 27.03 11.38 31.52
C SER A 253 27.21 12.89 31.73
N PHE A 254 26.17 13.56 32.22
CA PHE A 254 26.23 15.01 32.38
C PHE A 254 26.19 15.41 33.84
N GLN A 255 26.93 16.45 34.19
CA GLN A 255 26.76 17.12 35.47
C GLN A 255 26.62 18.62 35.20
N GLY A 256 26.36 19.39 36.24
CA GLY A 256 26.37 20.84 36.14
C GLY A 256 27.77 21.39 36.31
N PRO A 257 27.96 22.67 35.99
CA PRO A 257 29.27 23.29 36.01
C PRO A 257 29.61 23.87 37.38
N GLU A 258 30.87 24.28 37.53
CA GLU A 258 31.34 24.88 38.77
C GLU A 258 30.73 26.25 39.02
N VAL A 259 30.39 26.98 37.96
CA VAL A 259 29.72 28.28 38.10
C VAL A 259 28.38 28.13 38.82
N VAL A 260 27.65 27.05 38.53
CA VAL A 260 26.39 26.77 39.23
C VAL A 260 26.68 26.38 40.69
N ALA A 261 27.61 25.44 40.88
CA ALA A 261 28.06 25.04 42.22
C ALA A 261 28.46 26.22 43.12
N SER A 262 29.00 27.27 42.51
CA SER A 262 29.43 28.46 43.24
C SER A 262 28.29 29.25 43.90
N ALA A 263 27.06 29.08 43.42
CA ALA A 263 25.89 29.79 43.94
C ALA A 263 25.29 29.14 45.21
N GLY A 264 25.82 27.99 45.59
CA GLY A 264 25.41 27.32 46.82
C GLY A 264 24.30 26.31 46.60
N ASP A 265 23.93 25.61 47.67
CA ASP A 265 23.05 24.43 47.58
C ASP A 265 21.56 24.73 47.39
N LYS A 266 21.18 26.02 47.41
CA LYS A 266 19.83 26.44 47.03
C LYS A 266 19.69 26.59 45.51
N VAL A 267 20.82 26.70 44.83
CA VAL A 267 20.86 26.87 43.37
C VAL A 267 21.41 25.62 42.67
N ALA A 268 22.50 25.08 43.22
CA ALA A 268 23.13 23.87 42.67
C ALA A 268 22.59 22.62 43.35
N ASN A 269 21.95 21.74 42.57
CA ASN A 269 21.52 20.43 43.04
C ASN A 269 22.71 19.64 43.60
N PRO A 270 22.62 19.17 44.86
CA PRO A 270 23.76 18.48 45.49
C PRO A 270 24.30 17.30 44.69
N ALA A 271 23.39 16.48 44.15
CA ALA A 271 23.72 15.25 43.46
C ALA A 271 24.46 15.41 42.14
N ASN A 272 24.18 16.50 41.42
CA ASN A 272 24.70 16.66 40.05
C ASN A 272 25.19 18.06 39.66
N LYS A 273 25.02 19.04 40.54
CA LYS A 273 25.43 20.43 40.30
C LYS A 273 24.60 21.13 39.21
N MET A 274 23.46 20.55 38.86
CA MET A 274 22.56 21.16 37.91
C MET A 274 21.65 22.17 38.62
N VAL A 275 21.03 23.05 37.84
CA VAL A 275 20.23 24.14 38.40
C VAL A 275 18.89 23.66 38.97
N ILE A 276 18.68 23.94 40.26
CA ILE A 276 17.40 23.65 40.89
C ILE A 276 16.36 24.62 40.34
N VAL A 277 15.34 24.06 39.69
CA VAL A 277 14.26 24.87 39.13
C VAL A 277 12.92 24.30 39.53
N ASN A 278 11.88 25.14 39.48
CA ASN A 278 10.51 24.69 39.66
C ASN A 278 9.84 24.47 38.29
N ARG A 279 8.51 24.35 38.27
CA ARG A 279 7.76 24.10 37.03
C ARG A 279 7.93 25.21 36.00
N CYS A 280 8.22 26.42 36.49
CA CYS A 280 8.32 27.62 35.66
C CYS A 280 9.79 27.92 35.34
N PHE A 281 10.65 26.93 35.61
CA PHE A 281 12.09 26.99 35.35
C PHE A 281 12.80 28.15 36.05
N GLN A 282 12.23 28.48 37.20
CA GLN A 282 12.74 29.49 38.09
C GLN A 282 13.30 28.79 39.33
N ASN A 283 14.41 29.30 39.85
CA ASN A 283 14.93 28.80 41.12
C ASN A 283 13.94 29.12 42.24
N PRO A 284 13.62 28.13 43.10
CA PRO A 284 12.68 28.32 44.20
C PRO A 284 13.10 29.35 45.25
N THR A 285 14.41 29.53 45.46
CA THR A 285 14.91 30.40 46.52
C THR A 285 15.20 31.82 45.99
N TYR A 286 15.93 31.89 44.88
CA TYR A 286 16.24 33.17 44.25
C TYR A 286 15.37 33.30 43.01
N LYS A 287 14.30 34.08 43.15
CA LYS A 287 13.22 34.14 42.16
C LYS A 287 13.63 34.84 40.87
N ASN A 288 14.78 35.52 40.89
CA ASN A 288 15.33 36.19 39.71
C ASN A 288 16.37 35.35 38.96
N ILE A 289 16.53 34.09 39.38
CA ILE A 289 17.40 33.14 38.70
C ILE A 289 16.55 32.07 38.00
N PHE A 290 16.85 31.85 36.72
CA PHE A 290 16.15 30.89 35.89
C PHE A 290 17.18 29.95 35.27
N GLY A 291 16.77 28.72 34.99
CA GLY A 291 17.64 27.78 34.29
C GLY A 291 16.98 27.36 32.99
N VAL A 292 17.77 27.25 31.92
CA VAL A 292 17.25 26.83 30.62
C VAL A 292 18.23 25.82 30.02
N GLY A 293 17.70 24.70 29.53
CA GLY A 293 18.53 23.72 28.84
C GLY A 293 18.93 22.52 29.64
N VAL A 294 20.02 21.87 29.19
CA VAL A 294 20.52 20.62 29.77
C VAL A 294 20.99 20.81 31.21
N VAL A 295 21.42 22.03 31.53
CA VAL A 295 21.94 22.34 32.85
C VAL A 295 20.86 22.30 33.95
N THR A 296 19.59 22.23 33.56
CA THR A 296 18.48 22.20 34.53
C THR A 296 18.32 20.82 35.17
N ALA A 297 18.10 20.82 36.49
CA ALA A 297 17.90 19.56 37.21
C ALA A 297 16.45 19.09 37.05
N ILE A 298 16.27 18.05 36.22
CA ILE A 298 14.95 17.46 36.03
C ILE A 298 15.06 16.00 36.48
N PRO A 299 14.17 15.57 37.39
CA PRO A 299 14.23 14.19 37.89
C PRO A 299 14.04 13.18 36.75
N PRO A 300 14.59 11.96 36.89
CA PRO A 300 14.43 10.98 35.81
C PRO A 300 12.98 10.51 35.65
N ILE A 301 12.61 10.16 34.41
CA ILE A 301 11.25 9.66 34.14
C ILE A 301 11.03 8.30 34.79
N GLU A 302 12.09 7.51 34.88
CA GLU A 302 12.06 6.27 35.67
C GLU A 302 13.43 5.87 36.18
N LYS A 303 13.44 5.26 37.36
CA LYS A 303 14.65 4.68 37.94
C LYS A 303 14.87 3.33 37.27
N THR A 304 15.82 3.30 36.34
CA THR A 304 16.11 2.08 35.58
C THR A 304 17.14 1.24 36.34
N PRO A 305 17.22 -0.09 36.07
CA PRO A 305 18.17 -0.94 36.80
C PRO A 305 19.62 -0.44 36.71
N ILE A 306 20.03 0.00 35.53
CA ILE A 306 21.27 0.76 35.38
C ILE A 306 20.83 2.23 35.28
N PRO A 307 21.35 3.10 36.17
CA PRO A 307 20.84 4.47 36.22
C PRO A 307 20.94 5.20 34.87
N THR A 308 19.84 5.86 34.51
CA THR A 308 19.78 6.72 33.33
C THR A 308 19.04 8.01 33.68
N GLY A 309 19.21 9.04 32.87
CA GLY A 309 18.56 10.33 33.11
C GLY A 309 17.73 10.78 31.93
N VAL A 310 17.05 11.91 32.11
CA VAL A 310 16.11 12.43 31.12
C VAL A 310 16.84 13.35 30.13
N PRO A 311 16.62 13.14 28.82
CA PRO A 311 17.12 14.08 27.82
C PRO A 311 16.40 15.42 27.88
N LYS A 312 17.16 16.48 27.59
CA LYS A 312 16.59 17.80 27.35
C LYS A 312 16.86 18.08 25.88
N THR A 313 15.84 17.86 25.06
CA THR A 313 15.96 17.98 23.61
C THR A 313 15.78 19.43 23.18
N GLY A 314 16.09 19.70 21.92
CA GLY A 314 15.99 21.05 21.34
C GLY A 314 14.63 21.70 21.53
N MET A 315 13.56 20.97 21.19
CA MET A 315 12.20 21.50 21.34
C MET A 315 11.83 21.79 22.80
N MET A 316 12.20 20.90 23.72
CA MET A 316 11.97 21.11 25.15
C MET A 316 12.63 22.41 25.64
N ILE A 317 13.87 22.62 25.19
CA ILE A 317 14.68 23.76 25.58
C ILE A 317 14.17 25.08 24.99
N GLU A 318 13.72 25.06 23.74
CA GLU A 318 13.08 26.22 23.13
C GLU A 318 11.84 26.62 23.91
N GLN A 319 11.08 25.62 24.36
CA GLN A 319 9.91 25.84 25.20
C GLN A 319 10.27 26.39 26.59
N MET A 320 11.33 25.85 27.20
CA MET A 320 11.89 26.42 28.45
C MET A 320 12.24 27.87 28.24
N ALA A 321 12.93 28.16 27.14
CA ALA A 321 13.34 29.52 26.79
C ALA A 321 12.17 30.48 26.63
N MET A 322 11.10 30.05 25.95
CA MET A 322 9.89 30.87 25.78
C MET A 322 9.26 31.18 27.13
N ALA A 323 9.10 30.13 27.94
CA ALA A 323 8.51 30.27 29.28
C ALA A 323 9.32 31.20 30.16
N VAL A 324 10.65 31.03 30.17
CA VAL A 324 11.53 31.84 31.02
C VAL A 324 11.51 33.32 30.62
N ALA A 325 11.58 33.57 29.32
CA ALA A 325 11.48 34.93 28.78
C ALA A 325 10.17 35.63 29.17
N HIS A 326 9.04 34.92 29.05
CA HIS A 326 7.75 35.47 29.47
C HIS A 326 7.67 35.72 30.97
N ASN A 327 8.22 34.78 31.73
CA ASN A 327 8.28 34.88 33.18
C ASN A 327 9.07 36.09 33.67
N ILE A 328 10.22 36.33 33.04
CA ILE A 328 11.06 37.49 33.34
C ILE A 328 10.38 38.82 32.99
N VAL A 329 9.84 38.87 31.78
CA VAL A 329 9.14 40.04 31.27
C VAL A 329 7.93 40.38 32.15
N ASN A 330 7.15 39.36 32.50
CA ASN A 330 5.98 39.54 33.35
C ASN A 330 6.31 39.97 34.78
N ASP A 331 7.47 39.54 35.28
CA ASP A 331 7.92 40.03 36.59
C ASP A 331 8.23 41.52 36.52
N ILE A 332 8.99 41.92 35.50
CA ILE A 332 9.33 43.32 35.25
C ILE A 332 8.08 44.21 35.17
N ARG A 333 7.06 43.71 34.48
CA ARG A 333 5.85 44.48 34.21
C ARG A 333 4.76 44.33 35.28
N ASN A 334 5.10 43.66 36.38
CA ASN A 334 4.14 43.33 37.45
C ASN A 334 2.90 42.62 36.92
N ASN A 335 3.14 41.66 36.03
CA ASN A 335 2.11 40.75 35.55
C ASN A 335 2.27 39.41 36.28
N PRO A 336 1.26 39.01 37.08
CA PRO A 336 1.35 37.80 37.90
C PRO A 336 1.21 36.47 37.12
N ASP A 337 0.94 36.55 35.81
CA ASP A 337 0.89 35.36 34.96
C ASP A 337 2.28 34.71 34.87
N LYS A 338 2.32 33.41 35.11
CA LYS A 338 3.57 32.64 34.98
C LYS A 338 3.35 31.41 34.13
N TYR A 339 4.39 31.04 33.36
CA TYR A 339 4.29 29.97 32.38
C TYR A 339 5.22 28.80 32.67
N ALA A 340 4.71 27.61 32.39
CA ALA A 340 5.50 26.39 32.36
C ALA A 340 5.62 25.93 30.91
N PRO A 341 6.80 25.40 30.51
CA PRO A 341 6.93 24.83 29.18
C PRO A 341 6.16 23.51 29.08
N ARG A 342 5.61 23.23 27.91
CA ARG A 342 4.97 21.97 27.65
C ARG A 342 5.95 20.81 27.83
N LEU A 343 7.19 21.04 27.41
CA LEU A 343 8.25 20.02 27.35
C LEU A 343 7.84 18.82 26.49
N SER A 344 7.35 19.11 25.28
CA SER A 344 7.16 18.07 24.28
C SER A 344 8.44 17.99 23.46
N ALA A 345 8.59 16.93 22.64
CA ALA A 345 9.79 16.79 21.83
C ALA A 345 9.51 16.17 20.47
N ILE A 346 10.01 16.84 19.41
CA ILE A 346 10.18 16.22 18.09
C ILE A 346 11.64 15.85 17.98
N ILE A 348 14.45 13.68 15.69
CA ILE A 348 14.77 12.95 14.49
C ILE A 348 16.16 12.35 14.60
N ALA A 349 16.23 11.03 14.60
CA ALA A 349 17.51 10.34 14.64
C ALA A 349 17.90 10.02 13.21
N ASP A 350 18.90 10.73 12.71
CA ASP A 350 19.38 10.61 11.34
C ASP A 350 20.23 9.33 11.23
N PHE A 351 19.90 8.47 10.28
CA PHE A 351 20.60 7.19 10.14
C PHE A 351 21.53 7.16 8.93
N GLY A 352 21.60 8.29 8.22
CA GLY A 352 22.41 8.41 7.01
C GLY A 352 21.60 8.92 5.84
N GLU A 353 20.81 8.01 5.25
CA GLU A 353 19.96 8.30 4.10
C GLU A 353 18.48 8.24 4.50
N ASP A 354 18.21 7.65 5.65
CA ASP A 354 16.88 7.68 6.24
C ASP A 354 17.01 8.04 7.71
N ALA A 355 15.88 8.12 8.41
CA ALA A 355 15.88 8.61 9.77
C ALA A 355 14.66 8.17 10.54
N GLY A 356 14.81 8.14 11.87
CA GLY A 356 13.69 7.83 12.75
C GLY A 356 13.07 9.12 13.23
N PHE A 357 11.75 9.21 13.11
CA PHE A 357 11.00 10.35 13.60
C PHE A 357 10.28 9.94 14.88
N PHE A 358 10.58 10.65 15.97
CA PHE A 358 9.94 10.44 17.25
C PHE A 358 9.30 11.74 17.71
N PHE A 359 8.06 11.64 18.18
CA PHE A 359 7.36 12.77 18.76
C PHE A 359 6.68 12.27 20.04
N ALA A 360 6.93 12.98 21.14
CA ALA A 360 6.31 12.65 22.42
C ALA A 360 5.77 13.93 23.06
N ASP A 361 4.48 13.92 23.39
CA ASP A 361 3.80 15.10 23.94
C ASP A 361 2.95 14.78 25.18
N PRO A 362 3.43 15.18 26.37
CA PRO A 362 4.78 15.68 26.64
C PRO A 362 5.78 14.53 26.68
N VAL A 363 7.06 14.84 26.82
CA VAL A 363 8.09 13.81 26.93
C VAL A 363 7.90 13.03 28.25
N ILE A 364 7.65 13.77 29.33
CA ILE A 364 7.40 13.16 30.63
C ILE A 364 5.94 12.68 30.73
N PRO A 365 5.72 11.37 30.97
CA PRO A 365 4.37 10.82 31.07
C PRO A 365 3.58 11.36 32.25
N PRO A 366 2.23 11.28 32.23
CA PRO A 366 1.38 10.70 31.16
C PRO A 366 1.36 11.53 29.88
N ARG A 367 1.38 10.84 28.74
CA ARG A 367 1.44 11.51 27.45
C ARG A 367 0.06 11.63 26.81
N GLU A 368 -0.15 12.74 26.10
CA GLU A 368 -1.35 12.92 25.29
C GLU A 368 -1.21 12.13 23.98
N ARG A 369 -0.02 12.16 23.39
CA ARG A 369 0.24 11.38 22.17
C ARG A 369 1.72 11.18 21.86
N VAL A 370 1.98 10.19 21.03
CA VAL A 370 3.30 9.97 20.46
C VAL A 370 3.16 9.69 18.97
N ILE A 371 4.25 9.94 18.23
CA ILE A 371 4.36 9.49 16.83
C ILE A 371 5.73 8.85 16.66
N THR A 372 5.76 7.64 16.10
CA THR A 372 7.00 6.94 15.81
C THR A 372 6.99 6.47 14.36
N LYS A 373 7.88 7.07 13.57
CA LYS A 373 7.91 6.82 12.14
C LYS A 373 9.34 6.76 11.67
N MET A 374 9.53 6.19 10.48
CA MET A 374 10.84 6.05 9.91
C MET A 374 10.72 6.10 8.40
N GLY A 375 11.66 6.77 7.75
CA GLY A 375 11.67 6.92 6.30
C GLY A 375 12.76 7.86 5.84
N LYS A 376 12.98 7.89 4.53
CA LYS A 376 13.93 8.81 3.92
C LYS A 376 13.55 10.26 4.18
N TRP A 377 12.25 10.54 4.14
CA TRP A 377 11.71 11.89 4.34
C TRP A 377 12.23 12.55 5.62
N ALA A 378 12.37 11.77 6.69
CA ALA A 378 12.80 12.28 7.98
C ALA A 378 14.25 12.76 7.96
N HIS A 379 15.07 12.15 7.11
CA HIS A 379 16.45 12.58 6.93
C HIS A 379 16.51 13.95 6.26
N TYR A 380 15.66 14.15 5.26
CA TYR A 380 15.61 15.43 4.56
C TYR A 380 15.07 16.54 5.44
N PHE A 381 14.11 16.20 6.30
CA PHE A 381 13.62 17.17 7.28
C PHE A 381 14.68 17.57 8.31
N LYS A 382 15.49 16.60 8.75
CA LYS A 382 16.61 16.86 9.66
C LYS A 382 17.59 17.88 9.05
N THR A 383 17.98 17.65 7.80
CA THR A 383 18.87 18.56 7.08
C THR A 383 18.22 19.94 6.92
N ALA A 384 16.94 19.95 6.53
CA ALA A 384 16.19 21.20 6.37
C ALA A 384 16.10 21.97 7.68
N PHE A 385 15.82 21.27 8.78
CA PHE A 385 15.74 21.91 10.09
C PHE A 385 17.08 22.55 10.53
N GLU A 386 18.18 21.87 10.25
CA GLU A 386 19.53 22.39 10.48
C GLU A 386 19.71 23.76 9.81
N LYS A 387 19.40 23.84 8.51
CA LYS A 387 19.51 25.11 7.76
C LYS A 387 18.60 26.19 8.37
N TYR A 388 17.38 25.78 8.71
CA TYR A 388 16.38 26.68 9.31
C TYR A 388 16.80 27.22 10.68
N PHE A 389 17.29 26.36 11.57
CA PHE A 389 17.71 26.83 12.89
C PHE A 389 18.90 27.79 12.83
N LEU A 390 19.91 27.45 12.03
CA LEU A 390 21.07 28.32 11.86
C LEU A 390 20.67 29.68 11.31
N TRP A 391 19.72 29.68 10.37
CA TRP A 391 19.16 30.93 9.87
C TRP A 391 18.57 31.76 11.02
N LYS A 392 17.79 31.11 11.89
CA LYS A 392 17.15 31.77 13.02
C LYS A 392 18.15 32.41 13.98
N VAL A 393 19.26 31.72 14.23
CA VAL A 393 20.36 32.27 15.03
C VAL A 393 20.91 33.55 14.38
N ARG A 394 21.11 33.49 13.08
CA ARG A 394 21.68 34.60 12.32
C ARG A 394 20.72 35.77 12.11
N ASN A 395 19.43 35.53 12.30
CA ASN A 395 18.42 36.54 12.01
C ASN A 395 17.63 37.07 13.21
N GLY A 396 17.98 36.60 14.42
CA GLY A 396 17.55 37.25 15.65
C GLY A 396 16.19 36.87 16.18
N ASN A 397 15.65 35.75 15.72
CA ASN A 397 14.37 35.27 16.19
C ASN A 397 14.34 33.74 16.20
N ILE A 398 14.41 33.17 17.40
CA ILE A 398 14.39 31.70 17.56
C ILE A 398 12.94 31.20 17.62
N ALA A 399 12.00 32.12 17.82
CA ALA A 399 10.59 31.75 17.93
C ALA A 399 9.68 32.59 17.01
N PRO A 400 9.85 32.47 15.68
CA PRO A 400 8.98 33.20 14.77
C PRO A 400 7.52 32.75 14.96
N SER A 401 6.58 33.70 14.94
CA SER A 401 5.18 33.40 15.20
C SER A 401 4.60 32.26 14.33
N PHE A 402 5.04 32.18 13.07
CA PHE A 402 4.55 31.14 12.14
C PHE A 402 4.93 29.72 12.57
N GLU A 403 6.09 29.57 13.19
CA GLU A 403 6.56 28.25 13.61
C GLU A 403 5.62 27.64 14.64
N GLU A 404 5.24 28.43 15.64
CA GLU A 404 4.23 28.00 16.64
C GLU A 404 2.91 27.63 15.96
N LYS A 405 2.47 28.44 15.00
CA LYS A 405 1.23 28.13 14.27
C LYS A 405 1.34 26.81 13.51
N VAL A 406 2.45 26.62 12.80
CA VAL A 406 2.68 25.40 12.01
C VAL A 406 2.77 24.14 12.87
N LEU A 407 3.45 24.24 14.01
CA LEU A 407 3.52 23.15 14.98
C LEU A 407 2.14 22.81 15.55
N GLU A 408 1.32 23.85 15.75
CA GLU A 408 -0.06 23.66 16.20
C GLU A 408 -0.87 22.90 15.14
N ILE A 409 -0.72 23.31 13.88
CA ILE A 409 -1.46 22.69 12.76
C ILE A 409 -1.09 21.21 12.57
N PHE A 410 0.20 20.91 12.57
CA PHE A 410 0.69 19.58 12.25
C PHE A 410 0.74 18.59 13.42
N LEU A 411 1.06 19.07 14.62
CA LEU A 411 1.26 18.20 15.77
C LEU A 411 0.43 18.57 17.01
N LYS A 412 -0.45 19.57 16.89
CA LYS A 412 -1.31 20.02 17.98
C LYS A 412 -0.53 20.46 19.22
N VAL A 413 0.68 20.99 19.03
CA VAL A 413 1.53 21.43 20.13
C VAL A 413 1.33 22.91 20.47
N HIS A 414 1.22 23.18 21.77
CA HIS A 414 1.28 24.52 22.32
C HIS A 414 2.52 24.51 23.20
N PRO A 415 3.47 25.43 22.95
CA PRO A 415 4.79 25.33 23.60
C PRO A 415 4.83 25.65 25.10
N ILE A 416 3.96 26.56 25.55
CA ILE A 416 3.93 26.97 26.95
C ILE A 416 2.50 27.05 27.45
N GLU A 417 2.32 26.93 28.75
CA GLU A 417 0.99 27.00 29.35
C GLU A 417 1.02 27.83 30.63
N LEU A 418 -0.07 28.55 30.88
CA LEU A 418 -0.23 29.26 32.15
C LEU A 418 -0.11 28.26 33.30
N CYS A 419 0.68 28.63 34.29
CA CYS A 419 0.90 27.77 35.44
C CYS A 419 0.38 28.46 36.69
N LYS A 420 -0.69 27.88 37.25
CA LYS A 420 -1.36 28.43 38.42
C LYS A 420 -0.55 28.22 39.70
N ASP A 421 0.42 27.31 39.65
CA ASP A 421 1.30 27.04 40.79
C ASP A 421 2.65 26.52 40.30
N CYS A 422 3.64 27.40 40.34
CA CYS A 422 4.99 27.09 39.88
C CYS A 422 5.73 26.10 40.78
N GLU A 423 5.30 26.00 42.05
CA GLU A 423 5.97 25.17 43.05
C GLU A 423 5.79 23.67 42.77
N GLY A 424 6.91 23.00 42.52
CA GLY A 424 6.93 21.58 42.19
C GLY A 424 8.06 21.31 41.21
N ALA A 425 8.29 20.02 40.92
CA ALA A 425 9.36 19.60 40.04
C ALA A 425 9.14 20.08 38.60
N PRO A 426 10.23 20.43 37.89
CA PRO A 426 10.09 20.74 36.47
C PRO A 426 9.50 19.52 35.76
N GLY A 427 8.54 19.75 34.87
CA GLY A 427 7.87 18.65 34.17
C GLY A 427 6.60 18.15 34.85
N SER A 428 6.46 18.40 36.16
CA SER A 428 5.23 18.03 36.87
C SER A 428 4.12 19.03 36.53
N ARG A 429 2.89 18.54 36.54
CA ARG A 429 1.74 19.30 36.02
C ARG A 429 1.16 20.26 37.05
N CYS A 430 1.01 21.53 36.64
CA CYS A 430 0.57 22.62 37.52
C CYS A 430 -0.83 22.38 38.08
N ALA B 2 23.01 58.27 -2.69
CA ALA B 2 22.59 56.87 -2.94
C ALA B 2 21.55 56.81 -4.06
N LYS B 3 21.54 55.70 -4.79
CA LYS B 3 20.61 55.50 -5.90
C LYS B 3 19.18 55.28 -5.40
N HIS B 4 18.21 55.48 -6.29
CA HIS B 4 16.81 55.44 -5.89
C HIS B 4 15.97 54.56 -6.83
N VAL B 5 15.38 53.52 -6.27
CA VAL B 5 14.47 52.64 -6.98
C VAL B 5 13.05 52.91 -6.49
N VAL B 6 12.12 53.09 -7.42
CA VAL B 6 10.72 53.07 -7.02
C VAL B 6 10.07 51.78 -7.50
N VAL B 7 9.24 51.23 -6.63
CA VAL B 7 8.49 50.02 -6.89
C VAL B 7 7.02 50.41 -6.95
N ILE B 8 6.36 50.11 -8.06
CA ILE B 8 4.92 50.31 -8.17
C ILE B 8 4.18 49.00 -7.87
N GLY B 9 3.48 48.99 -6.74
CA GLY B 9 2.66 47.84 -6.35
C GLY B 9 3.08 47.27 -5.00
N GLY B 10 2.13 47.21 -4.07
CA GLY B 10 2.39 46.66 -2.75
C GLY B 10 1.88 45.25 -2.62
N GLY B 11 2.13 44.43 -3.64
CA GLY B 11 1.70 43.03 -3.62
C GLY B 11 2.88 42.08 -3.53
N VAL B 12 2.69 40.84 -3.98
CA VAL B 12 3.74 39.81 -3.86
C VAL B 12 5.01 40.25 -4.58
N GLY B 13 4.88 40.72 -5.82
CA GLY B 13 6.02 41.14 -6.61
C GLY B 13 6.71 42.37 -6.07
N GLY B 14 5.92 43.39 -5.75
CA GLY B 14 6.45 44.65 -5.25
C GLY B 14 7.19 44.50 -3.94
N ILE B 15 6.55 43.83 -2.98
CA ILE B 15 7.14 43.61 -1.65
C ILE B 15 8.40 42.73 -1.75
N ALA B 16 8.29 41.63 -2.49
CA ALA B 16 9.41 40.73 -2.67
C ALA B 16 10.62 41.48 -3.25
N THR B 17 10.37 42.30 -4.28
CA THR B 17 11.46 43.04 -4.91
C THR B 17 12.04 44.08 -3.96
N ALA B 18 11.16 44.85 -3.30
CA ALA B 18 11.60 45.88 -2.36
C ALA B 18 12.45 45.31 -1.22
N TYR B 19 11.99 44.18 -0.66
CA TYR B 19 12.69 43.54 0.47
C TYR B 19 14.01 42.93 0.03
N ASN B 20 14.02 42.29 -1.13
CA ASN B 20 15.25 41.75 -1.69
C ASN B 20 16.29 42.86 -1.91
N LEU B 21 15.84 43.97 -2.52
CA LEU B 21 16.69 45.13 -2.74
C LEU B 21 17.24 45.70 -1.44
N ARG B 22 16.36 45.89 -0.45
CA ARG B 22 16.76 46.38 0.87
C ARG B 22 17.81 45.49 1.56
N ASN B 23 17.62 44.18 1.48
CA ASN B 23 18.54 43.24 2.13
C ASN B 23 19.87 43.13 1.38
N LEU B 24 19.83 43.33 0.07
CA LEU B 24 21.04 43.34 -0.76
C LEU B 24 21.84 44.63 -0.58
N MET B 25 21.14 45.74 -0.36
CA MET B 25 21.76 47.05 -0.35
C MET B 25 21.08 47.97 0.69
N PRO B 26 21.62 48.00 1.92
CA PRO B 26 21.10 48.82 3.02
C PRO B 26 21.01 50.33 2.72
N ASP B 27 21.97 50.89 1.98
CA ASP B 27 22.01 52.33 1.72
C ASP B 27 21.12 52.81 0.56
N LEU B 28 20.68 51.89 -0.28
CA LEU B 28 19.77 52.15 -1.40
C LEU B 28 18.48 52.83 -0.95
N LYS B 29 18.07 53.90 -1.64
CA LYS B 29 16.76 54.50 -1.40
C LYS B 29 15.67 53.70 -2.12
N ILE B 30 14.60 53.36 -1.40
CA ILE B 30 13.50 52.56 -1.95
C ILE B 30 12.17 53.19 -1.60
N THR B 31 11.38 53.48 -2.63
CA THR B 31 10.05 54.03 -2.48
C THR B 31 9.08 53.04 -3.08
N LEU B 32 8.08 52.63 -2.30
CA LEU B 32 7.03 51.76 -2.81
C LEU B 32 5.73 52.54 -2.90
N ILE B 33 5.15 52.55 -4.11
CA ILE B 33 3.89 53.26 -4.37
C ILE B 33 2.79 52.22 -4.58
N SER B 34 1.74 52.29 -3.78
CA SER B 34 0.62 51.37 -3.95
C SER B 34 -0.78 51.93 -3.68
N ASP B 35 -1.66 51.61 -4.62
CA ASP B 35 -3.12 51.64 -4.53
C ASP B 35 -3.71 51.38 -3.16
N ARG B 36 -3.39 50.20 -2.63
CA ARG B 36 -4.01 49.68 -1.43
C ARG B 36 -3.12 49.94 -0.23
N PRO B 37 -3.72 50.22 0.94
CA PRO B 37 -2.95 50.50 2.15
C PRO B 37 -2.34 49.24 2.77
N TYR B 38 -2.71 48.07 2.24
CA TYR B 38 -2.31 46.78 2.79
C TYR B 38 -1.62 45.88 1.76
N PHE B 39 -0.79 44.96 2.24
CA PHE B 39 -0.45 43.78 1.46
C PHE B 39 -1.54 42.73 1.66
N GLY B 40 -2.02 42.15 0.57
CA GLY B 40 -3.07 41.13 0.64
C GLY B 40 -2.55 39.78 0.18
N PHE B 41 -2.72 38.76 1.03
CA PHE B 41 -2.24 37.44 0.69
C PHE B 41 -3.22 36.74 -0.25
N THR B 42 -3.02 36.98 -1.54
CA THR B 42 -3.90 36.50 -2.61
C THR B 42 -4.27 35.01 -2.56
N PRO B 43 -3.31 34.10 -2.26
CA PRO B 43 -3.73 32.70 -2.20
C PRO B 43 -4.79 32.36 -1.16
N ALA B 44 -5.14 33.32 -0.29
CA ALA B 44 -6.22 33.10 0.69
C ALA B 44 -7.55 33.78 0.30
N PHE B 45 -7.59 34.41 -0.88
CA PHE B 45 -8.81 35.08 -1.35
C PHE B 45 -9.98 34.12 -1.65
N PRO B 46 -9.69 32.91 -2.18
CA PRO B 46 -10.78 31.93 -2.29
C PRO B 46 -11.35 31.57 -0.93
N HIS B 47 -10.47 31.46 0.08
CA HIS B 47 -10.86 31.14 1.44
C HIS B 47 -11.67 32.29 2.05
N LEU B 48 -11.25 33.52 1.75
CA LEU B 48 -11.99 34.71 2.16
C LEU B 48 -13.39 34.74 1.55
N ALA B 49 -13.50 34.40 0.26
CA ALA B 49 -14.79 34.35 -0.43
C ALA B 49 -15.71 33.29 0.21
N MET B 50 -15.11 32.21 0.69
CA MET B 50 -15.84 31.14 1.36
C MET B 50 -16.23 31.50 2.80
N GLY B 51 -15.69 32.61 3.30
CA GLY B 51 -15.88 33.00 4.70
C GLY B 51 -15.05 32.16 5.67
N TRP B 52 -13.95 31.60 5.17
CA TRP B 52 -13.07 30.78 6.01
C TRP B 52 -11.88 31.57 6.52
N ARG B 53 -11.85 32.87 6.20
CA ARG B 53 -10.87 33.76 6.77
C ARG B 53 -11.45 35.14 7.05
N LYS B 54 -10.83 35.84 8.00
CA LYS B 54 -11.09 37.25 8.22
C LYS B 54 -10.04 38.03 7.46
N PHE B 55 -10.45 39.12 6.84
CA PHE B 55 -9.56 39.96 6.05
C PHE B 55 -8.27 40.34 6.79
N GLU B 56 -8.38 40.67 8.07
CA GLU B 56 -7.24 41.11 8.87
C GLU B 56 -6.21 40.01 9.18
N ASP B 57 -6.60 38.74 9.02
CA ASP B 57 -5.68 37.64 9.22
C ASP B 57 -4.85 37.28 7.98
N ILE B 58 -5.25 37.84 6.83
CA ILE B 58 -4.58 37.55 5.55
C ILE B 58 -4.06 38.82 4.88
N SER B 59 -3.90 39.88 5.66
CA SER B 59 -3.43 41.16 5.13
C SER B 59 -2.51 41.86 6.14
N VAL B 60 -1.68 42.78 5.63
CA VAL B 60 -0.74 43.54 6.46
C VAL B 60 -0.77 45.03 6.07
N PRO B 61 -1.13 45.93 7.01
CA PRO B 61 -1.01 47.36 6.73
C PRO B 61 0.46 47.73 6.47
N LEU B 62 0.68 48.55 5.43
CA LEU B 62 2.05 48.82 4.98
C LEU B 62 2.64 50.12 5.51
N ALA B 63 1.79 51.13 5.76
CA ALA B 63 2.26 52.43 6.24
C ALA B 63 3.06 52.36 7.56
N PRO B 64 2.60 51.56 8.55
CA PRO B 64 3.39 51.46 9.77
C PRO B 64 4.59 50.51 9.65
N LEU B 65 4.60 49.69 8.62
CA LEU B 65 5.53 48.58 8.50
C LEU B 65 6.78 48.90 7.69
N LEU B 66 6.58 49.43 6.48
CA LEU B 66 7.66 49.64 5.53
C LEU B 66 8.79 50.57 6.00
N PRO B 67 8.46 51.65 6.76
CA PRO B 67 9.50 52.49 7.37
C PRO B 67 10.47 51.70 8.27
N LYS B 68 9.98 50.64 8.91
CA LYS B 68 10.82 49.78 9.75
C LYS B 68 11.97 49.17 8.97
N PHE B 69 11.77 49.02 7.67
CA PHE B 69 12.79 48.45 6.79
C PHE B 69 13.41 49.54 5.91
N ASN B 70 13.22 50.79 6.30
CA ASN B 70 13.74 51.96 5.56
C ASN B 70 13.20 52.06 4.12
N ILE B 71 11.93 51.72 3.96
CA ILE B 71 11.24 51.83 2.68
C ILE B 71 10.13 52.88 2.80
N GLU B 72 10.19 53.87 1.91
CA GLU B 72 9.16 54.91 1.85
C GLU B 72 7.91 54.35 1.18
N PHE B 73 6.79 54.39 1.91
CA PHE B 73 5.51 53.97 1.37
C PHE B 73 4.68 55.18 0.95
N ILE B 74 4.31 55.21 -0.33
CA ILE B 74 3.38 56.20 -0.85
C ILE B 74 2.06 55.51 -1.16
N ASN B 75 1.03 55.82 -0.38
CA ASN B 75 -0.28 55.18 -0.56
C ASN B 75 -1.16 55.91 -1.58
N GLU B 76 -0.72 55.92 -2.84
CA GLU B 76 -1.49 56.48 -3.95
C GLU B 76 -1.43 55.55 -5.15
N LYS B 77 -2.36 55.73 -6.07
CA LYS B 77 -2.32 55.07 -7.37
C LYS B 77 -1.28 55.78 -8.23
N ALA B 78 -0.36 55.02 -8.82
CA ALA B 78 0.51 55.56 -9.86
C ALA B 78 -0.30 55.70 -11.15
N GLU B 79 -0.31 56.90 -11.72
CA GLU B 79 -1.16 57.22 -12.87
C GLU B 79 -0.42 57.11 -14.20
N SER B 80 0.82 57.59 -14.22
CA SER B 80 1.62 57.52 -15.44
C SER B 80 3.09 57.34 -15.12
N ILE B 81 3.83 56.88 -16.13
CA ILE B 81 5.29 56.83 -16.07
C ILE B 81 5.86 57.48 -17.31
N ASP B 82 6.88 58.31 -17.10
CA ASP B 82 7.63 58.89 -18.19
C ASP B 82 9.01 58.23 -18.21
N PRO B 83 9.19 57.21 -19.07
CA PRO B 83 10.42 56.42 -19.08
C PRO B 83 11.63 57.22 -19.55
N ASP B 84 11.40 58.21 -20.40
CA ASP B 84 12.45 59.08 -20.91
C ASP B 84 12.92 60.07 -19.84
N ALA B 85 11.98 60.54 -19.03
CA ALA B 85 12.28 61.47 -17.95
C ALA B 85 12.67 60.74 -16.66
N ASN B 86 12.46 59.43 -16.66
CA ASN B 86 12.67 58.58 -15.48
C ASN B 86 11.84 59.09 -14.29
N THR B 87 10.54 59.28 -14.53
CA THR B 87 9.62 59.76 -13.49
C THR B 87 8.32 58.93 -13.44
N VAL B 88 7.72 58.90 -12.26
CA VAL B 88 6.40 58.29 -12.07
C VAL B 88 5.50 59.36 -11.47
N THR B 89 4.29 59.49 -12.00
CA THR B 89 3.33 60.46 -11.54
C THR B 89 2.15 59.77 -10.86
N THR B 90 1.84 60.19 -9.64
CA THR B 90 0.70 59.66 -8.90
C THR B 90 -0.59 60.36 -9.32
N GLN B 91 -1.71 59.84 -8.83
CA GLN B 91 -3.04 60.38 -9.12
C GLN B 91 -3.22 61.83 -8.65
N SER B 92 -2.46 62.22 -7.63
CA SER B 92 -2.52 63.59 -7.11
C SER B 92 -1.61 64.57 -7.87
N GLY B 93 -0.75 64.04 -8.73
CA GLY B 93 0.15 64.87 -9.52
C GLY B 93 1.58 64.92 -9.03
N LYS B 94 1.87 64.18 -7.95
CA LYS B 94 3.23 64.00 -7.44
C LYS B 94 4.12 63.35 -8.49
N LYS B 95 5.24 64.01 -8.77
CA LYS B 95 6.26 63.39 -9.63
C LYS B 95 7.41 62.82 -8.81
N ILE B 96 7.67 61.53 -9.03
CA ILE B 96 8.71 60.82 -8.32
C ILE B 96 9.77 60.40 -9.32
N GLU B 97 10.97 60.94 -9.15
CA GLU B 97 12.10 60.57 -10.01
C GLU B 97 12.65 59.21 -9.58
N TYR B 98 13.15 58.44 -10.55
CA TYR B 98 13.75 57.15 -10.24
C TYR B 98 15.07 56.95 -10.98
N ASP B 99 15.97 56.20 -10.36
CA ASP B 99 17.13 55.67 -11.08
C ASP B 99 16.78 54.31 -11.69
N TYR B 100 15.95 53.56 -10.97
CA TYR B 100 15.43 52.27 -11.42
C TYR B 100 13.95 52.18 -11.09
N LEU B 101 13.18 51.55 -11.98
CA LEU B 101 11.74 51.38 -11.77
C LEU B 101 11.38 49.90 -11.83
N VAL B 102 10.61 49.44 -10.85
CA VAL B 102 10.04 48.09 -10.87
C VAL B 102 8.52 48.23 -10.95
N ILE B 103 7.95 47.70 -12.03
CA ILE B 103 6.50 47.68 -12.20
C ILE B 103 5.95 46.33 -11.74
N ALA B 104 5.12 46.36 -10.70
CA ALA B 104 4.55 45.15 -10.11
C ALA B 104 3.10 45.40 -9.67
N THR B 105 2.31 45.94 -10.60
CA THR B 105 0.95 46.40 -10.33
C THR B 105 -0.09 45.27 -10.32
N GLY B 106 0.33 44.06 -10.66
CA GLY B 106 -0.59 42.95 -10.77
C GLY B 106 -1.47 43.05 -12.01
N PRO B 107 -2.57 42.28 -12.05
CA PRO B 107 -3.49 42.35 -13.18
C PRO B 107 -4.53 43.47 -13.10
N LYS B 108 -4.86 44.03 -14.25
CA LYS B 108 -6.12 44.74 -14.40
C LYS B 108 -7.15 43.72 -14.87
N LEU B 109 -8.28 43.66 -14.18
CA LEU B 109 -9.30 42.65 -14.43
C LEU B 109 -10.21 43.06 -15.57
N VAL B 110 -10.38 42.16 -16.53
CA VAL B 110 -11.27 42.37 -17.66
C VAL B 110 -12.41 41.34 -17.57
N PHE B 111 -13.61 41.83 -17.27
CA PHE B 111 -14.78 40.97 -17.20
C PHE B 111 -15.41 40.87 -18.58
N GLY B 112 -14.80 40.05 -19.43
CA GLY B 112 -15.07 40.03 -20.87
C GLY B 112 -16.43 39.50 -21.30
N ALA B 113 -17.04 38.66 -20.48
CA ALA B 113 -18.37 38.12 -20.79
C ALA B 113 -19.43 39.18 -20.54
N GLU B 114 -20.45 39.22 -21.41
CA GLU B 114 -21.52 40.19 -21.27
C GLU B 114 -22.30 39.94 -19.98
N GLY B 115 -22.32 40.94 -19.11
CA GLY B 115 -23.00 40.85 -17.83
C GLY B 115 -22.16 40.30 -16.69
N GLN B 116 -20.91 39.94 -17.00
CA GLN B 116 -20.03 39.26 -16.01
C GLN B 116 -19.81 40.11 -14.75
N GLU B 117 -19.29 41.32 -14.91
CA GLU B 117 -18.99 42.18 -13.76
C GLU B 117 -20.24 42.44 -12.93
N GLU B 118 -21.39 42.48 -13.61
CA GLU B 118 -22.67 42.83 -13.00
C GLU B 118 -23.39 41.66 -12.34
N ASN B 119 -23.38 40.50 -13.01
CA ASN B 119 -24.21 39.35 -12.62
C ASN B 119 -23.45 38.19 -11.97
N SER B 120 -22.15 38.11 -12.22
CA SER B 120 -21.32 37.03 -11.69
C SER B 120 -20.51 37.52 -10.50
N THR B 121 -19.81 36.60 -9.83
CA THR B 121 -18.87 36.98 -8.78
C THR B 121 -17.43 36.68 -9.20
N SER B 122 -16.48 37.32 -8.52
CA SER B 122 -15.07 37.01 -8.70
C SER B 122 -14.35 37.04 -7.36
N ILE B 123 -13.14 36.50 -7.35
CA ILE B 123 -12.40 36.33 -6.11
C ILE B 123 -10.96 36.83 -6.24
N CYS B 124 -10.69 37.63 -7.27
CA CYS B 124 -9.33 38.04 -7.60
C CYS B 124 -8.77 39.15 -6.70
N THR B 125 -9.66 39.90 -6.05
CA THR B 125 -9.24 40.89 -5.04
C THR B 125 -9.98 40.59 -3.75
N ALA B 126 -9.45 41.08 -2.63
CA ALA B 126 -10.08 40.91 -1.32
C ALA B 126 -11.49 41.52 -1.34
N GLU B 127 -11.61 42.69 -1.95
CA GLU B 127 -12.87 43.39 -2.09
C GLU B 127 -13.91 42.57 -2.87
N HIS B 128 -13.48 41.97 -3.99
CA HIS B 128 -14.38 41.10 -4.77
C HIS B 128 -14.73 39.81 -4.02
N ALA B 129 -13.74 39.21 -3.35
CA ALA B 129 -13.97 37.99 -2.58
C ALA B 129 -15.04 38.19 -1.51
N LEU B 130 -14.97 39.32 -0.81
CA LEU B 130 -15.93 39.66 0.24
C LEU B 130 -17.34 39.84 -0.30
N GLU B 131 -17.47 40.36 -1.52
CA GLU B 131 -18.77 40.45 -2.17
C GLU B 131 -19.28 39.07 -2.55
N THR B 132 -18.37 38.21 -3.00
CA THR B 132 -18.69 36.81 -3.29
C THR B 132 -19.24 36.10 -2.04
N GLN B 133 -18.59 36.32 -0.90
CA GLN B 133 -19.00 35.74 0.38
C GLN B 133 -20.46 36.04 0.71
N LYS B 134 -20.86 37.30 0.54
CA LYS B 134 -22.22 37.73 0.82
C LYS B 134 -23.24 37.07 -0.12
N LYS B 135 -22.85 36.93 -1.40
CA LYS B 135 -23.73 36.32 -2.41
C LYS B 135 -23.88 34.81 -2.19
N LEU B 136 -22.88 34.19 -1.59
CA LEU B 136 -22.93 32.78 -1.24
C LEU B 136 -23.95 32.46 -0.14
N GLN B 137 -24.15 33.40 0.77
CA GLN B 137 -25.16 33.24 1.82
C GLN B 137 -26.56 33.12 1.24
N GLU B 138 -26.79 33.80 0.12
CA GLU B 138 -28.05 33.67 -0.61
C GLU B 138 -28.22 32.27 -1.21
N LEU B 139 -27.16 31.73 -1.77
CA LEU B 139 -27.18 30.37 -2.34
C LEU B 139 -27.54 29.30 -1.30
N TYR B 140 -26.95 29.40 -0.10
CA TYR B 140 -27.22 28.43 0.96
C TYR B 140 -28.68 28.44 1.41
N ALA B 141 -29.29 29.63 1.39
CA ALA B 141 -30.68 29.82 1.79
C ALA B 141 -31.65 29.30 0.72
N ASN B 142 -31.42 29.71 -0.53
CA ASN B 142 -32.21 29.22 -1.66
C ASN B 142 -31.32 28.51 -2.68
N PRO B 143 -31.06 27.21 -2.45
CA PRO B 143 -30.15 26.43 -3.29
C PRO B 143 -30.61 26.39 -4.73
N GLY B 144 -29.64 26.44 -5.64
CA GLY B 144 -29.91 26.40 -7.07
C GLY B 144 -28.62 26.08 -7.81
N PRO B 145 -28.72 25.93 -9.15
CA PRO B 145 -27.56 25.56 -9.96
C PRO B 145 -26.38 26.54 -9.84
N VAL B 146 -25.19 25.98 -9.71
CA VAL B 146 -23.96 26.76 -9.62
C VAL B 146 -23.14 26.53 -10.88
N VAL B 147 -22.62 27.61 -11.46
CA VAL B 147 -21.68 27.53 -12.56
C VAL B 147 -20.42 28.30 -12.25
N ILE B 148 -19.28 27.62 -12.35
CA ILE B 148 -17.98 28.21 -12.02
C ILE B 148 -17.07 27.99 -13.20
N GLY B 149 -16.12 28.89 -13.43
CA GLY B 149 -15.10 28.62 -14.42
C GLY B 149 -14.35 29.83 -14.91
N ALA B 150 -13.94 29.77 -16.18
CA ALA B 150 -13.06 30.78 -16.76
C ALA B 150 -13.51 31.17 -18.17
N ILE B 151 -13.46 32.47 -18.44
CA ILE B 151 -13.83 33.04 -19.73
C ILE B 151 -12.63 32.91 -20.70
N PRO B 152 -12.83 33.23 -22.00
CA PRO B 152 -11.67 33.27 -22.90
C PRO B 152 -10.59 34.26 -22.42
N GLY B 153 -9.32 33.91 -22.64
CA GLY B 153 -8.20 34.78 -22.29
C GLY B 153 -7.71 34.68 -20.85
N VAL B 154 -8.40 33.89 -20.04
CA VAL B 154 -8.01 33.67 -18.65
C VAL B 154 -6.60 33.07 -18.60
N SER B 155 -5.84 33.50 -17.60
CA SER B 155 -4.47 33.03 -17.41
C SER B 155 -4.24 32.52 -15.99
N PHE B 157 -6.18 29.93 -13.60
CA PHE B 157 -7.27 28.94 -13.56
C PHE B 157 -7.41 28.27 -12.20
N GLY B 158 -6.29 28.10 -11.51
CA GLY B 158 -6.26 27.40 -10.21
C GLY B 158 -7.31 27.81 -9.19
N PRO B 159 -7.47 29.12 -8.94
CA PRO B 159 -8.46 29.61 -7.97
C PRO B 159 -9.90 29.20 -8.29
N ALA B 160 -10.24 29.09 -9.57
CA ALA B 160 -11.57 28.64 -9.98
C ALA B 160 -11.79 27.18 -9.57
N TYR B 161 -10.78 26.34 -9.83
CA TYR B 161 -10.83 24.95 -9.39
C TYR B 161 -10.90 24.88 -7.86
N GLU B 162 -10.08 25.68 -7.18
CA GLU B 162 -10.12 25.71 -5.72
C GLU B 162 -11.51 26.09 -5.26
N PHE B 163 -12.05 27.17 -5.82
CA PHE B 163 -13.31 27.70 -5.36
C PHE B 163 -14.44 26.69 -5.56
N ALA B 164 -14.46 26.04 -6.72
CA ALA B 164 -15.44 24.99 -7.01
C ALA B 164 -15.39 23.85 -5.99
N LEU B 165 -14.18 23.37 -5.68
CA LEU B 165 -14.06 22.25 -4.75
C LEU B 165 -14.33 22.65 -3.30
N MET B 166 -13.90 23.85 -2.93
CA MET B 166 -14.19 24.40 -1.61
C MET B 166 -15.69 24.55 -1.39
N LEU B 167 -16.40 25.01 -2.43
CA LEU B 167 -17.83 25.23 -2.33
C LEU B 167 -18.55 23.89 -2.21
N HIS B 168 -18.13 22.91 -3.00
CA HIS B 168 -18.64 21.55 -2.88
C HIS B 168 -18.47 21.04 -1.44
N TYR B 169 -17.29 21.25 -0.87
CA TYR B 169 -17.00 20.89 0.52
C TYR B 169 -17.99 21.55 1.49
N GLU B 170 -18.15 22.87 1.35
CA GLU B 170 -19.05 23.65 2.19
C GLU B 170 -20.52 23.23 2.07
N LEU B 171 -20.95 22.92 0.84
CA LEU B 171 -22.31 22.45 0.60
C LEU B 171 -22.56 21.08 1.23
N LYS B 172 -21.54 20.23 1.24
CA LYS B 172 -21.61 18.93 1.91
C LYS B 172 -21.67 19.06 3.42
N LYS B 173 -20.83 19.94 3.98
CA LYS B 173 -20.85 20.27 5.41
C LYS B 173 -22.21 20.78 5.86
N ARG B 174 -22.86 21.55 4.98
CA ARG B 174 -24.21 22.05 5.21
C ARG B 174 -25.27 21.00 4.88
N GLY B 175 -24.85 19.93 4.19
CA GLY B 175 -25.74 18.83 3.82
C GLY B 175 -26.74 19.18 2.74
N ILE B 176 -26.38 20.13 1.88
CA ILE B 176 -27.29 20.62 0.83
C ILE B 176 -26.74 20.42 -0.59
N ARG B 177 -25.62 19.72 -0.71
CA ARG B 177 -24.99 19.43 -2.00
C ARG B 177 -25.97 18.72 -2.95
N TYR B 178 -26.82 17.85 -2.42
CA TYR B 178 -27.84 17.17 -3.21
C TYR B 178 -28.93 18.12 -3.77
N LYS B 179 -28.86 19.40 -3.40
CA LYS B 179 -29.79 20.42 -3.89
C LYS B 179 -29.10 21.46 -4.77
N VAL B 180 -27.80 21.26 -5.01
CA VAL B 180 -27.01 22.24 -5.75
C VAL B 180 -26.25 21.58 -6.90
N PRO B 181 -26.82 21.61 -8.13
CA PRO B 181 -26.04 21.21 -9.29
C PRO B 181 -24.80 22.09 -9.42
N MET B 182 -23.67 21.48 -9.79
CA MET B 182 -22.44 22.24 -9.98
C MET B 182 -21.86 21.94 -11.34
N THR B 183 -21.58 22.99 -12.10
CA THR B 183 -20.98 22.85 -13.42
C THR B 183 -19.78 23.77 -13.51
N PHE B 184 -18.70 23.25 -14.10
CA PHE B 184 -17.47 24.00 -14.25
C PHE B 184 -17.23 24.22 -15.74
N ILE B 185 -17.15 25.48 -16.15
CA ILE B 185 -17.02 25.82 -17.58
C ILE B 185 -15.72 26.56 -17.83
N THR B 186 -14.90 26.04 -18.74
CA THR B 186 -13.57 26.60 -18.94
C THR B 186 -13.13 26.74 -20.40
N SER B 187 -12.36 27.81 -20.63
CA SER B 187 -11.72 28.09 -21.90
C SER B 187 -10.51 27.18 -22.15
N GLU B 188 -10.04 26.51 -21.09
CA GLU B 188 -9.00 25.49 -21.23
C GLU B 188 -9.51 24.43 -22.19
N PRO B 189 -8.61 23.87 -23.03
CA PRO B 189 -9.04 22.80 -23.94
C PRO B 189 -9.42 21.52 -23.20
N TYR B 190 -8.94 21.37 -21.97
CA TYR B 190 -9.29 20.24 -21.11
C TYR B 190 -9.12 20.64 -19.66
N LEU B 191 -9.69 19.85 -18.75
CA LEU B 191 -9.53 20.07 -17.31
C LEU B 191 -8.07 19.93 -16.90
N GLY B 192 -7.62 20.82 -16.03
CA GLY B 192 -6.25 20.79 -15.53
C GLY B 192 -5.18 21.12 -16.55
N HIS B 193 -5.54 21.96 -17.53
CA HIS B 193 -4.58 22.50 -18.47
C HIS B 193 -3.82 23.64 -17.79
N PHE B 194 -4.57 24.49 -17.09
CA PHE B 194 -4.03 25.60 -16.26
C PHE B 194 -3.28 26.70 -17.03
N GLY B 195 -3.42 26.71 -18.36
CA GLY B 195 -2.66 27.63 -19.20
C GLY B 195 -1.20 27.21 -19.30
N VAL B 196 -0.92 25.94 -18.99
CA VAL B 196 0.46 25.44 -18.91
C VAL B 196 0.65 24.12 -19.68
N GLY B 197 -0.40 23.66 -20.34
CA GLY B 197 -0.36 22.39 -21.06
C GLY B 197 -0.40 21.21 -20.11
N GLY B 198 -0.98 21.43 -18.94
CA GLY B 198 -1.05 20.40 -17.91
C GLY B 198 0.22 20.31 -17.09
N ILE B 199 0.11 19.74 -15.91
CA ILE B 199 1.25 19.40 -15.08
C ILE B 199 1.14 17.92 -14.75
N GLY B 200 2.02 17.13 -15.35
CA GLY B 200 1.93 15.69 -15.26
C GLY B 200 0.55 15.24 -15.72
N ALA B 201 -0.05 14.34 -14.96
CA ALA B 201 -1.37 13.82 -15.28
C ALA B 201 -2.46 14.65 -14.57
N SER B 202 -2.32 15.97 -14.62
CA SER B 202 -3.30 16.88 -14.00
C SER B 202 -4.72 16.76 -14.58
N LYS B 203 -4.80 16.47 -15.88
CA LYS B 203 -6.09 16.30 -16.57
C LYS B 203 -6.86 15.11 -16.01
N ARG B 204 -6.20 13.96 -15.94
CA ARG B 204 -6.75 12.75 -15.35
C ARG B 204 -7.15 13.00 -13.89
N LEU B 205 -6.24 13.59 -13.11
CA LEU B 205 -6.50 13.92 -11.71
C LEU B 205 -7.76 14.78 -11.51
N VAL B 206 -7.86 15.90 -12.23
CA VAL B 206 -9.00 16.81 -12.03
C VAL B 206 -10.32 16.19 -12.54
N GLU B 207 -10.25 15.50 -13.68
CA GLU B 207 -11.39 14.76 -14.20
C GLU B 207 -11.96 13.78 -13.19
N ASP B 208 -11.08 13.00 -12.56
CA ASP B 208 -11.47 12.03 -11.52
C ASP B 208 -12.04 12.71 -10.30
N LEU B 209 -11.40 13.80 -9.88
CA LEU B 209 -11.86 14.60 -8.76
C LEU B 209 -13.28 15.13 -8.98
N PHE B 210 -13.50 15.71 -10.16
CA PHE B 210 -14.82 16.22 -10.55
C PHE B 210 -15.87 15.10 -10.62
N ALA B 211 -15.49 13.95 -11.19
CA ALA B 211 -16.38 12.79 -11.26
C ALA B 211 -16.78 12.29 -9.86
N GLU B 212 -15.78 12.12 -9.00
CA GLU B 212 -16.00 11.64 -7.63
C GLU B 212 -16.87 12.60 -6.81
N ARG B 213 -16.80 13.89 -7.14
CA ARG B 213 -17.51 14.90 -6.36
C ARG B 213 -18.73 15.50 -7.08
N ASN B 214 -19.16 14.85 -8.16
CA ASN B 214 -20.31 15.24 -8.99
C ASN B 214 -20.27 16.70 -9.45
N ILE B 215 -19.10 17.12 -9.93
CA ILE B 215 -19.00 18.42 -10.58
C ILE B 215 -19.03 18.15 -12.09
N ASP B 216 -20.09 18.61 -12.74
CA ASP B 216 -20.20 18.50 -14.21
C ASP B 216 -19.27 19.52 -14.83
N TRP B 217 -18.78 19.24 -16.04
CA TRP B 217 -17.84 20.16 -16.66
C TRP B 217 -17.97 20.30 -18.17
N ILE B 218 -17.67 21.50 -18.65
CA ILE B 218 -17.64 21.81 -20.07
C ILE B 218 -16.32 22.53 -20.34
N ALA B 219 -15.47 21.93 -21.16
CA ALA B 219 -14.17 22.52 -21.47
C ALA B 219 -14.07 22.87 -22.95
N ASN B 220 -13.05 23.63 -23.31
CA ASN B 220 -12.76 24.02 -24.69
C ASN B 220 -13.86 24.91 -25.30
N VAL B 221 -14.48 25.73 -24.46
CA VAL B 221 -15.58 26.59 -24.90
C VAL B 221 -15.36 28.05 -24.48
N ALA B 222 -16.07 28.96 -25.15
CA ALA B 222 -15.98 30.39 -24.87
C ALA B 222 -17.26 30.88 -24.20
N VAL B 223 -17.16 31.21 -22.92
CA VAL B 223 -18.26 31.82 -22.18
C VAL B 223 -18.48 33.23 -22.74
N LYS B 224 -19.67 33.47 -23.27
CA LYS B 224 -19.99 34.74 -23.93
C LYS B 224 -20.80 35.68 -23.06
N ALA B 225 -21.66 35.14 -22.19
CA ALA B 225 -22.54 35.95 -21.36
C ALA B 225 -22.91 35.30 -20.02
N ILE B 226 -22.95 36.12 -18.97
CA ILE B 226 -23.49 35.72 -17.67
C ILE B 226 -24.72 36.55 -17.38
N GLU B 227 -25.89 35.93 -17.50
CA GLU B 227 -27.16 36.57 -17.19
C GLU B 227 -27.54 36.26 -15.72
N PRO B 228 -28.57 36.93 -15.18
CA PRO B 228 -28.96 36.65 -13.78
C PRO B 228 -29.37 35.19 -13.51
N ASP B 229 -29.81 34.48 -14.55
CA ASP B 229 -30.36 33.14 -14.40
C ASP B 229 -29.70 32.08 -15.28
N LYS B 230 -28.69 32.47 -16.05
CA LYS B 230 -28.02 31.54 -16.96
C LYS B 230 -26.61 31.97 -17.41
N VAL B 231 -25.85 30.98 -17.87
CA VAL B 231 -24.56 31.20 -18.51
C VAL B 231 -24.68 30.79 -19.96
N ILE B 232 -24.20 31.64 -20.84
CA ILE B 232 -24.23 31.39 -22.27
C ILE B 232 -22.80 31.22 -22.80
N TYR B 233 -22.53 30.08 -23.42
CA TYR B 233 -21.21 29.81 -24.01
C TYR B 233 -21.31 29.44 -25.49
N GLU B 234 -20.18 29.53 -26.17
CA GLU B 234 -20.09 29.16 -27.57
C GLU B 234 -19.04 28.06 -27.72
N ASP B 235 -19.37 27.00 -28.47
CA ASP B 235 -18.39 25.95 -28.74
C ASP B 235 -17.52 26.29 -29.96
N LEU B 236 -16.65 25.38 -30.37
CA LEU B 236 -15.74 25.61 -31.49
C LEU B 236 -16.44 25.59 -32.85
N ASN B 237 -17.60 24.93 -32.91
CA ASN B 237 -18.43 24.92 -34.12
C ASN B 237 -19.33 26.16 -34.23
N GLY B 238 -19.07 27.16 -33.39
CA GLY B 238 -19.81 28.42 -33.40
C GLY B 238 -21.21 28.37 -32.80
N ASN B 239 -21.66 27.17 -32.47
CA ASN B 239 -22.98 26.97 -31.86
C ASN B 239 -23.01 27.52 -30.43
N THR B 240 -24.17 28.07 -30.05
CA THR B 240 -24.36 28.70 -28.75
C THR B 240 -25.19 27.80 -27.84
N HIS B 241 -24.81 27.73 -26.56
CA HIS B 241 -25.53 26.93 -25.57
C HIS B 241 -25.75 27.69 -24.25
N GLU B 242 -26.83 27.35 -23.55
CA GLU B 242 -27.12 27.94 -22.25
C GLU B 242 -27.15 26.87 -21.17
N VAL B 243 -26.70 27.26 -19.97
CA VAL B 243 -26.84 26.42 -18.78
C VAL B 243 -27.44 27.27 -17.64
N PRO B 244 -28.50 26.77 -16.98
CA PRO B 244 -29.09 27.52 -15.87
C PRO B 244 -28.13 27.75 -14.71
N ALA B 245 -28.25 28.89 -14.05
CA ALA B 245 -27.35 29.27 -12.96
C ALA B 245 -27.98 30.29 -12.01
N LYS B 246 -28.12 29.90 -10.75
CA LYS B 246 -28.54 30.81 -9.69
C LYS B 246 -27.33 31.56 -9.15
N PHE B 247 -26.20 30.86 -9.02
CA PHE B 247 -24.96 31.47 -8.58
C PHE B 247 -23.83 31.14 -9.56
N THR B 248 -23.01 32.13 -9.87
CA THR B 248 -21.80 31.89 -10.66
C THR B 248 -20.59 32.56 -10.05
N MET B 249 -19.43 32.00 -10.33
CA MET B 249 -18.17 32.63 -9.99
C MET B 249 -17.26 32.42 -11.19
N PHE B 250 -16.97 33.50 -11.91
CA PHE B 250 -16.04 33.41 -13.04
C PHE B 250 -14.74 34.21 -12.88
N MET B 251 -13.65 33.62 -13.35
CA MET B 251 -12.37 34.29 -13.47
C MET B 251 -12.40 35.29 -14.63
N PRO B 252 -11.98 36.55 -14.37
CA PRO B 252 -11.81 37.48 -15.48
C PRO B 252 -10.44 37.26 -16.17
N SER B 253 -10.28 37.82 -17.35
CA SER B 253 -8.98 37.81 -18.02
C SER B 253 -8.15 38.99 -17.52
N PHE B 254 -6.86 38.97 -17.82
CA PHE B 254 -5.96 39.99 -17.29
C PHE B 254 -5.44 40.88 -18.40
N GLN B 255 -5.26 42.15 -18.06
CA GLN B 255 -4.67 43.13 -18.92
C GLN B 255 -3.66 43.92 -18.11
N GLY B 256 -2.77 44.64 -18.78
CA GLY B 256 -1.94 45.62 -18.10
C GLY B 256 -2.76 46.85 -17.75
N PRO B 257 -2.34 47.59 -16.70
CA PRO B 257 -3.04 48.80 -16.30
C PRO B 257 -2.67 50.03 -17.14
N GLU B 258 -3.44 51.11 -16.98
CA GLU B 258 -3.22 52.33 -17.75
C GLU B 258 -1.91 53.03 -17.40
N VAL B 259 -1.42 52.84 -16.18
CA VAL B 259 -0.11 53.37 -15.79
C VAL B 259 1.00 52.78 -16.68
N VAL B 260 0.89 51.49 -16.99
CA VAL B 260 1.82 50.83 -17.91
C VAL B 260 1.62 51.33 -19.35
N ALA B 261 0.36 51.36 -19.79
CA ALA B 261 0.00 51.88 -21.12
C ALA B 261 0.54 53.30 -21.37
N SER B 262 0.56 54.12 -20.33
CA SER B 262 1.01 55.52 -20.44
C SER B 262 2.49 55.66 -20.83
N ALA B 263 3.27 54.60 -20.59
CA ALA B 263 4.71 54.59 -20.87
C ALA B 263 5.07 54.35 -22.35
N GLY B 264 4.08 54.02 -23.17
CA GLY B 264 4.29 53.82 -24.60
C GLY B 264 4.47 52.36 -25.00
N ASP B 265 4.54 52.12 -26.32
CA ASP B 265 4.61 50.76 -26.90
C ASP B 265 5.88 49.97 -26.59
N LYS B 266 6.95 50.68 -26.25
CA LYS B 266 8.22 50.02 -25.97
C LYS B 266 8.27 49.45 -24.56
N VAL B 267 7.33 49.87 -23.72
CA VAL B 267 7.21 49.37 -22.35
C VAL B 267 5.96 48.51 -22.18
N ALA B 268 4.86 48.97 -22.78
CA ALA B 268 3.56 48.31 -22.67
C ALA B 268 3.22 47.56 -23.94
N ASN B 269 3.11 46.24 -23.84
CA ASN B 269 2.77 45.38 -24.96
C ASN B 269 1.48 45.88 -25.63
N PRO B 270 1.55 46.25 -26.94
CA PRO B 270 0.37 46.79 -27.63
C PRO B 270 -0.88 45.89 -27.60
N ALA B 271 -0.69 44.58 -27.46
CA ALA B 271 -1.81 43.64 -27.47
C ALA B 271 -2.56 43.55 -26.14
N ASN B 272 -1.85 43.72 -25.03
CA ASN B 272 -2.43 43.49 -23.70
C ASN B 272 -2.04 44.50 -22.62
N LYS B 273 -1.19 45.46 -22.96
CA LYS B 273 -0.72 46.51 -22.05
C LYS B 273 0.17 46.02 -20.90
N MET B 274 0.62 44.77 -20.99
CA MET B 274 1.52 44.19 -19.99
C MET B 274 2.96 44.63 -20.25
N VAL B 275 3.79 44.60 -19.20
CA VAL B 275 5.16 45.11 -19.29
C VAL B 275 6.03 44.22 -20.16
N ILE B 276 6.62 44.81 -21.20
CA ILE B 276 7.56 44.10 -22.06
C ILE B 276 8.86 43.91 -21.30
N VAL B 277 9.23 42.65 -21.13
CA VAL B 277 10.45 42.27 -20.43
C VAL B 277 11.27 41.27 -21.27
N ASN B 278 12.57 41.24 -21.04
CA ASN B 278 13.44 40.21 -21.62
C ASN B 278 13.61 39.03 -20.64
N ARG B 279 14.62 38.20 -20.86
CA ARG B 279 14.87 37.02 -20.00
C ARG B 279 15.17 37.40 -18.55
N CYS B 280 15.74 38.59 -18.37
CA CYS B 280 16.18 39.06 -17.07
C CYS B 280 15.11 39.96 -16.42
N PHE B 281 13.91 39.91 -17.00
CA PHE B 281 12.74 40.69 -16.56
C PHE B 281 13.01 42.20 -16.54
N GLN B 282 13.81 42.59 -17.53
CA GLN B 282 14.22 43.97 -17.79
C GLN B 282 13.58 44.40 -19.10
N ASN B 283 13.05 45.62 -19.15
CA ASN B 283 12.54 46.15 -20.42
C ASN B 283 13.68 46.30 -21.44
N PRO B 284 13.47 45.80 -22.67
CA PRO B 284 14.49 45.84 -23.72
C PRO B 284 14.98 47.24 -24.14
N THR B 285 14.14 48.25 -23.99
CA THR B 285 14.45 49.62 -24.43
C THR B 285 14.97 50.50 -23.30
N TYR B 286 14.24 50.53 -22.19
CA TYR B 286 14.64 51.28 -21.01
C TYR B 286 15.19 50.31 -19.98
N LYS B 287 16.52 50.20 -19.97
CA LYS B 287 17.22 49.15 -19.22
C LYS B 287 17.15 49.30 -17.71
N ASN B 288 16.62 50.44 -17.26
CA ASN B 288 16.42 50.70 -15.83
C ASN B 288 14.98 50.47 -15.38
N ILE B 289 14.15 49.98 -16.30
CA ILE B 289 12.79 49.55 -15.98
C ILE B 289 12.72 48.03 -15.98
N PHE B 290 12.11 47.49 -14.92
CA PHE B 290 11.93 46.06 -14.74
C PHE B 290 10.46 45.77 -14.45
N GLY B 291 10.00 44.57 -14.78
CA GLY B 291 8.64 44.15 -14.48
C GLY B 291 8.67 42.88 -13.65
N VAL B 292 7.79 42.82 -12.65
CA VAL B 292 7.72 41.66 -11.75
C VAL B 292 6.26 41.33 -11.50
N GLY B 293 5.91 40.05 -11.63
CA GLY B 293 4.57 39.59 -11.30
C GLY B 293 3.69 39.38 -12.50
N VAL B 294 2.38 39.36 -12.22
CA VAL B 294 1.34 39.09 -13.21
C VAL B 294 1.33 40.11 -14.35
N VAL B 295 1.80 41.33 -14.05
CA VAL B 295 1.81 42.42 -15.02
C VAL B 295 2.84 42.24 -16.16
N THR B 296 3.72 41.26 -16.02
CA THR B 296 4.76 41.04 -17.05
C THR B 296 4.19 40.31 -18.27
N ALA B 297 4.61 40.73 -19.46
CA ALA B 297 4.14 40.11 -20.69
C ALA B 297 4.95 38.85 -20.98
N ILE B 298 4.34 37.70 -20.72
CA ILE B 298 4.93 36.40 -21.05
C ILE B 298 4.02 35.71 -22.08
N PRO B 299 4.59 35.32 -23.23
CA PRO B 299 3.85 34.60 -24.27
C PRO B 299 3.18 33.31 -23.74
N PRO B 300 2.00 32.97 -24.29
CA PRO B 300 1.33 31.73 -23.89
C PRO B 300 2.21 30.51 -24.14
N ILE B 301 2.08 29.51 -23.28
CA ILE B 301 2.83 28.27 -23.41
C ILE B 301 2.38 27.49 -24.64
N GLU B 302 1.08 27.54 -24.93
CA GLU B 302 0.54 27.09 -26.22
C GLU B 302 -0.64 27.95 -26.65
N LYS B 303 -0.88 28.00 -27.95
CA LYS B 303 -2.07 28.65 -28.49
C LYS B 303 -3.23 27.65 -28.45
N THR B 304 -4.14 27.84 -27.51
CA THR B 304 -5.28 26.94 -27.33
C THR B 304 -6.47 27.38 -28.20
N PRO B 305 -7.34 26.41 -28.59
CA PRO B 305 -8.50 26.71 -29.47
C PRO B 305 -9.33 27.89 -28.99
N ILE B 306 -9.64 27.93 -27.69
CA ILE B 306 -10.16 29.13 -27.03
C ILE B 306 -8.96 29.76 -26.32
N PRO B 307 -8.64 31.03 -26.65
CA PRO B 307 -7.41 31.64 -26.13
C PRO B 307 -7.28 31.55 -24.60
N THR B 308 -6.08 31.18 -24.15
CA THR B 308 -5.72 31.16 -22.72
C THR B 308 -4.30 31.70 -22.55
N GLY B 309 -3.98 32.21 -21.37
CA GLY B 309 -2.65 32.73 -21.09
C GLY B 309 -1.93 32.01 -19.96
N VAL B 310 -0.67 32.38 -19.75
CA VAL B 310 0.19 31.71 -18.76
C VAL B 310 -0.01 32.31 -17.36
N PRO B 311 -0.16 31.43 -16.33
CA PRO B 311 -0.19 31.95 -14.97
C PRO B 311 1.18 32.42 -14.51
N LYS B 312 1.18 33.44 -13.64
CA LYS B 312 2.37 33.84 -12.92
C LYS B 312 2.05 33.51 -11.48
N THR B 313 2.60 32.42 -10.99
CA THR B 313 2.32 31.97 -9.62
C THR B 313 3.26 32.62 -8.62
N GLY B 314 2.93 32.50 -7.34
CA GLY B 314 3.73 33.08 -6.27
C GLY B 314 5.23 32.79 -6.35
N MET B 315 5.56 31.52 -6.52
CA MET B 315 6.96 31.09 -6.61
C MET B 315 7.70 31.65 -7.84
N MET B 316 7.04 31.64 -9.00
CA MET B 316 7.57 32.30 -10.21
C MET B 316 7.86 33.77 -9.95
N ILE B 317 6.95 34.42 -9.25
CA ILE B 317 7.04 35.85 -8.97
C ILE B 317 8.14 36.18 -7.97
N GLU B 318 8.28 35.33 -6.94
CA GLU B 318 9.37 35.46 -5.99
C GLU B 318 10.73 35.31 -6.68
N GLN B 319 10.81 34.42 -7.65
CA GLN B 319 12.02 34.23 -8.45
C GLN B 319 12.32 35.45 -9.34
N MET B 320 11.28 35.97 -10.00
CA MET B 320 11.40 37.23 -10.75
C MET B 320 11.97 38.34 -9.87
N ALA B 321 11.42 38.47 -8.67
CA ALA B 321 11.82 39.48 -7.71
C ALA B 321 13.29 39.35 -7.32
N MET B 322 13.73 38.12 -7.06
CA MET B 322 15.14 37.81 -6.79
C MET B 322 16.04 38.23 -7.94
N ALA B 323 15.68 37.83 -9.15
CA ALA B 323 16.47 38.14 -10.35
C ALA B 323 16.57 39.64 -10.57
N VAL B 324 15.43 40.33 -10.50
CA VAL B 324 15.35 41.77 -10.73
C VAL B 324 16.20 42.54 -9.71
N ALA B 325 16.03 42.19 -8.44
CA ALA B 325 16.81 42.78 -7.34
C ALA B 325 18.32 42.66 -7.57
N HIS B 326 18.78 41.46 -7.93
CA HIS B 326 20.19 41.25 -8.25
C HIS B 326 20.65 42.02 -9.48
N ASN B 327 19.79 42.07 -10.50
CA ASN B 327 20.09 42.80 -11.74
C ASN B 327 20.26 44.29 -11.52
N ILE B 328 19.37 44.87 -10.70
CA ILE B 328 19.44 46.28 -10.34
C ILE B 328 20.73 46.58 -9.56
N VAL B 329 20.96 45.80 -8.51
CA VAL B 329 22.12 45.97 -7.64
C VAL B 329 23.45 45.84 -8.41
N ASN B 330 23.51 44.86 -9.30
CA ASN B 330 24.70 44.64 -10.13
C ASN B 330 24.99 45.79 -11.11
N ASP B 331 23.93 46.46 -11.58
CA ASP B 331 24.08 47.63 -12.45
C ASP B 331 24.66 48.81 -11.66
N ILE B 332 24.19 48.97 -10.42
CA ILE B 332 24.69 50.03 -9.52
C ILE B 332 26.17 49.81 -9.20
N ARG B 333 26.53 48.57 -8.88
CA ARG B 333 27.89 48.22 -8.51
C ARG B 333 28.84 47.89 -9.68
N ASN B 334 28.37 48.12 -10.91
CA ASN B 334 29.13 47.80 -12.13
C ASN B 334 29.60 46.33 -12.17
N ASN B 335 28.69 45.43 -11.81
CA ASN B 335 28.90 43.99 -11.88
C ASN B 335 28.15 43.44 -13.11
N PRO B 336 28.90 42.90 -14.09
CA PRO B 336 28.36 42.44 -15.38
C PRO B 336 27.40 41.23 -15.28
N ASP B 337 27.47 40.47 -14.20
CA ASP B 337 26.58 39.32 -14.00
C ASP B 337 25.11 39.74 -13.99
N LYS B 338 24.30 39.07 -14.80
CA LYS B 338 22.85 39.29 -14.84
C LYS B 338 22.11 37.96 -14.64
N TYR B 339 20.87 38.05 -14.16
CA TYR B 339 20.11 36.86 -13.76
C TYR B 339 18.74 36.74 -14.39
N ALA B 340 18.39 35.50 -14.74
CA ALA B 340 17.05 35.16 -15.16
C ALA B 340 16.43 34.26 -14.09
N PRO B 341 15.14 34.48 -13.76
CA PRO B 341 14.47 33.60 -12.82
C PRO B 341 14.26 32.23 -13.48
N ARG B 342 14.28 31.16 -12.67
CA ARG B 342 13.99 29.82 -13.17
C ARG B 342 12.55 29.70 -13.64
N LEU B 343 11.63 30.39 -12.96
CA LEU B 343 10.19 30.31 -13.25
C LEU B 343 9.66 28.88 -13.06
N SER B 344 10.04 28.26 -11.96
CA SER B 344 9.40 27.03 -11.50
C SER B 344 8.20 27.41 -10.62
N ALA B 345 7.32 26.46 -10.37
CA ALA B 345 6.13 26.72 -9.54
C ALA B 345 5.76 25.52 -8.69
N ILE B 346 5.56 25.77 -7.39
CA ILE B 346 4.82 24.86 -6.51
C ILE B 346 3.43 25.47 -6.38
N ILE B 348 -0.43 24.70 -4.86
CA ILE B 348 -1.35 23.87 -4.08
C ILE B 348 -2.76 24.39 -4.27
N ALA B 349 -3.60 23.58 -4.91
CA ALA B 349 -5.00 23.90 -5.07
C ALA B 349 -5.78 23.30 -3.90
N ASP B 350 -6.18 24.16 -2.97
CA ASP B 350 -6.87 23.75 -1.75
C ASP B 350 -8.31 23.39 -2.09
N PHE B 351 -8.75 22.21 -1.64
CA PHE B 351 -10.10 21.70 -1.93
C PHE B 351 -11.00 21.69 -0.70
N GLY B 352 -10.49 22.19 0.43
CA GLY B 352 -11.22 22.15 1.69
C GLY B 352 -10.44 21.42 2.77
N GLU B 353 -10.60 20.11 2.83
CA GLU B 353 -9.86 19.26 3.77
C GLU B 353 -8.65 18.59 3.12
N ASP B 354 -8.66 18.51 1.80
CA ASP B 354 -7.51 18.01 1.05
C ASP B 354 -7.14 18.99 -0.05
N ALA B 355 -6.07 18.68 -0.78
CA ALA B 355 -5.55 19.61 -1.78
C ALA B 355 -4.75 18.88 -2.85
N GLY B 356 -4.70 19.49 -4.03
CA GLY B 356 -3.84 19.02 -5.11
C GLY B 356 -2.52 19.77 -5.05
N PHE B 357 -1.42 19.02 -5.08
CA PHE B 357 -0.07 19.58 -5.12
C PHE B 357 0.50 19.40 -6.52
N PHE B 358 0.85 20.51 -7.16
CA PHE B 358 1.42 20.51 -8.51
C PHE B 358 2.73 21.26 -8.53
N PHE B 359 3.80 20.55 -8.88
CA PHE B 359 5.11 21.17 -9.04
C PHE B 359 5.55 21.06 -10.49
N ALA B 360 5.97 22.19 -11.06
CA ALA B 360 6.49 22.20 -12.43
C ALA B 360 7.80 22.98 -12.48
N ASP B 361 8.85 22.33 -12.97
CA ASP B 361 10.17 22.96 -13.07
C ASP B 361 10.82 22.77 -14.44
N PRO B 362 10.88 23.85 -15.25
CA PRO B 362 10.18 25.12 -15.02
C PRO B 362 8.71 24.99 -15.43
N VAL B 363 7.94 26.04 -15.17
CA VAL B 363 6.52 26.05 -15.60
C VAL B 363 6.41 26.08 -17.13
N ILE B 364 7.25 26.89 -17.77
CA ILE B 364 7.35 26.95 -19.23
C ILE B 364 8.27 25.83 -19.75
N PRO B 365 7.72 24.90 -20.56
CA PRO B 365 8.47 23.80 -21.17
C PRO B 365 9.64 24.27 -22.05
N PRO B 366 10.65 23.40 -22.29
CA PRO B 366 10.79 22.02 -21.81
C PRO B 366 11.03 21.92 -20.30
N ARG B 367 10.40 20.94 -19.67
CA ARG B 367 10.48 20.77 -18.21
C ARG B 367 11.51 19.73 -17.81
N GLU B 368 12.19 19.98 -16.70
CA GLU B 368 13.11 19.02 -16.12
C GLU B 368 12.34 18.00 -15.28
N ARG B 369 11.25 18.45 -14.66
CA ARG B 369 10.56 17.67 -13.62
C ARG B 369 9.14 18.18 -13.37
N VAL B 370 8.21 17.26 -13.09
CA VAL B 370 6.92 17.63 -12.49
C VAL B 370 6.56 16.68 -11.34
N ILE B 371 5.72 17.16 -10.44
CA ILE B 371 5.13 16.33 -9.38
C ILE B 371 3.66 16.70 -9.27
N THR B 372 2.80 15.70 -9.32
CA THR B 372 1.37 15.89 -9.13
C THR B 372 0.90 14.94 -8.06
N LYS B 373 0.44 15.50 -6.95
CA LYS B 373 -0.02 14.69 -5.83
C LYS B 373 -1.32 15.25 -5.28
N MET B 374 -1.95 14.47 -4.41
CA MET B 374 -3.22 14.87 -3.80
C MET B 374 -3.32 14.23 -2.42
N GLY B 375 -3.75 15.01 -1.44
CA GLY B 375 -3.95 14.48 -0.09
C GLY B 375 -4.27 15.56 0.92
N LYS B 376 -4.66 15.09 2.11
CA LYS B 376 -4.96 15.96 3.24
C LYS B 376 -3.72 16.78 3.63
N TRP B 377 -2.55 16.14 3.55
CA TRP B 377 -1.27 16.79 3.87
C TRP B 377 -1.07 18.11 3.13
N ALA B 378 -1.50 18.16 1.86
CA ALA B 378 -1.30 19.34 1.02
C ALA B 378 -2.20 20.51 1.46
N HIS B 379 -3.35 20.21 2.07
CA HIS B 379 -4.19 21.23 2.67
C HIS B 379 -3.50 21.91 3.85
N TYR B 380 -2.89 21.10 4.70
CA TYR B 380 -2.19 21.60 5.88
C TYR B 380 -0.93 22.35 5.49
N PHE B 381 -0.29 21.92 4.40
CA PHE B 381 0.84 22.63 3.81
C PHE B 381 0.43 24.02 3.33
N LYS B 382 -0.72 24.08 2.66
CA LYS B 382 -1.27 25.34 2.15
C LYS B 382 -1.50 26.36 3.27
N THR B 383 -2.12 25.90 4.35
CA THR B 383 -2.36 26.74 5.52
C THR B 383 -1.06 27.18 6.17
N ALA B 384 -0.14 26.22 6.34
CA ALA B 384 1.19 26.51 6.88
C ALA B 384 1.92 27.58 6.09
N PHE B 385 1.95 27.44 4.76
CA PHE B 385 2.63 28.39 3.89
C PHE B 385 2.03 29.81 4.00
N GLU B 386 0.71 29.87 4.14
CA GLU B 386 0.00 31.13 4.37
C GLU B 386 0.55 31.88 5.59
N LYS B 387 0.68 31.15 6.71
CA LYS B 387 1.17 31.74 7.95
C LYS B 387 2.61 32.19 7.81
N TYR B 388 3.41 31.34 7.16
CA TYR B 388 4.81 31.63 6.86
C TYR B 388 5.00 32.88 6.01
N PHE B 389 4.28 32.99 4.88
CA PHE B 389 4.48 34.13 3.98
C PHE B 389 4.11 35.46 4.61
N LEU B 390 2.98 35.49 5.33
CA LEU B 390 2.53 36.67 6.05
C LEU B 390 3.53 37.08 7.12
N TRP B 391 4.15 36.09 7.76
CA TRP B 391 5.26 36.37 8.69
C TRP B 391 6.44 37.02 7.98
N LYS B 392 6.78 36.52 6.79
CA LYS B 392 7.89 37.07 6.00
C LYS B 392 7.67 38.54 5.63
N VAL B 393 6.44 38.87 5.21
CA VAL B 393 6.04 40.25 4.92
C VAL B 393 6.21 41.15 6.15
N ARG B 394 5.76 40.67 7.31
CA ARG B 394 5.83 41.45 8.56
C ARG B 394 7.26 41.56 9.10
N ASN B 395 8.15 40.69 8.65
CA ASN B 395 9.50 40.62 9.18
C ASN B 395 10.63 41.03 8.22
N GLY B 396 10.24 41.47 7.03
CA GLY B 396 11.15 42.16 6.13
C GLY B 396 12.12 41.31 5.33
N ASN B 397 11.82 40.03 5.19
CA ASN B 397 12.62 39.15 4.34
C ASN B 397 11.74 38.12 3.64
N ILE B 398 11.55 38.30 2.34
CA ILE B 398 10.75 37.37 1.53
C ILE B 398 11.59 36.20 1.02
N ALA B 399 12.91 36.33 1.12
CA ALA B 399 13.81 35.26 0.66
C ALA B 399 14.88 34.90 1.70
N PRO B 400 14.45 34.34 2.86
CA PRO B 400 15.42 33.87 3.83
C PRO B 400 16.27 32.78 3.21
N SER B 401 17.57 32.77 3.51
CA SER B 401 18.52 31.86 2.87
C SER B 401 18.16 30.39 3.06
N PHE B 402 17.57 30.07 4.22
CA PHE B 402 17.21 28.68 4.49
C PHE B 402 16.14 28.15 3.55
N GLU B 403 15.26 29.04 3.09
CA GLU B 403 14.15 28.64 2.21
C GLU B 403 14.66 28.13 0.86
N GLU B 404 15.64 28.84 0.30
CA GLU B 404 16.31 28.41 -0.93
C GLU B 404 17.00 27.05 -0.73
N LYS B 405 17.64 26.87 0.42
CA LYS B 405 18.29 25.60 0.74
C LYS B 405 17.28 24.46 0.85
N VAL B 406 16.18 24.71 1.55
CA VAL B 406 15.14 23.70 1.75
C VAL B 406 14.52 23.25 0.41
N LEU B 407 14.22 24.22 -0.45
CA LEU B 407 13.68 23.97 -1.78
C LEU B 407 14.63 23.19 -2.68
N GLU B 408 15.92 23.47 -2.55
CA GLU B 408 16.95 22.71 -3.25
C GLU B 408 16.97 21.24 -2.80
N ILE B 409 16.97 21.00 -1.47
CA ILE B 409 17.08 19.61 -1.00
C ILE B 409 15.83 18.78 -1.28
N PHE B 410 14.65 19.41 -1.23
CA PHE B 410 13.38 18.71 -1.44
C PHE B 410 12.94 18.62 -2.90
N LEU B 411 13.12 19.70 -3.66
CA LEU B 411 12.61 19.76 -5.04
C LEU B 411 13.68 20.04 -6.09
N LYS B 412 14.94 20.13 -5.67
CA LYS B 412 16.08 20.43 -6.54
C LYS B 412 15.92 21.76 -7.29
N VAL B 413 15.29 22.72 -6.64
CA VAL B 413 15.01 24.05 -7.19
C VAL B 413 16.18 25.00 -7.00
N HIS B 414 16.61 25.61 -8.10
CA HIS B 414 17.49 26.77 -8.05
C HIS B 414 16.66 27.94 -8.57
N PRO B 415 16.45 29.00 -7.74
CA PRO B 415 15.51 30.07 -8.09
C PRO B 415 15.90 30.96 -9.26
N ILE B 416 17.19 31.27 -9.39
CA ILE B 416 17.70 32.13 -10.46
C ILE B 416 18.97 31.55 -11.09
N GLU B 417 19.23 31.92 -12.33
CA GLU B 417 20.39 31.45 -13.08
C GLU B 417 21.13 32.64 -13.68
N LEU B 418 22.45 32.54 -13.76
CA LEU B 418 23.23 33.50 -14.51
C LEU B 418 22.77 33.45 -15.96
N CYS B 419 22.44 34.61 -16.51
CA CYS B 419 21.99 34.67 -17.90
C CYS B 419 23.07 35.30 -18.76
N LYS B 420 23.59 34.51 -19.70
CA LYS B 420 24.66 34.92 -20.62
C LYS B 420 24.17 35.96 -21.64
N ASP B 421 22.88 35.86 -21.98
CA ASP B 421 22.26 36.77 -22.95
C ASP B 421 20.81 37.01 -22.54
N CYS B 422 20.53 38.20 -22.00
CA CYS B 422 19.19 38.58 -21.54
C CYS B 422 18.18 38.73 -22.69
N GLU B 423 18.69 38.99 -23.89
CA GLU B 423 17.83 39.24 -25.05
C GLU B 423 17.00 38.00 -25.41
N GLY B 424 15.68 38.19 -25.48
CA GLY B 424 14.75 37.11 -25.80
C GLY B 424 13.54 37.19 -24.90
N ALA B 425 12.52 36.37 -25.19
CA ALA B 425 11.29 36.35 -24.42
C ALA B 425 11.54 35.87 -22.99
N PRO B 426 10.74 36.36 -22.03
CA PRO B 426 10.87 35.84 -20.66
C PRO B 426 10.44 34.37 -20.63
N GLY B 427 11.19 33.54 -19.91
CA GLY B 427 10.96 32.11 -19.90
C GLY B 427 11.72 31.34 -20.96
N SER B 428 12.27 32.05 -21.96
CA SER B 428 13.12 31.42 -22.96
C SER B 428 14.52 31.23 -22.38
N ARG B 429 15.25 30.24 -22.86
CA ARG B 429 16.51 29.83 -22.21
C ARG B 429 17.72 30.58 -22.75
N CYS B 430 18.53 31.12 -21.83
CA CYS B 430 19.77 31.83 -22.16
C CYS B 430 20.77 30.83 -22.75
N ALA C 2 48.27 -34.94 -18.65
CA ALA C 2 46.86 -35.40 -18.40
C ALA C 2 46.62 -35.66 -16.91
N LYS C 3 46.24 -34.61 -16.19
CA LYS C 3 46.06 -34.71 -14.73
C LYS C 3 44.75 -35.36 -14.34
N HIS C 4 44.71 -35.90 -13.12
CA HIS C 4 43.56 -36.66 -12.65
C HIS C 4 43.00 -36.15 -11.32
N VAL C 5 41.78 -35.64 -11.37
CA VAL C 5 41.08 -35.28 -10.14
C VAL C 5 40.00 -36.32 -9.83
N VAL C 6 39.99 -36.80 -8.59
CA VAL C 6 38.86 -37.62 -8.15
C VAL C 6 37.94 -36.83 -7.22
N VAL C 7 36.64 -36.96 -7.45
CA VAL C 7 35.62 -36.27 -6.69
C VAL C 7 34.82 -37.32 -5.93
N ILE C 8 34.77 -37.20 -4.60
CA ILE C 8 34.01 -38.16 -3.79
C ILE C 8 32.68 -37.55 -3.40
N GLY C 9 31.60 -38.07 -3.98
CA GLY C 9 30.26 -37.61 -3.68
C GLY C 9 29.58 -37.07 -4.93
N GLY C 10 28.46 -37.67 -5.29
CA GLY C 10 27.67 -37.23 -6.44
C GLY C 10 26.47 -36.39 -6.06
N GLY C 11 26.69 -35.36 -5.23
CA GLY C 11 25.63 -34.44 -4.86
C GLY C 11 25.92 -33.04 -5.37
N VAL C 12 25.34 -32.04 -4.71
CA VAL C 12 25.49 -30.66 -5.14
C VAL C 12 26.97 -30.23 -5.26
N GLY C 13 27.74 -30.46 -4.21
CA GLY C 13 29.15 -30.05 -4.18
C GLY C 13 30.00 -30.79 -5.20
N GLY C 14 29.84 -32.12 -5.25
CA GLY C 14 30.61 -32.97 -6.14
C GLY C 14 30.31 -32.73 -7.61
N ILE C 15 29.03 -32.72 -7.96
CA ILE C 15 28.60 -32.46 -9.34
C ILE C 15 29.05 -31.06 -9.80
N ALA C 16 28.80 -30.05 -8.98
CA ALA C 16 29.18 -28.69 -9.33
C ALA C 16 30.69 -28.56 -9.56
N THR C 17 31.50 -29.19 -8.71
CA THR C 17 32.96 -29.10 -8.82
C THR C 17 33.46 -29.85 -10.07
N ALA C 18 32.94 -31.06 -10.28
CA ALA C 18 33.30 -31.86 -11.45
C ALA C 18 32.94 -31.15 -12.75
N TYR C 19 31.74 -30.61 -12.83
CA TYR C 19 31.27 -29.88 -14.00
C TYR C 19 32.09 -28.61 -14.25
N ASN C 20 32.33 -27.83 -13.19
CA ASN C 20 33.21 -26.67 -13.27
C ASN C 20 34.58 -27.03 -13.81
N LEU C 21 35.22 -28.05 -13.22
CA LEU C 21 36.53 -28.54 -13.65
C LEU C 21 36.52 -28.94 -15.13
N ARG C 22 35.49 -29.67 -15.54
CA ARG C 22 35.34 -30.13 -16.92
C ARG C 22 35.22 -28.98 -17.92
N ASN C 23 34.48 -27.94 -17.54
CA ASN C 23 34.27 -26.79 -18.43
C ASN C 23 35.46 -25.83 -18.47
N LEU C 24 36.24 -25.81 -17.40
CA LEU C 24 37.49 -25.04 -17.34
C LEU C 24 38.63 -25.73 -18.10
N MET C 25 38.62 -27.07 -18.10
CA MET C 25 39.73 -27.85 -18.61
C MET C 25 39.25 -29.14 -19.29
N PRO C 26 38.90 -29.06 -20.59
CA PRO C 26 38.54 -30.23 -21.40
C PRO C 26 39.60 -31.33 -21.29
N ASP C 27 40.87 -30.92 -21.29
CA ASP C 27 42.00 -31.81 -21.13
C ASP C 27 42.31 -32.02 -19.64
N LEU C 28 41.40 -32.71 -18.96
CA LEU C 28 41.57 -33.10 -17.56
C LEU C 28 40.77 -34.38 -17.29
N LYS C 29 41.41 -35.34 -16.62
CA LYS C 29 40.72 -36.58 -16.26
C LYS C 29 39.97 -36.38 -14.95
N ILE C 30 38.68 -36.73 -14.95
CA ILE C 30 37.81 -36.55 -13.80
C ILE C 30 37.07 -37.84 -13.49
N THR C 31 37.28 -38.35 -12.28
CA THR C 31 36.56 -39.51 -11.80
C THR C 31 35.65 -39.09 -10.63
N LEU C 32 34.36 -39.34 -10.79
CA LEU C 32 33.43 -39.13 -9.67
C LEU C 32 33.00 -40.46 -9.05
N ILE C 33 33.21 -40.57 -7.74
CA ILE C 33 32.85 -41.75 -6.98
C ILE C 33 31.71 -41.41 -6.02
N SER C 34 30.62 -42.17 -6.08
CA SER C 34 29.45 -41.94 -5.22
C SER C 34 28.74 -43.25 -4.88
N ASP C 35 28.24 -43.35 -3.65
CA ASP C 35 27.56 -44.56 -3.17
C ASP C 35 26.11 -44.66 -3.65
N ARG C 36 25.55 -43.55 -4.12
CA ARG C 36 24.20 -43.52 -4.70
C ARG C 36 24.29 -43.39 -6.22
N PRO C 37 23.46 -44.14 -6.97
CA PRO C 37 23.54 -44.10 -8.43
C PRO C 37 22.91 -42.85 -9.07
N TYR C 38 22.30 -41.99 -8.24
CA TYR C 38 21.60 -40.81 -8.72
C TYR C 38 22.11 -39.56 -8.01
N PHE C 39 21.98 -38.42 -8.68
CA PHE C 39 22.03 -37.13 -8.01
C PHE C 39 20.64 -36.87 -7.42
N GLY C 40 20.59 -36.47 -6.15
CA GLY C 40 19.32 -36.15 -5.51
C GLY C 40 19.21 -34.65 -5.26
N PHE C 41 18.14 -34.03 -5.78
CA PHE C 41 17.91 -32.62 -5.53
C PHE C 41 17.35 -32.39 -4.12
N THR C 42 18.29 -32.21 -3.20
CA THR C 42 18.03 -32.09 -1.77
C THR C 42 16.98 -31.04 -1.38
N PRO C 43 17.00 -29.83 -2.00
CA PRO C 43 15.94 -28.86 -1.66
C PRO C 43 14.49 -29.33 -1.91
N ALA C 44 14.31 -30.43 -2.63
CA ALA C 44 12.98 -30.98 -2.85
C ALA C 44 12.64 -32.20 -1.96
N PHE C 45 13.55 -32.56 -1.05
CA PHE C 45 13.31 -33.65 -0.10
C PHE C 45 12.17 -33.41 0.90
N PRO C 46 12.01 -32.15 1.39
CA PRO C 46 10.82 -31.89 2.21
C PRO C 46 9.51 -32.10 1.42
N HIS C 47 9.51 -31.67 0.16
CA HIS C 47 8.36 -31.88 -0.72
C HIS C 47 8.12 -33.36 -0.98
N LEU C 48 9.20 -34.13 -1.14
CA LEU C 48 9.11 -35.57 -1.32
C LEU C 48 8.48 -36.26 -0.10
N ALA C 49 8.91 -35.86 1.09
CA ALA C 49 8.34 -36.32 2.35
C ALA C 49 6.86 -35.94 2.49
N MET C 50 6.48 -34.78 1.96
CA MET C 50 5.08 -34.35 1.95
C MET C 50 4.25 -35.09 0.89
N GLY C 51 4.91 -35.87 0.04
CA GLY C 51 4.26 -36.54 -1.09
C GLY C 51 3.88 -35.56 -2.19
N TRP C 52 4.62 -34.45 -2.27
CA TRP C 52 4.39 -33.41 -3.28
C TRP C 52 5.33 -33.56 -4.47
N ARG C 53 6.19 -34.57 -4.43
CA ARG C 53 7.06 -34.92 -5.54
C ARG C 53 7.10 -36.43 -5.75
N LYS C 54 7.41 -36.83 -6.98
CA LYS C 54 7.82 -38.20 -7.27
C LYS C 54 9.35 -38.20 -7.24
N PHE C 55 9.93 -39.25 -6.67
CA PHE C 55 11.38 -39.39 -6.62
C PHE C 55 12.06 -39.20 -7.98
N GLU C 56 11.49 -39.81 -9.02
CA GLU C 56 12.05 -39.75 -10.37
C GLU C 56 12.16 -38.32 -10.94
N ASP C 57 11.34 -37.41 -10.43
CA ASP C 57 11.31 -36.04 -10.94
C ASP C 57 12.32 -35.11 -10.25
N ILE C 58 12.91 -35.57 -9.16
CA ILE C 58 13.85 -34.75 -8.37
C ILE C 58 15.21 -35.43 -8.22
N SER C 59 15.49 -36.36 -9.11
CA SER C 59 16.73 -37.12 -9.09
C SER C 59 17.20 -37.35 -10.53
N VAL C 60 18.49 -37.62 -10.68
CA VAL C 60 19.09 -37.79 -12.01
C VAL C 60 20.09 -38.96 -12.00
N PRO C 61 19.79 -40.05 -12.76
CA PRO C 61 20.74 -41.17 -12.85
C PRO C 61 22.08 -40.72 -13.43
N LEU C 62 23.17 -41.02 -12.72
CA LEU C 62 24.50 -40.51 -13.06
C LEU C 62 25.27 -41.35 -14.07
N ALA C 63 25.05 -42.67 -14.04
CA ALA C 63 25.76 -43.61 -14.92
C ALA C 63 25.57 -43.36 -16.44
N PRO C 64 24.33 -43.13 -16.91
CA PRO C 64 24.25 -42.80 -18.34
C PRO C 64 24.52 -41.32 -18.65
N LEU C 65 24.61 -40.49 -17.62
CA LEU C 65 24.76 -39.05 -17.80
C LEU C 65 26.21 -38.54 -17.80
N LEU C 66 26.97 -38.94 -16.78
CA LEU C 66 28.33 -38.40 -16.60
C LEU C 66 29.31 -38.64 -17.76
N PRO C 67 29.27 -39.83 -18.39
CA PRO C 67 30.09 -40.04 -19.60
C PRO C 67 29.80 -39.07 -20.76
N LYS C 68 28.62 -38.46 -20.78
CA LYS C 68 28.31 -37.45 -21.78
C LYS C 68 29.21 -36.21 -21.64
N PHE C 69 29.74 -36.01 -20.44
CA PHE C 69 30.63 -34.89 -20.17
C PHE C 69 32.04 -35.38 -19.90
N ASN C 70 32.32 -36.62 -20.31
CA ASN C 70 33.63 -37.26 -20.16
C ASN C 70 34.10 -37.34 -18.71
N ILE C 71 33.17 -37.65 -17.82
CA ILE C 71 33.49 -37.89 -16.41
C ILE C 71 33.23 -39.36 -16.10
N GLU C 72 34.23 -40.05 -15.55
CA GLU C 72 34.07 -41.45 -15.18
C GLU C 72 33.29 -41.56 -13.87
N PHE C 73 32.19 -42.32 -13.90
CA PHE C 73 31.37 -42.55 -12.71
C PHE C 73 31.61 -43.93 -12.12
N ILE C 74 32.02 -43.95 -10.85
CA ILE C 74 32.16 -45.19 -10.10
C ILE C 74 31.05 -45.21 -9.05
N ASN C 75 30.06 -46.06 -9.27
CA ASN C 75 28.95 -46.24 -8.33
C ASN C 75 29.37 -47.16 -7.18
N GLU C 76 30.21 -46.63 -6.30
CA GLU C 76 30.70 -47.35 -5.13
C GLU C 76 30.95 -46.35 -4.02
N LYS C 77 30.85 -46.84 -2.78
CA LYS C 77 31.22 -46.06 -1.61
C LYS C 77 32.75 -45.98 -1.53
N ALA C 78 33.28 -44.78 -1.31
CA ALA C 78 34.68 -44.61 -0.99
C ALA C 78 34.86 -44.96 0.49
N GLU C 79 35.77 -45.88 0.77
CA GLU C 79 35.96 -46.36 2.15
C GLU C 79 37.07 -45.64 2.91
N SER C 80 38.19 -45.39 2.24
CA SER C 80 39.35 -44.77 2.87
C SER C 80 40.12 -43.87 1.91
N ILE C 81 40.91 -42.95 2.49
CA ILE C 81 41.78 -42.06 1.73
C ILE C 81 43.20 -42.18 2.28
N ASP C 82 44.16 -42.44 1.39
CA ASP C 82 45.56 -42.38 1.75
C ASP C 82 46.15 -41.10 1.14
N PRO C 83 46.18 -40.01 1.93
CA PRO C 83 46.61 -38.71 1.43
C PRO C 83 48.11 -38.62 1.14
N ASP C 84 48.92 -39.46 1.79
CA ASP C 84 50.35 -39.51 1.54
C ASP C 84 50.66 -40.25 0.23
N ALA C 85 49.81 -41.22 -0.10
CA ALA C 85 49.96 -42.00 -1.33
C ALA C 85 49.17 -41.40 -2.49
N ASN C 86 48.28 -40.45 -2.18
CA ASN C 86 47.33 -39.87 -3.14
C ASN C 86 46.38 -40.92 -3.71
N THR C 87 45.74 -41.67 -2.82
CA THR C 87 44.88 -42.78 -3.21
C THR C 87 43.54 -42.74 -2.47
N VAL C 88 42.49 -43.15 -3.17
CA VAL C 88 41.21 -43.47 -2.55
C VAL C 88 40.92 -44.96 -2.74
N THR C 89 40.44 -45.63 -1.69
CA THR C 89 40.06 -47.02 -1.77
C THR C 89 38.54 -47.13 -1.63
N THR C 90 37.91 -47.79 -2.60
CA THR C 90 36.47 -48.01 -2.55
C THR C 90 36.14 -49.18 -1.61
N GLN C 91 34.84 -49.41 -1.39
CA GLN C 91 34.39 -50.50 -0.53
C GLN C 91 34.81 -51.87 -1.10
N SER C 92 34.70 -52.02 -2.41
CA SER C 92 35.07 -53.26 -3.09
C SER C 92 36.58 -53.52 -3.11
N GLY C 93 37.36 -52.52 -2.71
CA GLY C 93 38.81 -52.66 -2.61
C GLY C 93 39.58 -52.04 -3.77
N LYS C 94 38.85 -51.46 -4.72
CA LYS C 94 39.47 -50.75 -5.85
C LYS C 94 40.21 -49.51 -5.35
N LYS C 95 41.50 -49.43 -5.70
CA LYS C 95 42.32 -48.28 -5.35
C LYS C 95 42.51 -47.39 -6.56
N ILE C 96 42.08 -46.14 -6.42
CA ILE C 96 42.11 -45.16 -7.51
C ILE C 96 43.03 -44.00 -7.13
N GLU C 97 44.10 -43.82 -7.90
CA GLU C 97 45.07 -42.77 -7.64
C GLU C 97 44.62 -41.40 -8.17
N TYR C 98 44.99 -40.34 -7.46
CA TYR C 98 44.62 -38.99 -7.86
C TYR C 98 45.79 -38.03 -7.83
N ASP C 99 45.67 -36.97 -8.62
CA ASP C 99 46.56 -35.82 -8.53
C ASP C 99 45.92 -34.80 -7.59
N TYR C 100 44.60 -34.66 -7.70
CA TYR C 100 43.80 -33.82 -6.81
C TYR C 100 42.58 -34.57 -6.32
N LEU C 101 42.20 -34.29 -5.08
CA LEU C 101 41.04 -34.92 -4.48
C LEU C 101 40.05 -33.87 -4.01
N VAL C 102 38.80 -34.04 -4.41
CA VAL C 102 37.71 -33.20 -3.92
C VAL C 102 36.79 -34.06 -3.07
N ILE C 103 36.73 -33.75 -1.78
CA ILE C 103 35.83 -34.43 -0.86
C ILE C 103 34.51 -33.66 -0.72
N ALA C 104 33.44 -34.30 -1.16
CA ALA C 104 32.12 -33.70 -1.20
C ALA C 104 31.06 -34.75 -0.85
N THR C 105 31.27 -35.43 0.28
CA THR C 105 30.42 -36.53 0.72
C THR C 105 29.14 -36.09 1.45
N GLY C 106 28.99 -34.80 1.69
CA GLY C 106 27.84 -34.27 2.42
C GLY C 106 27.84 -34.67 3.89
N PRO C 107 26.69 -34.52 4.56
CA PRO C 107 26.62 -34.88 5.97
C PRO C 107 26.60 -36.38 6.23
N LYS C 108 27.27 -36.80 7.32
CA LYS C 108 26.98 -38.07 7.96
C LYS C 108 26.00 -37.73 9.08
N LEU C 109 24.85 -38.40 9.08
CA LEU C 109 23.74 -38.01 9.96
C LEU C 109 23.91 -38.61 11.35
N VAL C 110 23.77 -37.79 12.37
CA VAL C 110 23.86 -38.26 13.75
C VAL C 110 22.52 -38.01 14.43
N PHE C 111 21.87 -39.10 14.83
CA PHE C 111 20.57 -39.02 15.47
C PHE C 111 20.83 -39.00 16.98
N GLY C 112 21.24 -37.83 17.46
CA GLY C 112 21.78 -37.66 18.81
C GLY C 112 20.82 -37.82 19.98
N ALA C 113 19.53 -37.58 19.76
CA ALA C 113 18.55 -37.78 20.82
C ALA C 113 18.30 -39.28 21.02
N GLU C 114 18.15 -39.69 22.28
CA GLU C 114 17.84 -41.09 22.61
C GLU C 114 16.55 -41.49 21.91
N GLY C 115 16.61 -42.56 21.13
CA GLY C 115 15.44 -43.10 20.44
C GLY C 115 15.06 -42.40 19.14
N GLN C 116 15.86 -41.42 18.73
CA GLN C 116 15.52 -40.58 17.57
C GLN C 116 15.44 -41.36 16.26
N GLU C 117 16.50 -42.11 15.96
CA GLU C 117 16.55 -42.87 14.71
C GLU C 117 15.43 -43.90 14.56
N GLU C 118 15.02 -44.51 15.68
CA GLU C 118 13.95 -45.50 15.68
C GLU C 118 12.54 -44.92 15.78
N ASN C 119 12.40 -43.84 16.57
CA ASN C 119 11.09 -43.33 16.95
C ASN C 119 10.62 -42.10 16.16
N SER C 120 11.57 -41.38 15.57
CA SER C 120 11.27 -40.14 14.84
C SER C 120 11.28 -40.39 13.33
N THR C 121 11.14 -39.32 12.57
CA THR C 121 11.36 -39.35 11.12
C THR C 121 12.36 -38.27 10.77
N SER C 122 12.98 -38.41 9.59
CA SER C 122 13.83 -37.36 9.05
C SER C 122 13.58 -37.23 7.56
N ILE C 123 14.12 -36.16 6.98
CA ILE C 123 13.88 -35.84 5.58
C ILE C 123 15.20 -35.48 4.85
N CYS C 124 16.34 -35.84 5.45
CA CYS C 124 17.66 -35.44 4.95
C CYS C 124 18.13 -36.24 3.73
N THR C 125 17.62 -37.45 3.56
CA THR C 125 17.88 -38.24 2.35
C THR C 125 16.54 -38.62 1.74
N ALA C 126 16.55 -38.96 0.45
CA ALA C 126 15.34 -39.37 -0.25
C ALA C 126 14.73 -40.62 0.38
N GLU C 127 15.58 -41.53 0.85
CA GLU C 127 15.15 -42.76 1.49
C GLU C 127 14.37 -42.47 2.78
N HIS C 128 14.94 -41.63 3.65
CA HIS C 128 14.28 -41.20 4.89
C HIS C 128 13.00 -40.40 4.61
N ALA C 129 13.03 -39.59 3.56
CA ALA C 129 11.89 -38.74 3.18
C ALA C 129 10.69 -39.60 2.79
N LEU C 130 10.93 -40.63 1.99
CA LEU C 130 9.88 -41.53 1.56
C LEU C 130 9.29 -42.32 2.75
N GLU C 131 10.14 -42.66 3.72
CA GLU C 131 9.68 -43.27 4.97
C GLU C 131 8.78 -42.32 5.76
N THR C 132 9.12 -41.03 5.75
CA THR C 132 8.33 -40.00 6.42
C THR C 132 6.94 -39.90 5.82
N GLN C 133 6.85 -39.93 4.50
CA GLN C 133 5.56 -39.87 3.81
C GLN C 133 4.61 -40.98 4.29
N LYS C 134 5.12 -42.20 4.44
CA LYS C 134 4.33 -43.33 4.94
C LYS C 134 3.75 -42.99 6.31
N LYS C 135 4.61 -42.47 7.19
CA LYS C 135 4.22 -42.10 8.54
C LYS C 135 3.23 -40.93 8.58
N LEU C 136 3.33 -40.03 7.62
CA LEU C 136 2.37 -38.93 7.50
C LEU C 136 0.96 -39.42 7.14
N GLN C 137 0.87 -40.38 6.22
CA GLN C 137 -0.41 -40.98 5.85
C GLN C 137 -1.08 -41.63 7.05
N GLU C 138 -0.24 -42.15 7.94
CA GLU C 138 -0.67 -42.72 9.20
C GLU C 138 -1.22 -41.62 10.12
N LEU C 139 -0.57 -40.45 10.10
CA LEU C 139 -1.03 -39.29 10.88
C LEU C 139 -2.38 -38.73 10.41
N TYR C 140 -2.60 -38.69 9.09
CA TYR C 140 -3.82 -38.12 8.53
C TYR C 140 -5.04 -38.98 8.85
N ALA C 141 -4.83 -40.30 8.87
CA ALA C 141 -5.90 -41.25 9.17
C ALA C 141 -6.35 -41.14 10.62
N ASN C 142 -5.40 -40.98 11.53
CA ASN C 142 -5.70 -40.71 12.94
C ASN C 142 -4.85 -39.60 13.53
N PRO C 143 -5.34 -38.35 13.43
CA PRO C 143 -4.62 -37.17 13.90
C PRO C 143 -4.22 -37.27 15.38
N GLY C 144 -3.02 -36.76 15.67
CA GLY C 144 -2.51 -36.67 17.04
C GLY C 144 -1.47 -35.56 17.05
N PRO C 145 -0.84 -35.29 18.22
CA PRO C 145 0.17 -34.22 18.30
C PRO C 145 1.41 -34.46 17.44
N VAL C 146 1.88 -33.37 16.83
CA VAL C 146 3.07 -33.36 15.98
C VAL C 146 4.13 -32.48 16.64
N VAL C 147 5.35 -33.03 16.75
CA VAL C 147 6.49 -32.26 17.20
C VAL C 147 7.59 -32.29 16.14
N ILE C 148 8.04 -31.12 15.74
CA ILE C 148 9.08 -31.01 14.72
C ILE C 148 10.20 -30.14 15.28
N GLY C 149 11.43 -30.40 14.85
CA GLY C 149 12.48 -29.44 15.15
C GLY C 149 13.88 -29.94 14.96
N ALA C 150 14.75 -29.48 15.85
CA ALA C 150 16.20 -29.68 15.71
C ALA C 150 16.82 -29.99 17.07
N ILE C 151 17.68 -31.01 17.06
CA ILE C 151 18.41 -31.43 18.27
C ILE C 151 19.67 -30.59 18.45
N PRO C 152 20.36 -30.72 19.60
CA PRO C 152 21.61 -29.99 19.79
C PRO C 152 22.63 -30.34 18.73
N GLY C 153 23.40 -29.35 18.27
CA GLY C 153 24.46 -29.59 17.30
C GLY C 153 24.01 -29.46 15.85
N VAL C 154 22.70 -29.31 15.64
CA VAL C 154 22.15 -29.16 14.28
C VAL C 154 22.75 -27.93 13.61
N SER C 155 22.91 -28.02 12.30
CA SER C 155 23.45 -26.92 11.51
C SER C 155 22.61 -26.66 10.27
N PHE C 157 18.80 -25.90 9.70
CA PHE C 157 17.52 -25.65 10.36
C PHE C 157 16.36 -25.38 9.39
N GLY C 158 16.67 -24.77 8.25
CA GLY C 158 15.67 -24.41 7.24
C GLY C 158 14.65 -25.47 6.83
N PRO C 159 15.11 -26.70 6.48
CA PRO C 159 14.21 -27.79 6.10
C PRO C 159 13.18 -28.16 7.19
N ALA C 160 13.54 -27.97 8.46
CA ALA C 160 12.64 -28.19 9.59
C ALA C 160 11.52 -27.17 9.63
N TYR C 161 11.87 -25.90 9.47
CA TYR C 161 10.89 -24.81 9.35
C TYR C 161 9.98 -25.04 8.16
N GLU C 162 10.58 -25.37 7.01
CA GLU C 162 9.82 -25.64 5.78
C GLU C 162 8.82 -26.77 6.00
N PHE C 163 9.32 -27.89 6.51
CA PHE C 163 8.50 -29.09 6.72
C PHE C 163 7.32 -28.83 7.67
N ALA C 164 7.58 -28.10 8.75
CA ALA C 164 6.54 -27.70 9.71
C ALA C 164 5.44 -26.87 9.02
N LEU C 165 5.86 -25.86 8.26
CA LEU C 165 4.90 -25.00 7.60
C LEU C 165 4.17 -25.71 6.45
N MET C 166 4.88 -26.56 5.71
CA MET C 166 4.27 -27.38 4.67
C MET C 166 3.24 -28.36 5.25
N LEU C 167 3.59 -28.97 6.38
CA LEU C 167 2.67 -29.88 7.06
C LEU C 167 1.43 -29.15 7.56
N HIS C 168 1.61 -27.96 8.13
CA HIS C 168 0.49 -27.11 8.50
C HIS C 168 -0.42 -26.88 7.30
N TYR C 169 0.19 -26.51 6.17
CA TYR C 169 -0.53 -26.29 4.92
C TYR C 169 -1.34 -27.53 4.50
N GLU C 170 -0.71 -28.71 4.55
CA GLU C 170 -1.36 -29.96 4.15
C GLU C 170 -2.54 -30.37 5.05
N LEU C 171 -2.36 -30.20 6.36
CA LEU C 171 -3.40 -30.53 7.34
C LEU C 171 -4.58 -29.58 7.20
N LYS C 172 -4.27 -28.31 6.91
CA LYS C 172 -5.27 -27.30 6.65
C LYS C 172 -6.08 -27.62 5.39
N LYS C 173 -5.38 -28.04 4.34
CA LYS C 173 -6.05 -28.44 3.09
C LYS C 173 -6.94 -29.66 3.30
N ARG C 174 -6.51 -30.56 4.17
CA ARG C 174 -7.27 -31.76 4.52
C ARG C 174 -8.40 -31.48 5.52
N GLY C 175 -8.42 -30.27 6.07
CA GLY C 175 -9.43 -29.86 7.05
C GLY C 175 -9.28 -30.47 8.43
N ILE C 176 -8.06 -30.91 8.77
CA ILE C 176 -7.81 -31.62 10.03
C ILE C 176 -6.77 -30.95 10.93
N ARG C 177 -6.34 -29.73 10.56
CA ARG C 177 -5.36 -28.96 11.33
C ARG C 177 -5.82 -28.73 12.79
N TYR C 178 -7.13 -28.56 12.97
CA TYR C 178 -7.71 -28.34 14.30
C TYR C 178 -7.70 -29.60 15.17
N LYS C 179 -7.31 -30.73 14.57
CA LYS C 179 -7.19 -32.00 15.27
C LYS C 179 -5.72 -32.37 15.52
N VAL C 180 -4.82 -31.55 15.02
CA VAL C 180 -3.39 -31.83 15.10
C VAL C 180 -2.62 -30.69 15.77
N PRO C 181 -2.29 -30.84 17.07
CA PRO C 181 -1.38 -29.88 17.68
C PRO C 181 -0.02 -29.90 17.00
N MET C 182 0.61 -28.74 16.88
CA MET C 182 1.93 -28.63 16.30
C MET C 182 2.85 -27.83 17.20
N THR C 183 4.02 -28.40 17.47
CA THR C 183 5.03 -27.75 18.30
C THR C 183 6.38 -27.86 17.60
N PHE C 184 7.13 -26.76 17.62
CA PHE C 184 8.47 -26.69 17.03
C PHE C 184 9.48 -26.53 18.15
N ILE C 185 10.44 -27.44 18.23
CA ILE C 185 11.44 -27.38 19.30
C ILE C 185 12.82 -27.27 18.68
N THR C 186 13.58 -26.26 19.09
CA THR C 186 14.88 -26.02 18.47
C THR C 186 16.01 -25.71 19.45
N SER C 187 17.22 -26.11 19.03
CA SER C 187 18.45 -25.80 19.74
C SER C 187 18.93 -24.37 19.48
N GLU C 188 18.36 -23.71 18.46
CA GLU C 188 18.59 -22.27 18.22
C GLU C 188 18.19 -21.49 19.47
N PRO C 189 18.96 -20.43 19.82
CA PRO C 189 18.61 -19.61 20.99
C PRO C 189 17.29 -18.86 20.82
N TYR C 190 16.85 -18.70 19.56
CA TYR C 190 15.57 -18.09 19.22
C TYR C 190 15.18 -18.57 17.82
N LEU C 191 13.89 -18.52 17.50
CA LEU C 191 13.41 -18.85 16.16
C LEU C 191 14.07 -18.00 15.09
N GLY C 192 14.38 -18.60 13.94
CA GLY C 192 14.99 -17.88 12.84
C GLY C 192 16.43 -17.44 13.08
N HIS C 193 17.12 -18.17 13.95
CA HIS C 193 18.56 -17.97 14.16
C HIS C 193 19.31 -18.63 13.00
N PHE C 194 18.90 -19.86 12.68
CA PHE C 194 19.39 -20.63 11.52
C PHE C 194 20.85 -21.05 11.61
N GLY C 195 21.44 -20.93 12.79
CA GLY C 195 22.88 -21.18 12.95
C GLY C 195 23.73 -20.08 12.33
N VAL C 196 23.14 -18.90 12.10
CA VAL C 196 23.86 -17.78 11.46
C VAL C 196 23.67 -16.47 12.21
N GLY C 197 22.99 -16.55 13.36
CA GLY C 197 22.72 -15.36 14.16
C GLY C 197 21.58 -14.57 13.57
N GLY C 198 20.67 -15.26 12.86
CA GLY C 198 19.54 -14.61 12.22
C GLY C 198 19.91 -13.92 10.92
N ILE C 199 18.91 -13.65 10.10
CA ILE C 199 19.11 -12.92 8.85
C ILE C 199 18.11 -11.77 8.89
N GLY C 200 18.62 -10.55 9.02
CA GLY C 200 17.78 -9.39 9.28
C GLY C 200 16.85 -9.66 10.44
N ALA C 201 15.59 -9.25 10.30
CA ALA C 201 14.56 -9.49 11.30
C ALA C 201 13.87 -10.85 11.15
N SER C 202 14.65 -11.89 10.85
CA SER C 202 14.10 -13.24 10.67
C SER C 202 13.45 -13.79 11.95
N LYS C 203 13.94 -13.39 13.12
CA LYS C 203 13.36 -13.84 14.39
C LYS C 203 11.93 -13.35 14.55
N ARG C 204 11.72 -12.04 14.34
CA ARG C 204 10.40 -11.44 14.36
C ARG C 204 9.49 -12.04 13.27
N LEU C 205 10.04 -12.21 12.06
CA LEU C 205 9.32 -12.83 10.94
C LEU C 205 8.79 -14.23 11.27
N VAL C 206 9.67 -15.11 11.76
CA VAL C 206 9.29 -16.50 12.01
C VAL C 206 8.36 -16.61 13.22
N GLU C 207 8.61 -15.79 14.25
CA GLU C 207 7.74 -15.77 15.43
C GLU C 207 6.32 -15.39 15.03
N ASP C 208 6.19 -14.42 14.13
CA ASP C 208 4.89 -13.97 13.65
C ASP C 208 4.22 -15.01 12.76
N LEU C 209 5.00 -15.65 11.90
CA LEU C 209 4.53 -16.74 11.05
C LEU C 209 3.94 -17.88 11.87
N PHE C 210 4.68 -18.31 12.90
CA PHE C 210 4.23 -19.36 13.80
C PHE C 210 2.99 -18.96 14.61
N ALA C 211 2.96 -17.72 15.10
CA ALA C 211 1.79 -17.21 15.82
C ALA C 211 0.52 -17.24 14.95
N GLU C 212 0.67 -16.80 13.70
CA GLU C 212 -0.43 -16.77 12.74
C GLU C 212 -0.92 -18.16 12.35
N ARG C 213 -0.02 -19.14 12.37
CA ARG C 213 -0.35 -20.50 11.94
C ARG C 213 -0.50 -21.48 13.11
N ASN C 214 -0.59 -20.93 14.33
CA ASN C 214 -0.72 -21.69 15.59
C ASN C 214 0.27 -22.83 15.71
N ILE C 215 1.53 -22.54 15.37
CA ILE C 215 2.61 -23.49 15.62
C ILE C 215 3.26 -23.07 16.94
N ASP C 216 3.04 -23.87 17.97
CA ASP C 216 3.68 -23.63 19.27
C ASP C 216 5.18 -23.84 19.11
N TRP C 217 5.98 -23.15 19.90
CA TRP C 217 7.44 -23.33 19.80
C TRP C 217 8.18 -23.23 21.12
N ILE C 218 9.33 -23.90 21.16
CA ILE C 218 10.23 -23.88 22.31
C ILE C 218 11.64 -23.78 21.73
N ALA C 219 12.32 -22.69 22.02
CA ALA C 219 13.68 -22.48 21.53
C ALA C 219 14.66 -22.48 22.70
N ASN C 220 15.96 -22.60 22.40
CA ASN C 220 17.04 -22.53 23.39
C ASN C 220 17.02 -23.73 24.36
N VAL C 221 16.60 -24.89 23.85
CA VAL C 221 16.56 -26.13 24.65
C VAL C 221 17.23 -27.29 23.91
N ALA C 222 17.54 -28.34 24.66
CA ALA C 222 18.20 -29.51 24.10
C ALA C 222 17.24 -30.69 24.08
N VAL C 223 16.78 -31.08 22.89
CA VAL C 223 15.99 -32.30 22.74
C VAL C 223 16.87 -33.49 23.09
N LYS C 224 16.47 -34.24 24.11
CA LYS C 224 17.30 -35.29 24.69
C LYS C 224 16.81 -36.70 24.35
N ALA C 225 15.50 -36.84 24.16
CA ALA C 225 14.92 -38.15 23.83
C ALA C 225 13.66 -38.00 23.00
N ILE C 226 13.52 -38.89 22.03
CA ILE C 226 12.27 -39.00 21.29
C ILE C 226 11.72 -40.40 21.52
N GLU C 227 10.63 -40.44 22.28
CA GLU C 227 9.90 -41.66 22.58
C GLU C 227 8.74 -41.84 21.59
N PRO C 228 8.17 -43.06 21.50
CA PRO C 228 7.01 -43.21 20.60
C PRO C 228 5.83 -42.29 20.96
N ASP C 229 5.75 -41.84 22.21
CA ASP C 229 4.59 -41.07 22.68
C ASP C 229 4.92 -39.64 23.12
N LYS C 230 6.19 -39.31 23.26
CA LYS C 230 6.62 -37.98 23.68
C LYS C 230 8.01 -37.57 23.18
N VAL C 231 8.29 -36.28 23.30
CA VAL C 231 9.60 -35.70 23.04
C VAL C 231 10.09 -35.10 24.35
N ILE C 232 11.30 -35.44 24.75
CA ILE C 232 11.84 -34.95 26.01
C ILE C 232 12.98 -33.97 25.72
N TYR C 233 12.90 -32.78 26.32
CA TYR C 233 13.93 -31.75 26.12
C TYR C 233 14.38 -31.16 27.45
N GLU C 234 15.58 -30.57 27.45
CA GLU C 234 16.18 -30.02 28.65
C GLU C 234 16.48 -28.53 28.46
N ASP C 235 16.10 -27.71 29.43
CA ASP C 235 16.40 -26.28 29.36
C ASP C 235 17.75 -25.97 29.99
N LEU C 236 18.15 -24.70 29.97
CA LEU C 236 19.47 -24.28 30.44
C LEU C 236 19.68 -24.39 31.95
N ASN C 237 18.58 -24.45 32.70
CA ASN C 237 18.64 -24.67 34.15
C ASN C 237 18.88 -26.14 34.47
N GLY C 238 18.80 -26.99 33.45
CA GLY C 238 18.93 -28.44 33.61
C GLY C 238 17.61 -29.11 33.92
N ASN C 239 16.52 -28.34 33.90
CA ASN C 239 15.18 -28.90 34.06
C ASN C 239 14.72 -29.62 32.80
N THR C 240 14.13 -30.79 33.00
CA THR C 240 13.63 -31.61 31.91
C THR C 240 12.12 -31.44 31.73
N HIS C 241 11.68 -31.42 30.47
CA HIS C 241 10.26 -31.29 30.13
C HIS C 241 9.87 -32.28 29.05
N GLU C 242 8.58 -32.61 29.00
CA GLU C 242 8.05 -33.52 27.98
C GLU C 242 6.89 -32.87 27.24
N VAL C 243 6.74 -33.26 25.98
CA VAL C 243 5.68 -32.79 25.11
C VAL C 243 5.09 -34.03 24.42
N PRO C 244 3.74 -34.17 24.44
CA PRO C 244 3.13 -35.33 23.78
C PRO C 244 3.36 -35.29 22.26
N ALA C 245 3.55 -36.46 21.65
CA ALA C 245 3.81 -36.53 20.22
C ALA C 245 3.42 -37.88 19.64
N LYS C 246 2.55 -37.86 18.63
CA LYS C 246 2.19 -39.05 17.87
C LYS C 246 3.10 -39.19 16.65
N PHE C 247 3.46 -38.05 16.06
CA PHE C 247 4.35 -37.97 14.91
C PHE C 247 5.44 -36.94 15.18
N THR C 248 6.69 -37.30 14.88
CA THR C 248 7.80 -36.35 15.01
C THR C 248 8.67 -36.34 13.75
N MET C 249 9.30 -35.21 13.51
CA MET C 249 10.29 -35.08 12.46
C MET C 249 11.37 -34.16 13.00
N PHE C 250 12.54 -34.75 13.29
CA PHE C 250 13.66 -33.97 13.79
C PHE C 250 14.85 -34.04 12.87
N MET C 251 15.58 -32.93 12.80
CA MET C 251 16.84 -32.84 12.09
C MET C 251 17.94 -33.49 12.92
N PRO C 252 18.73 -34.38 12.30
CA PRO C 252 19.92 -34.90 12.96
C PRO C 252 21.02 -33.85 12.91
N SER C 253 22.04 -34.00 13.75
CA SER C 253 23.24 -33.18 13.61
C SER C 253 24.13 -33.84 12.56
N PHE C 254 25.13 -33.11 12.08
CA PHE C 254 26.03 -33.63 11.05
C PHE C 254 27.41 -33.87 11.63
N GLN C 255 28.08 -34.91 11.14
CA GLN C 255 29.52 -35.06 11.35
C GLN C 255 30.14 -35.53 10.04
N GLY C 256 31.47 -35.62 10.00
CA GLY C 256 32.15 -36.12 8.81
C GLY C 256 32.13 -37.64 8.77
N PRO C 257 32.36 -38.22 7.58
CA PRO C 257 32.31 -39.67 7.37
C PRO C 257 33.61 -40.35 7.78
N GLU C 258 33.57 -41.68 7.87
CA GLU C 258 34.75 -42.45 8.22
C GLU C 258 35.82 -42.42 7.12
N VAL C 259 35.39 -42.24 5.88
CA VAL C 259 36.30 -42.07 4.75
C VAL C 259 37.23 -40.85 4.95
N VAL C 260 36.68 -39.78 5.52
CA VAL C 260 37.48 -38.59 5.86
C VAL C 260 38.35 -38.86 7.08
N ALA C 261 37.76 -39.52 8.09
CA ALA C 261 38.47 -39.96 9.30
C ALA C 261 39.68 -40.86 8.99
N SER C 262 39.59 -41.61 7.89
CA SER C 262 40.66 -42.55 7.50
C SER C 262 41.94 -41.85 7.06
N ALA C 263 41.80 -40.63 6.53
CA ALA C 263 42.95 -39.75 6.32
C ALA C 263 43.43 -39.28 7.70
N GLY C 264 44.51 -38.52 7.77
CA GLY C 264 45.07 -38.13 9.07
C GLY C 264 44.20 -37.19 9.90
N ASP C 265 44.70 -36.83 11.09
CA ASP C 265 44.11 -35.76 11.89
C ASP C 265 44.47 -34.38 11.32
N LYS C 266 45.22 -34.39 10.23
CA LYS C 266 45.51 -33.17 9.47
C LYS C 266 44.46 -32.96 8.38
N VAL C 267 43.60 -33.95 8.18
CA VAL C 267 42.53 -33.88 7.18
C VAL C 267 41.14 -33.92 7.84
N ALA C 268 40.96 -34.81 8.79
CA ALA C 268 39.69 -34.97 9.51
C ALA C 268 39.73 -34.21 10.83
N ASN C 269 38.91 -33.17 10.93
CA ASN C 269 38.84 -32.36 12.14
C ASN C 269 38.57 -33.25 13.34
N PRO C 270 39.46 -33.21 14.35
CA PRO C 270 39.40 -34.12 15.50
C PRO C 270 38.08 -34.08 16.27
N ALA C 271 37.37 -32.95 16.21
CA ALA C 271 36.15 -32.78 16.99
C ALA C 271 34.88 -33.33 16.31
N ASN C 272 34.84 -33.27 14.97
CA ASN C 272 33.63 -33.60 14.21
C ASN C 272 33.84 -34.42 12.93
N LYS C 273 35.10 -34.80 12.68
CA LYS C 273 35.51 -35.55 11.47
C LYS C 273 35.23 -34.87 10.13
N MET C 274 34.92 -33.57 10.14
CA MET C 274 34.72 -32.85 8.89
C MET C 274 36.07 -32.44 8.28
N VAL C 275 36.07 -32.18 6.97
CA VAL C 275 37.31 -31.90 6.25
C VAL C 275 37.90 -30.55 6.67
N ILE C 276 39.14 -30.59 7.16
CA ILE C 276 39.87 -29.38 7.50
C ILE C 276 40.25 -28.63 6.22
N VAL C 277 39.76 -27.40 6.10
CA VAL C 277 40.02 -26.56 4.93
C VAL C 277 40.44 -25.16 5.35
N ASN C 278 41.13 -24.46 4.46
CA ASN C 278 41.45 -23.05 4.65
C ASN C 278 40.45 -22.14 3.91
N ARG C 279 40.79 -20.85 3.78
CA ARG C 279 39.92 -19.89 3.08
C ARG C 279 39.66 -20.24 1.62
N CYS C 280 40.60 -20.97 1.02
CA CYS C 280 40.50 -21.41 -0.36
C CYS C 280 39.90 -22.82 -0.46
N PHE C 281 39.31 -23.27 0.66
CA PHE C 281 38.69 -24.59 0.79
C PHE C 281 39.62 -25.75 0.42
N GLN C 282 40.90 -25.53 0.71
CA GLN C 282 41.99 -26.45 0.46
C GLN C 282 42.52 -26.92 1.81
N ASN C 283 42.92 -28.19 1.89
CA ASN C 283 43.53 -28.69 3.12
C ASN C 283 44.88 -28.00 3.36
N PRO C 284 45.09 -27.47 4.58
CA PRO C 284 46.35 -26.80 4.95
C PRO C 284 47.63 -27.62 4.80
N THR C 285 47.55 -28.95 4.95
CA THR C 285 48.75 -29.79 4.92
C THR C 285 48.92 -30.57 3.59
N TYR C 286 47.83 -31.16 3.11
CA TYR C 286 47.81 -31.83 1.81
C TYR C 286 47.17 -30.88 0.81
N LYS C 287 48.03 -30.16 0.08
CA LYS C 287 47.60 -29.07 -0.78
C LYS C 287 46.77 -29.51 -1.99
N ASN C 288 46.82 -30.81 -2.31
CA ASN C 288 46.03 -31.36 -3.41
C ASN C 288 44.67 -31.92 -2.98
N ILE C 289 44.32 -31.69 -1.72
CA ILE C 289 43.00 -32.08 -1.21
C ILE C 289 42.15 -30.85 -0.95
N PHE C 290 40.92 -30.88 -1.46
CA PHE C 290 39.95 -29.80 -1.29
C PHE C 290 38.64 -30.36 -0.73
N GLY C 291 37.96 -29.57 0.10
CA GLY C 291 36.64 -29.95 0.58
C GLY C 291 35.60 -29.03 -0.03
N VAL C 292 34.47 -29.61 -0.44
CA VAL C 292 33.34 -28.85 -0.99
C VAL C 292 32.04 -29.34 -0.36
N GLY C 293 31.27 -28.40 0.21
CA GLY C 293 29.93 -28.69 0.71
C GLY C 293 29.81 -28.83 2.23
N VAL C 294 28.77 -29.54 2.64
CA VAL C 294 28.44 -29.77 4.06
C VAL C 294 29.58 -30.47 4.83
N VAL C 295 30.35 -31.30 4.14
CA VAL C 295 31.44 -32.05 4.75
C VAL C 295 32.62 -31.17 5.23
N THR C 296 32.64 -29.90 4.84
CA THR C 296 33.74 -29.00 5.21
C THR C 296 33.60 -28.53 6.65
N ALA C 297 34.72 -28.48 7.37
CA ALA C 297 34.71 -27.97 8.75
C ALA C 297 34.78 -26.44 8.75
N ILE C 298 33.65 -25.82 9.09
CA ILE C 298 33.56 -24.37 9.21
C ILE C 298 33.15 -24.06 10.66
N PRO C 299 33.92 -23.22 11.36
CA PRO C 299 33.59 -22.89 12.75
C PRO C 299 32.19 -22.26 12.86
N PRO C 300 31.47 -22.53 13.98
CA PRO C 300 30.16 -21.91 14.17
C PRO C 300 30.27 -20.39 14.20
N ILE C 301 29.26 -19.72 13.64
CA ILE C 301 29.20 -18.26 13.64
C ILE C 301 29.09 -17.74 15.07
N GLU C 302 28.37 -18.50 15.89
CA GLU C 302 28.07 -18.12 17.25
C GLU C 302 28.11 -19.36 18.13
N LYS C 303 28.79 -19.27 19.26
CA LYS C 303 28.71 -20.27 20.33
C LYS C 303 27.40 -20.05 21.08
N THR C 304 26.38 -20.84 20.73
CA THR C 304 25.05 -20.68 21.30
C THR C 304 24.92 -21.50 22.60
N PRO C 305 24.05 -21.08 23.53
CA PRO C 305 23.83 -21.81 24.79
C PRO C 305 23.62 -23.31 24.58
N ILE C 306 22.75 -23.68 23.65
CA ILE C 306 22.66 -25.06 23.16
C ILE C 306 23.45 -25.08 21.85
N PRO C 307 24.47 -25.95 21.74
CA PRO C 307 25.35 -25.93 20.57
C PRO C 307 24.57 -26.00 19.24
N THR C 308 24.95 -25.13 18.32
CA THR C 308 24.42 -25.15 16.95
C THR C 308 25.61 -24.95 15.99
N GLY C 309 25.44 -25.36 14.74
CA GLY C 309 26.47 -25.15 13.72
C GLY C 309 25.98 -24.29 12.56
N VAL C 310 26.91 -23.94 11.68
CA VAL C 310 26.64 -23.14 10.48
C VAL C 310 26.11 -24.00 9.32
N PRO C 311 25.03 -23.56 8.64
CA PRO C 311 24.60 -24.26 7.44
C PRO C 311 25.53 -24.02 6.26
N LYS C 312 25.65 -25.02 5.40
CA LYS C 312 26.25 -24.84 4.08
C LYS C 312 25.12 -24.99 3.08
N THR C 313 24.63 -23.85 2.59
CA THR C 313 23.51 -23.80 1.67
C THR C 313 23.98 -24.03 0.24
N GLY C 314 23.02 -24.29 -0.65
CA GLY C 314 23.28 -24.52 -2.07
C GLY C 314 24.17 -23.49 -2.73
N MET C 315 23.82 -22.21 -2.56
CA MET C 315 24.59 -21.12 -3.15
C MET C 315 26.01 -21.08 -2.59
N MET C 316 26.14 -21.21 -1.26
CA MET C 316 27.45 -21.30 -0.61
C MET C 316 28.28 -22.43 -1.22
N ILE C 317 27.64 -23.58 -1.43
CA ILE C 317 28.32 -24.75 -1.97
C ILE C 317 28.71 -24.59 -3.46
N GLU C 318 27.85 -23.96 -4.25
CA GLU C 318 28.16 -23.64 -5.64
C GLU C 318 29.35 -22.68 -5.71
N GLN C 319 29.44 -21.75 -4.76
CA GLN C 319 30.56 -20.83 -4.71
C GLN C 319 31.86 -21.54 -4.30
N MET C 320 31.78 -22.45 -3.33
CA MET C 320 32.91 -23.31 -2.96
C MET C 320 33.40 -24.09 -4.16
N ALA C 321 32.46 -24.71 -4.89
CA ALA C 321 32.76 -25.52 -6.06
C ALA C 321 33.47 -24.70 -7.14
N MET C 322 33.01 -23.46 -7.34
CA MET C 322 33.63 -22.53 -8.28
C MET C 322 35.07 -22.21 -7.87
N ALA C 323 35.25 -21.84 -6.61
CA ALA C 323 36.58 -21.53 -6.06
C ALA C 323 37.52 -22.72 -6.16
N VAL C 324 37.08 -23.89 -5.67
CA VAL C 324 37.91 -25.10 -5.70
C VAL C 324 38.33 -25.46 -7.13
N ALA C 325 37.38 -25.45 -8.07
CA ALA C 325 37.68 -25.75 -9.48
C ALA C 325 38.75 -24.80 -10.04
N HIS C 326 38.57 -23.50 -9.83
CA HIS C 326 39.59 -22.53 -10.25
C HIS C 326 40.91 -22.76 -9.53
N ASN C 327 40.86 -23.15 -8.26
CA ASN C 327 42.08 -23.38 -7.50
C ASN C 327 42.90 -24.57 -8.01
N ILE C 328 42.21 -25.64 -8.38
CA ILE C 328 42.85 -26.84 -8.94
C ILE C 328 43.44 -26.55 -10.33
N VAL C 329 42.63 -25.97 -11.21
CA VAL C 329 43.06 -25.61 -12.56
C VAL C 329 44.27 -24.66 -12.55
N ASN C 330 44.21 -23.65 -11.69
CA ASN C 330 45.32 -22.70 -11.56
C ASN C 330 46.60 -23.33 -11.05
N ASP C 331 46.49 -24.30 -10.15
CA ASP C 331 47.64 -25.06 -9.65
C ASP C 331 48.25 -25.90 -10.76
N ILE C 332 47.39 -26.57 -11.52
CA ILE C 332 47.81 -27.37 -12.69
C ILE C 332 48.61 -26.52 -13.67
N ARG C 333 48.13 -25.31 -13.92
CA ARG C 333 48.72 -24.43 -14.93
C ARG C 333 49.78 -23.50 -14.34
N ASN C 334 50.10 -23.69 -13.06
CA ASN C 334 51.07 -22.83 -12.35
C ASN C 334 50.69 -21.34 -12.39
N ASN C 335 49.40 -21.09 -12.22
CA ASN C 335 48.87 -19.75 -12.05
C ASN C 335 48.77 -19.54 -10.54
N PRO C 336 49.44 -18.50 -10.00
CA PRO C 336 49.50 -18.33 -8.55
C PRO C 336 48.19 -17.79 -7.92
N ASP C 337 47.26 -17.32 -8.75
CA ASP C 337 45.97 -16.83 -8.27
C ASP C 337 45.10 -17.93 -7.66
N LYS C 338 44.65 -17.68 -6.43
CA LYS C 338 43.74 -18.60 -5.73
C LYS C 338 42.49 -17.84 -5.27
N TYR C 339 41.38 -18.57 -5.15
CA TYR C 339 40.08 -17.98 -4.88
C TYR C 339 39.44 -18.48 -3.60
N ALA C 340 38.83 -17.55 -2.87
CA ALA C 340 37.95 -17.87 -1.76
C ALA C 340 36.51 -17.64 -2.23
N PRO C 341 35.58 -18.53 -1.84
CA PRO C 341 34.19 -18.24 -2.15
C PRO C 341 33.69 -17.11 -1.26
N ARG C 342 32.77 -16.31 -1.79
CA ARG C 342 32.12 -15.26 -1.02
C ARG C 342 31.30 -15.84 0.14
N LEU C 343 30.67 -16.98 -0.10
CA LEU C 343 29.83 -17.65 0.90
C LEU C 343 28.63 -16.76 1.26
N SER C 344 28.01 -16.20 0.22
CA SER C 344 26.74 -15.52 0.36
C SER C 344 25.66 -16.55 0.07
N ALA C 345 24.41 -16.24 0.36
CA ALA C 345 23.34 -17.21 0.13
C ALA C 345 22.00 -16.55 -0.17
N ILE C 346 21.36 -17.05 -1.23
CA ILE C 346 19.93 -16.89 -1.45
C ILE C 346 19.30 -18.18 -0.97
N ILE C 348 15.48 -20.02 0.08
CA ILE C 348 14.02 -19.94 0.05
C ILE C 348 13.41 -21.08 0.84
N ALA C 349 12.63 -20.71 1.86
CA ALA C 349 11.94 -21.67 2.70
C ALA C 349 10.49 -21.79 2.22
N ASP C 350 10.20 -22.89 1.54
CA ASP C 350 8.87 -23.13 0.99
C ASP C 350 7.91 -23.53 2.12
N PHE C 351 6.76 -22.88 2.17
CA PHE C 351 5.79 -23.10 3.23
C PHE C 351 4.51 -23.77 2.73
N GLY C 352 4.44 -24.03 1.42
CA GLY C 352 3.25 -24.63 0.82
C GLY C 352 2.84 -23.91 -0.44
N GLU C 353 2.06 -22.84 -0.30
CA GLU C 353 1.68 -21.98 -1.42
C GLU C 353 2.44 -20.65 -1.40
N ASP C 354 3.05 -20.35 -0.26
CA ASP C 354 3.92 -19.18 -0.13
C ASP C 354 5.27 -19.59 0.47
N ALA C 355 6.19 -18.64 0.56
CA ALA C 355 7.56 -18.95 0.96
C ALA C 355 8.32 -17.78 1.55
N GLY C 356 9.30 -18.08 2.40
CA GLY C 356 10.21 -17.09 2.94
C GLY C 356 11.43 -16.97 2.03
N PHE C 357 11.77 -15.74 1.67
CA PHE C 357 12.97 -15.48 0.88
C PHE C 357 14.01 -14.78 1.75
N PHE C 358 15.17 -15.42 1.86
CA PHE C 358 16.26 -14.89 2.64
C PHE C 358 17.47 -14.71 1.72
N PHE C 359 18.10 -13.55 1.80
CA PHE C 359 19.39 -13.32 1.18
C PHE C 359 20.35 -12.79 2.25
N ALA C 360 21.52 -13.42 2.37
CA ALA C 360 22.55 -12.95 3.28
C ALA C 360 23.90 -12.82 2.59
N ASP C 361 24.52 -11.65 2.71
CA ASP C 361 25.77 -11.37 2.03
C ASP C 361 26.79 -10.67 2.92
N PRO C 362 27.79 -11.43 3.42
CA PRO C 362 27.88 -12.88 3.36
C PRO C 362 26.99 -13.54 4.43
N VAL C 363 26.96 -14.87 4.46
CA VAL C 363 26.18 -15.60 5.45
C VAL C 363 26.79 -15.42 6.84
N ILE C 364 28.12 -15.41 6.90
CA ILE C 364 28.85 -15.24 8.14
C ILE C 364 29.03 -13.74 8.40
N PRO C 365 28.47 -13.24 9.53
CA PRO C 365 28.54 -11.81 9.89
C PRO C 365 29.98 -11.34 10.16
N PRO C 366 30.24 -10.02 10.09
CA PRO C 366 29.26 -8.97 9.80
C PRO C 366 28.85 -8.98 8.32
N ARG C 367 27.62 -8.56 8.06
CA ARG C 367 27.06 -8.62 6.71
C ARG C 367 27.05 -7.26 6.03
N GLU C 368 27.25 -7.29 4.72
CA GLU C 368 27.11 -6.10 3.90
C GLU C 368 25.62 -5.81 3.70
N ARG C 369 24.84 -6.87 3.50
CA ARG C 369 23.46 -6.75 3.03
C ARG C 369 22.63 -8.00 3.37
N VAL C 370 21.37 -7.79 3.78
CA VAL C 370 20.39 -8.88 3.88
C VAL C 370 19.07 -8.51 3.20
N ILE C 371 18.35 -9.53 2.78
CA ILE C 371 16.97 -9.38 2.31
C ILE C 371 16.11 -10.43 2.99
N THR C 372 15.02 -9.98 3.63
CA THR C 372 14.07 -10.89 4.24
C THR C 372 12.67 -10.54 3.76
N LYS C 373 12.13 -11.41 2.91
CA LYS C 373 10.82 -11.18 2.31
C LYS C 373 10.00 -12.46 2.36
N MET C 374 8.71 -12.32 2.14
CA MET C 374 7.80 -13.45 2.12
C MET C 374 6.67 -13.16 1.16
N GLY C 375 6.19 -14.19 0.48
CA GLY C 375 5.08 -14.05 -0.46
C GLY C 375 4.92 -15.28 -1.32
N LYS C 376 3.85 -15.29 -2.12
CA LYS C 376 3.58 -16.37 -3.05
C LYS C 376 4.67 -16.48 -4.11
N TRP C 377 5.18 -15.34 -4.56
CA TRP C 377 6.23 -15.27 -5.58
C TRP C 377 7.46 -16.13 -5.24
N ALA C 378 7.78 -16.20 -3.95
CA ALA C 378 8.95 -16.92 -3.49
C ALA C 378 8.76 -18.42 -3.63
N HIS C 379 7.51 -18.88 -3.50
CA HIS C 379 7.17 -20.29 -3.68
C HIS C 379 7.35 -20.73 -5.13
N TYR C 380 6.91 -19.88 -6.05
CA TYR C 380 7.03 -20.16 -7.48
C TYR C 380 8.48 -20.10 -7.93
N PHE C 381 9.23 -19.18 -7.34
CA PHE C 381 10.67 -19.11 -7.55
C PHE C 381 11.37 -20.40 -7.09
N LYS C 382 10.95 -20.93 -5.93
CA LYS C 382 11.46 -22.21 -5.42
C LYS C 382 11.26 -23.31 -6.45
N THR C 383 10.02 -23.47 -6.91
CA THR C 383 9.68 -24.48 -7.94
C THR C 383 10.46 -24.26 -9.25
N ALA C 384 10.54 -23.01 -9.69
CA ALA C 384 11.27 -22.64 -10.90
C ALA C 384 12.76 -22.96 -10.80
N PHE C 385 13.37 -22.64 -9.65
CA PHE C 385 14.78 -22.96 -9.44
C PHE C 385 15.03 -24.48 -9.40
N GLU C 386 14.06 -25.24 -8.89
CA GLU C 386 14.16 -26.70 -8.90
C GLU C 386 14.28 -27.22 -10.33
N LYS C 387 13.42 -26.71 -11.21
CA LYS C 387 13.43 -27.10 -12.62
C LYS C 387 14.75 -26.70 -13.28
N TYR C 388 15.16 -25.45 -13.02
CA TYR C 388 16.40 -24.90 -13.54
C TYR C 388 17.63 -25.72 -13.12
N PHE C 389 17.78 -25.96 -11.83
CA PHE C 389 18.96 -26.68 -11.33
C PHE C 389 19.05 -28.11 -11.87
N LEU C 390 17.92 -28.80 -11.92
CA LEU C 390 17.88 -30.16 -12.45
C LEU C 390 18.31 -30.19 -13.92
N TRP C 391 17.88 -29.16 -14.67
CA TRP C 391 18.29 -29.00 -16.06
C TRP C 391 19.81 -28.85 -16.16
N LYS C 392 20.40 -28.08 -15.23
CA LYS C 392 21.84 -27.85 -15.20
C LYS C 392 22.65 -29.14 -14.97
N VAL C 393 22.14 -30.00 -14.08
CA VAL C 393 22.75 -31.31 -13.81
C VAL C 393 22.69 -32.17 -15.07
N ARG C 394 21.55 -32.15 -15.75
CA ARG C 394 21.36 -32.94 -16.95
C ARG C 394 22.09 -32.38 -18.17
N ASN C 395 22.46 -31.10 -18.12
CA ASN C 395 23.10 -30.45 -19.27
C ASN C 395 24.58 -30.07 -19.12
N GLY C 396 25.21 -30.49 -18.03
CA GLY C 396 26.66 -30.40 -17.89
C GLY C 396 27.28 -29.07 -17.54
N ASN C 397 26.47 -28.13 -17.03
CA ASN C 397 27.00 -26.85 -16.57
C ASN C 397 26.18 -26.32 -15.41
N ILE C 398 26.81 -26.29 -14.24
CA ILE C 398 26.17 -25.81 -13.02
C ILE C 398 26.45 -24.30 -12.86
N ALA C 399 27.34 -23.77 -13.70
CA ALA C 399 27.64 -22.34 -13.66
C ALA C 399 27.60 -21.64 -15.04
N PRO C 400 26.42 -21.61 -15.69
CA PRO C 400 26.34 -20.90 -16.96
C PRO C 400 26.66 -19.42 -16.75
N SER C 401 27.37 -18.83 -17.70
CA SER C 401 27.85 -17.44 -17.60
C SER C 401 26.77 -16.45 -17.19
N PHE C 402 25.59 -16.57 -17.80
CA PHE C 402 24.48 -15.64 -17.55
C PHE C 402 23.99 -15.64 -16.11
N GLU C 403 24.11 -16.78 -15.42
CA GLU C 403 23.63 -16.90 -14.04
C GLU C 403 24.38 -15.93 -13.14
N GLU C 404 25.71 -15.97 -13.20
CA GLU C 404 26.54 -15.04 -12.44
C GLU C 404 26.20 -13.58 -12.77
N LYS C 405 25.98 -13.29 -14.05
CA LYS C 405 25.62 -11.93 -14.48
C LYS C 405 24.28 -11.49 -13.88
N VAL C 406 23.27 -12.37 -13.97
CA VAL C 406 21.95 -12.12 -13.39
C VAL C 406 22.01 -11.86 -11.87
N LEU C 407 22.77 -12.67 -11.15
CA LEU C 407 22.94 -12.50 -9.71
C LEU C 407 23.69 -11.21 -9.38
N GLU C 408 24.60 -10.82 -10.26
CA GLU C 408 25.31 -9.55 -10.11
C GLU C 408 24.36 -8.39 -10.36
N ILE C 409 23.57 -8.50 -11.43
CA ILE C 409 22.60 -7.45 -11.81
C ILE C 409 21.58 -7.20 -10.69
N PHE C 410 21.03 -8.29 -10.15
CA PHE C 410 19.96 -8.22 -9.17
C PHE C 410 20.41 -8.03 -7.72
N LEU C 411 21.51 -8.67 -7.35
CA LEU C 411 21.90 -8.77 -5.95
C LEU C 411 23.35 -8.35 -5.66
N LYS C 412 24.04 -7.84 -6.67
CA LYS C 412 25.45 -7.42 -6.56
C LYS C 412 26.37 -8.54 -6.07
N VAL C 413 26.02 -9.78 -6.42
CA VAL C 413 26.78 -10.94 -5.97
C VAL C 413 28.01 -11.19 -6.83
N HIS C 414 29.15 -11.38 -6.16
CA HIS C 414 30.35 -11.88 -6.80
C HIS C 414 30.72 -13.17 -6.07
N PRO C 415 30.55 -14.33 -6.74
CA PRO C 415 30.62 -15.63 -6.05
C PRO C 415 31.99 -15.96 -5.44
N ILE C 416 33.06 -15.51 -6.08
CA ILE C 416 34.41 -15.84 -5.64
C ILE C 416 35.30 -14.59 -5.66
N GLU C 417 36.25 -14.55 -4.73
CA GLU C 417 37.17 -13.43 -4.59
C GLU C 417 38.60 -13.95 -4.70
N LEU C 418 39.44 -13.18 -5.38
CA LEU C 418 40.87 -13.43 -5.38
C LEU C 418 41.35 -13.35 -3.93
N CYS C 419 42.01 -14.40 -3.46
CA CYS C 419 42.45 -14.48 -2.07
C CYS C 419 43.97 -14.42 -1.99
N LYS C 420 44.49 -13.31 -1.47
CA LYS C 420 45.94 -13.08 -1.40
C LYS C 420 46.65 -14.00 -0.39
N ASP C 421 45.90 -14.54 0.56
CA ASP C 421 46.44 -15.46 1.56
C ASP C 421 45.36 -16.45 2.01
N CYS C 422 45.48 -17.70 1.58
CA CYS C 422 44.49 -18.75 1.92
C CYS C 422 44.53 -19.18 3.39
N GLU C 423 45.68 -19.01 4.04
CA GLU C 423 45.83 -19.37 5.47
C GLU C 423 44.81 -18.67 6.36
N GLY C 424 43.97 -19.47 7.03
CA GLY C 424 42.90 -18.97 7.88
C GLY C 424 41.70 -19.90 7.79
N ALA C 425 40.74 -19.73 8.71
CA ALA C 425 39.51 -20.52 8.70
C ALA C 425 38.65 -20.20 7.47
N PRO C 426 37.92 -21.19 6.95
CA PRO C 426 37.03 -20.88 5.84
C PRO C 426 35.97 -19.87 6.30
N GLY C 427 35.63 -18.92 5.44
CA GLY C 427 34.65 -17.89 5.79
C GLY C 427 35.26 -16.64 6.44
N SER C 428 36.49 -16.75 6.94
CA SER C 428 37.21 -15.58 7.44
C SER C 428 37.71 -14.75 6.26
N ARG C 429 37.73 -13.43 6.41
CA ARG C 429 38.03 -12.54 5.29
C ARG C 429 39.54 -12.47 5.02
N CYS C 430 39.93 -12.71 3.76
CA CYS C 430 41.32 -12.52 3.33
C CYS C 430 41.46 -11.26 2.50
N ALA D 2 20.84 -37.59 -45.35
CA ALA D 2 19.59 -37.10 -44.68
C ALA D 2 19.00 -35.89 -45.41
N LYS D 3 17.79 -35.51 -45.01
CA LYS D 3 17.11 -34.34 -45.60
C LYS D 3 17.86 -33.05 -45.28
N HIS D 4 17.61 -32.01 -46.07
CA HIS D 4 18.38 -30.78 -45.99
C HIS D 4 17.48 -29.56 -45.87
N VAL D 5 17.67 -28.80 -44.80
CA VAL D 5 16.95 -27.54 -44.64
C VAL D 5 17.91 -26.35 -44.74
N VAL D 6 17.55 -25.39 -45.59
CA VAL D 6 18.24 -24.12 -45.63
C VAL D 6 17.44 -23.09 -44.83
N VAL D 7 18.15 -22.36 -43.98
CA VAL D 7 17.57 -21.27 -43.21
C VAL D 7 18.21 -19.99 -43.73
N ILE D 8 17.41 -19.06 -44.20
CA ILE D 8 17.95 -17.77 -44.61
C ILE D 8 17.75 -16.73 -43.51
N GLY D 9 18.86 -16.27 -42.94
CA GLY D 9 18.84 -15.22 -41.92
C GLY D 9 19.50 -15.69 -40.64
N GLY D 10 20.50 -14.93 -40.18
CA GLY D 10 21.21 -15.25 -38.93
C GLY D 10 20.78 -14.36 -37.77
N GLY D 11 19.47 -14.24 -37.58
CA GLY D 11 18.92 -13.47 -36.49
C GLY D 11 18.10 -14.36 -35.58
N VAL D 12 17.14 -13.74 -34.88
CA VAL D 12 16.32 -14.43 -33.89
C VAL D 12 15.54 -15.60 -34.50
N GLY D 13 14.83 -15.36 -35.60
CA GLY D 13 14.05 -16.42 -36.25
C GLY D 13 14.90 -17.54 -36.82
N GLY D 14 15.96 -17.16 -37.52
CA GLY D 14 16.84 -18.10 -38.20
C GLY D 14 17.57 -19.02 -37.24
N ILE D 15 18.22 -18.42 -36.25
CA ILE D 15 18.99 -19.15 -35.24
C ILE D 15 18.08 -20.04 -34.41
N ALA D 16 16.95 -19.50 -33.97
CA ALA D 16 15.98 -20.26 -33.18
C ALA D 16 15.45 -21.48 -33.94
N THR D 17 15.11 -21.30 -35.21
CA THR D 17 14.61 -22.41 -36.04
C THR D 17 15.71 -23.45 -36.30
N ALA D 18 16.91 -22.98 -36.65
CA ALA D 18 18.05 -23.87 -36.90
C ALA D 18 18.45 -24.66 -35.65
N TYR D 19 18.43 -24.00 -34.49
CA TYR D 19 18.79 -24.63 -33.23
C TYR D 19 17.72 -25.65 -32.80
N ASN D 20 16.45 -25.32 -33.03
CA ASN D 20 15.35 -26.23 -32.73
C ASN D 20 15.41 -27.47 -33.62
N LEU D 21 15.57 -27.26 -34.93
CA LEU D 21 15.74 -28.35 -35.91
C LEU D 21 16.90 -29.27 -35.55
N ARG D 22 18.03 -28.68 -35.16
CA ARG D 22 19.23 -29.44 -34.79
C ARG D 22 19.04 -30.27 -33.52
N ASN D 23 18.48 -29.66 -32.48
CA ASN D 23 18.22 -30.35 -31.22
C ASN D 23 17.16 -31.45 -31.36
N LEU D 24 16.23 -31.26 -32.29
CA LEU D 24 15.17 -32.21 -32.57
C LEU D 24 15.70 -33.37 -33.40
N MET D 25 16.62 -33.06 -34.32
CA MET D 25 17.10 -34.02 -35.31
C MET D 25 18.61 -33.83 -35.52
N PRO D 26 19.43 -34.51 -34.70
CA PRO D 26 20.89 -34.41 -34.74
C PRO D 26 21.54 -34.65 -36.11
N ASP D 27 20.95 -35.53 -36.92
CA ASP D 27 21.53 -35.90 -38.21
C ASP D 27 20.98 -35.12 -39.42
N LEU D 28 20.07 -34.19 -39.15
CA LEU D 28 19.51 -33.30 -40.19
C LEU D 28 20.63 -32.49 -40.83
N LYS D 29 20.54 -32.25 -42.14
CA LYS D 29 21.46 -31.31 -42.79
C LYS D 29 20.87 -29.91 -42.67
N ILE D 30 21.61 -29.00 -42.05
CA ILE D 30 21.13 -27.63 -41.84
C ILE D 30 22.18 -26.61 -42.30
N THR D 31 21.80 -25.79 -43.26
CA THR D 31 22.64 -24.69 -43.73
C THR D 31 21.97 -23.34 -43.44
N LEU D 32 22.69 -22.46 -42.78
CA LEU D 32 22.18 -21.11 -42.51
C LEU D 32 22.95 -20.12 -43.36
N ILE D 33 22.22 -19.41 -44.22
CA ILE D 33 22.82 -18.36 -45.04
C ILE D 33 22.47 -17.01 -44.40
N SER D 34 23.47 -16.15 -44.22
CA SER D 34 23.23 -14.81 -43.71
C SER D 34 24.24 -13.81 -44.26
N ASP D 35 23.75 -12.62 -44.62
CA ASP D 35 24.63 -11.56 -45.12
C ASP D 35 25.53 -10.95 -44.04
N ARG D 36 25.05 -10.92 -42.80
CA ARG D 36 25.84 -10.45 -41.67
C ARG D 36 26.61 -11.60 -41.03
N PRO D 37 27.90 -11.38 -40.71
CA PRO D 37 28.71 -12.44 -40.11
C PRO D 37 28.41 -12.70 -38.62
N TYR D 38 27.51 -11.92 -38.06
CA TYR D 38 27.18 -11.99 -36.64
C TYR D 38 25.68 -12.12 -36.41
N PHE D 39 25.32 -12.68 -35.26
CA PHE D 39 23.98 -12.51 -34.73
C PHE D 39 23.98 -11.23 -33.92
N GLY D 40 23.01 -10.36 -34.16
CA GLY D 40 22.86 -9.13 -33.38
C GLY D 40 21.64 -9.19 -32.48
N PHE D 41 21.84 -8.92 -31.20
CA PHE D 41 20.73 -8.91 -30.24
C PHE D 41 19.95 -7.61 -30.37
N THR D 42 18.97 -7.64 -31.26
CA THR D 42 18.15 -6.51 -31.66
C THR D 42 17.55 -5.68 -30.49
N PRO D 43 17.03 -6.37 -29.44
CA PRO D 43 16.48 -5.59 -28.30
C PRO D 43 17.48 -4.70 -27.57
N ALA D 44 18.77 -4.84 -27.85
CA ALA D 44 19.78 -3.94 -27.27
C ALA D 44 20.26 -2.88 -28.25
N PHE D 45 19.61 -2.80 -29.42
CA PHE D 45 19.96 -1.78 -30.43
C PHE D 45 19.65 -0.35 -30.01
N PRO D 46 18.50 -0.11 -29.34
CA PRO D 46 18.27 1.24 -28.80
C PRO D 46 19.35 1.65 -27.78
N HIS D 47 19.80 0.69 -26.99
CA HIS D 47 20.87 0.91 -26.01
C HIS D 47 22.18 1.22 -26.70
N LEU D 48 22.50 0.45 -27.75
CA LEU D 48 23.67 0.72 -28.58
C LEU D 48 23.64 2.14 -29.16
N ALA D 49 22.46 2.59 -29.59
CA ALA D 49 22.27 3.93 -30.13
C ALA D 49 22.47 5.03 -29.08
N MET D 50 22.14 4.69 -27.83
CA MET D 50 22.34 5.61 -26.71
C MET D 50 23.78 5.59 -26.21
N GLY D 51 24.60 4.69 -26.76
CA GLY D 51 25.98 4.52 -26.34
C GLY D 51 26.10 3.74 -25.03
N TRP D 52 25.05 2.99 -24.69
CA TRP D 52 24.98 2.26 -23.43
C TRP D 52 25.47 0.82 -23.58
N ARG D 53 25.80 0.43 -24.80
CA ARG D 53 26.38 -0.87 -25.08
C ARG D 53 27.55 -0.73 -26.05
N LYS D 54 28.46 -1.70 -26.01
CA LYS D 54 29.47 -1.88 -27.04
C LYS D 54 28.96 -2.97 -27.99
N PHE D 55 29.21 -2.79 -29.29
CA PHE D 55 28.73 -3.74 -30.31
C PHE D 55 29.13 -5.20 -30.02
N GLU D 56 30.37 -5.40 -29.59
CA GLU D 56 30.87 -6.75 -29.29
C GLU D 56 30.11 -7.45 -28.16
N ASP D 57 29.47 -6.66 -27.30
CA ASP D 57 28.75 -7.20 -26.15
C ASP D 57 27.34 -7.66 -26.45
N ILE D 58 26.80 -7.26 -27.61
CA ILE D 58 25.42 -7.60 -27.97
C ILE D 58 25.35 -8.31 -29.32
N SER D 59 26.48 -8.88 -29.73
CA SER D 59 26.59 -9.60 -30.99
C SER D 59 27.43 -10.85 -30.83
N VAL D 60 27.23 -11.81 -31.72
CA VAL D 60 27.93 -13.09 -31.68
C VAL D 60 28.36 -13.47 -33.11
N PRO D 61 29.68 -13.60 -33.35
CA PRO D 61 30.17 -14.09 -34.65
C PRO D 61 29.70 -15.51 -34.94
N LEU D 62 29.15 -15.73 -36.14
CA LEU D 62 28.49 -17.00 -36.46
C LEU D 62 29.40 -18.06 -37.08
N ALA D 63 30.36 -17.65 -37.90
CA ALA D 63 31.26 -18.61 -38.56
C ALA D 63 31.99 -19.53 -37.58
N PRO D 64 32.58 -18.99 -36.49
CA PRO D 64 33.23 -19.90 -35.55
C PRO D 64 32.25 -20.71 -34.69
N LEU D 65 31.00 -20.26 -34.62
CA LEU D 65 30.00 -20.83 -33.70
C LEU D 65 29.17 -21.97 -34.28
N LEU D 66 28.51 -21.71 -35.42
CA LEU D 66 27.53 -22.66 -35.98
C LEU D 66 28.04 -24.08 -36.30
N PRO D 67 29.29 -24.22 -36.82
CA PRO D 67 29.88 -25.55 -36.97
C PRO D 67 29.98 -26.37 -35.67
N LYS D 68 29.99 -25.71 -34.52
CA LYS D 68 30.00 -26.41 -33.23
C LYS D 68 28.72 -27.21 -33.01
N PHE D 69 27.64 -26.80 -33.66
CA PHE D 69 26.35 -27.49 -33.56
C PHE D 69 25.98 -28.11 -34.91
N ASN D 70 27.01 -28.44 -35.70
CA ASN D 70 26.88 -29.07 -37.01
C ASN D 70 26.00 -28.32 -38.01
N ILE D 71 26.06 -27.00 -37.94
CA ILE D 71 25.30 -26.15 -38.86
C ILE D 71 26.28 -25.45 -39.80
N GLU D 72 26.06 -25.63 -41.10
CA GLU D 72 26.88 -25.01 -42.12
C GLU D 72 26.49 -23.54 -42.24
N PHE D 73 27.47 -22.66 -42.10
CA PHE D 73 27.24 -21.22 -42.25
C PHE D 73 27.78 -20.67 -43.56
N ILE D 74 26.87 -20.15 -44.38
CA ILE D 74 27.25 -19.43 -45.59
C ILE D 74 27.07 -17.94 -45.35
N ASN D 75 28.18 -17.22 -45.27
CA ASN D 75 28.16 -15.78 -45.07
C ASN D 75 28.04 -15.02 -46.39
N GLU D 76 26.86 -15.13 -47.00
CA GLU D 76 26.54 -14.41 -48.23
C GLU D 76 25.10 -13.92 -48.14
N LYS D 77 24.79 -12.89 -48.94
CA LYS D 77 23.40 -12.48 -49.12
C LYS D 77 22.69 -13.43 -50.06
N ALA D 78 21.56 -13.99 -49.61
CA ALA D 78 20.68 -14.74 -50.49
C ALA D 78 19.99 -13.77 -51.42
N GLU D 79 20.15 -14.00 -52.72
CA GLU D 79 19.66 -13.06 -53.73
C GLU D 79 18.28 -13.43 -54.28
N SER D 80 18.06 -14.71 -54.55
CA SER D 80 16.80 -15.17 -55.12
C SER D 80 16.38 -16.57 -54.65
N ILE D 81 15.09 -16.85 -54.79
CA ILE D 81 14.51 -18.14 -54.44
C ILE D 81 13.66 -18.61 -55.62
N ASP D 82 13.95 -19.81 -56.12
CA ASP D 82 13.07 -20.48 -57.06
C ASP D 82 12.35 -21.61 -56.33
N PRO D 83 11.07 -21.39 -55.98
CA PRO D 83 10.32 -22.35 -55.18
C PRO D 83 9.98 -23.62 -55.95
N ASP D 84 9.77 -23.48 -57.27
CA ASP D 84 9.52 -24.61 -58.14
C ASP D 84 10.75 -25.51 -58.30
N ALA D 85 11.93 -24.90 -58.24
CA ALA D 85 13.20 -25.63 -58.34
C ALA D 85 13.72 -26.10 -56.98
N ASN D 86 13.16 -25.54 -55.90
CA ASN D 86 13.65 -25.79 -54.54
C ASN D 86 15.10 -25.33 -54.41
N THR D 87 15.35 -24.10 -54.88
CA THR D 87 16.69 -23.54 -54.93
C THR D 87 16.73 -22.15 -54.29
N VAL D 88 17.85 -21.85 -53.63
CA VAL D 88 18.18 -20.50 -53.22
C VAL D 88 19.51 -20.11 -53.87
N THR D 89 19.52 -18.97 -54.55
CA THR D 89 20.72 -18.46 -55.19
C THR D 89 21.26 -17.27 -54.41
N THR D 90 22.53 -17.34 -54.01
CA THR D 90 23.20 -16.24 -53.31
C THR D 90 23.65 -15.18 -54.30
N GLN D 91 24.17 -14.07 -53.78
CA GLN D 91 24.64 -12.95 -54.62
C GLN D 91 25.79 -13.35 -55.55
N SER D 92 26.65 -14.24 -55.07
CA SER D 92 27.80 -14.69 -55.85
C SER D 92 27.41 -15.62 -56.99
N GLY D 93 26.21 -16.20 -56.90
CA GLY D 93 25.68 -17.07 -57.95
C GLY D 93 25.61 -18.53 -57.54
N LYS D 94 26.03 -18.80 -56.31
CA LYS D 94 25.99 -20.14 -55.73
C LYS D 94 24.53 -20.61 -55.58
N LYS D 95 24.22 -21.76 -56.21
CA LYS D 95 22.87 -22.33 -56.14
C LYS D 95 22.79 -23.42 -55.08
N ILE D 96 21.85 -23.26 -54.16
CA ILE D 96 21.71 -24.15 -53.01
C ILE D 96 20.35 -24.85 -53.05
N GLU D 97 20.36 -26.15 -53.30
CA GLU D 97 19.15 -26.97 -53.31
C GLU D 97 18.72 -27.26 -51.88
N TYR D 98 17.41 -27.29 -51.65
CA TYR D 98 16.88 -27.59 -50.32
C TYR D 98 15.71 -28.56 -50.37
N ASP D 99 15.54 -29.33 -49.29
CA ASP D 99 14.33 -30.11 -49.10
C ASP D 99 13.28 -29.27 -48.41
N TYR D 100 13.73 -28.43 -47.49
CA TYR D 100 12.88 -27.48 -46.76
C TYR D 100 13.59 -26.14 -46.68
N LEU D 101 12.82 -25.07 -46.77
CA LEU D 101 13.37 -23.72 -46.67
C LEU D 101 12.68 -22.93 -45.56
N VAL D 102 13.49 -22.31 -44.69
CA VAL D 102 12.99 -21.40 -43.68
C VAL D 102 13.43 -19.99 -44.03
N ILE D 103 12.47 -19.14 -44.40
CA ILE D 103 12.76 -17.74 -44.67
C ILE D 103 12.66 -16.91 -43.38
N ALA D 104 13.80 -16.39 -42.93
CA ALA D 104 13.87 -15.58 -41.70
C ALA D 104 14.78 -14.36 -41.89
N THR D 105 14.56 -13.64 -42.99
CA THR D 105 15.41 -12.50 -43.38
C THR D 105 15.17 -11.23 -42.56
N GLY D 106 14.12 -11.23 -41.75
CA GLY D 106 13.75 -10.04 -40.99
C GLY D 106 13.17 -8.98 -41.88
N PRO D 107 13.19 -7.71 -41.43
CA PRO D 107 12.57 -6.63 -42.19
C PRO D 107 13.48 -6.00 -43.23
N LYS D 108 12.90 -5.69 -44.40
CA LYS D 108 13.52 -4.73 -45.30
C LYS D 108 12.98 -3.37 -44.87
N LEU D 109 13.90 -2.43 -44.65
CA LEU D 109 13.53 -1.13 -44.13
C LEU D 109 13.07 -0.19 -45.23
N VAL D 110 11.90 0.41 -45.03
CA VAL D 110 11.36 1.41 -45.95
C VAL D 110 11.24 2.77 -45.26
N PHE D 111 12.13 3.69 -45.65
CA PHE D 111 12.12 5.05 -45.13
C PHE D 111 11.14 5.90 -45.94
N GLY D 112 9.85 5.68 -45.69
CA GLY D 112 8.76 6.23 -46.49
C GLY D 112 8.61 7.74 -46.54
N ALA D 113 8.94 8.42 -45.43
CA ALA D 113 8.88 9.88 -45.38
C ALA D 113 9.97 10.48 -46.27
N GLU D 114 9.66 11.57 -46.95
CA GLU D 114 10.63 12.23 -47.82
C GLU D 114 11.82 12.77 -47.02
N GLY D 115 13.01 12.26 -47.33
CA GLY D 115 14.25 12.71 -46.70
C GLY D 115 14.59 11.98 -45.41
N GLN D 116 13.84 10.94 -45.10
CA GLN D 116 14.01 10.17 -43.86
C GLN D 116 15.38 9.49 -43.76
N GLU D 117 15.74 8.72 -44.79
CA GLU D 117 17.01 8.01 -44.80
C GLU D 117 18.19 8.98 -44.72
N GLU D 118 18.05 10.10 -45.42
CA GLU D 118 19.05 11.15 -45.52
C GLU D 118 19.20 11.93 -44.21
N ASN D 119 18.10 12.50 -43.75
CA ASN D 119 18.13 13.52 -42.68
C ASN D 119 17.87 12.98 -41.26
N SER D 120 17.19 11.85 -41.16
CA SER D 120 16.79 11.31 -39.87
C SER D 120 17.77 10.25 -39.39
N THR D 121 17.43 9.58 -38.28
CA THR D 121 18.19 8.44 -37.81
C THR D 121 17.25 7.27 -37.54
N SER D 122 17.84 6.08 -37.42
CA SER D 122 17.08 4.88 -37.10
C SER D 122 17.95 3.95 -36.27
N ILE D 123 17.31 3.03 -35.57
CA ILE D 123 17.99 2.15 -34.63
C ILE D 123 17.70 0.65 -34.92
N CYS D 124 17.14 0.39 -36.09
CA CYS D 124 16.66 -0.96 -36.46
C CYS D 124 17.76 -1.96 -36.78
N THR D 125 18.96 -1.47 -37.12
CA THR D 125 20.12 -2.33 -37.27
C THR D 125 21.27 -1.79 -36.42
N ALA D 126 22.23 -2.64 -36.10
CA ALA D 126 23.42 -2.23 -35.34
C ALA D 126 24.15 -1.10 -36.05
N GLU D 127 24.30 -1.25 -37.36
CA GLU D 127 24.93 -0.25 -38.23
C GLU D 127 24.26 1.13 -38.13
N HIS D 128 22.93 1.17 -38.23
CA HIS D 128 22.18 2.42 -38.08
C HIS D 128 22.23 2.96 -36.65
N ALA D 129 22.22 2.06 -35.67
CA ALA D 129 22.29 2.45 -34.26
C ALA D 129 23.61 3.16 -33.93
N LEU D 130 24.70 2.69 -34.54
CA LEU D 130 26.01 3.29 -34.33
C LEU D 130 26.12 4.67 -35.01
N GLU D 131 25.45 4.82 -36.15
CA GLU D 131 25.32 6.13 -36.80
C GLU D 131 24.48 7.10 -35.97
N THR D 132 23.40 6.57 -35.37
CA THR D 132 22.54 7.33 -34.46
C THR D 132 23.29 7.90 -33.25
N GLN D 133 24.18 7.10 -32.66
CA GLN D 133 25.01 7.56 -31.54
C GLN D 133 25.91 8.73 -31.91
N LYS D 134 26.47 8.69 -33.11
CA LYS D 134 27.26 9.80 -33.66
C LYS D 134 26.43 11.08 -33.74
N LYS D 135 25.19 10.97 -34.21
CA LYS D 135 24.28 12.11 -34.36
C LYS D 135 23.76 12.63 -33.02
N LEU D 136 23.62 11.73 -32.04
CA LEU D 136 23.24 12.11 -30.69
C LEU D 136 24.34 12.96 -30.04
N GLN D 137 25.58 12.59 -30.31
CA GLN D 137 26.75 13.31 -29.78
C GLN D 137 26.77 14.75 -30.33
N GLU D 138 26.35 14.91 -31.58
CA GLU D 138 26.19 16.24 -32.19
C GLU D 138 25.03 17.02 -31.57
N LEU D 139 23.99 16.31 -31.10
CA LEU D 139 22.88 16.95 -30.39
C LEU D 139 23.30 17.45 -29.02
N TYR D 140 24.13 16.67 -28.32
CA TYR D 140 24.61 17.08 -26.99
C TYR D 140 25.52 18.31 -27.07
N ALA D 141 26.31 18.40 -28.14
CA ALA D 141 27.24 19.50 -28.36
C ALA D 141 26.55 20.80 -28.78
N ASN D 142 25.52 20.69 -29.63
CA ASN D 142 24.66 21.81 -30.00
C ASN D 142 23.18 21.43 -29.81
N PRO D 143 22.65 21.55 -28.56
CA PRO D 143 21.28 21.16 -28.21
C PRO D 143 20.17 21.84 -29.02
N GLY D 144 19.11 21.09 -29.31
CA GLY D 144 17.95 21.59 -30.05
C GLY D 144 16.78 20.62 -30.04
N PRO D 145 15.59 21.05 -30.51
CA PRO D 145 14.35 20.25 -30.48
C PRO D 145 14.47 18.85 -31.07
N VAL D 146 13.87 17.88 -30.38
CA VAL D 146 13.95 16.46 -30.74
C VAL D 146 12.57 15.95 -31.14
N VAL D 147 12.50 15.24 -32.27
CA VAL D 147 11.27 14.63 -32.72
C VAL D 147 11.51 13.15 -33.01
N ILE D 148 10.75 12.29 -32.34
CA ILE D 148 10.87 10.84 -32.46
C ILE D 148 9.49 10.28 -32.79
N GLY D 149 9.44 9.15 -33.49
CA GLY D 149 8.17 8.49 -33.73
C GLY D 149 8.13 7.45 -34.83
N ALA D 150 6.98 7.37 -35.48
CA ALA D 150 6.74 6.33 -36.47
C ALA D 150 5.95 6.87 -37.66
N ILE D 151 6.39 6.50 -38.86
CA ILE D 151 5.73 6.88 -40.11
C ILE D 151 4.54 5.95 -40.38
N PRO D 152 3.71 6.28 -41.39
CA PRO D 152 2.63 5.35 -41.76
C PRO D 152 3.17 3.98 -42.16
N GLY D 153 2.48 2.92 -41.76
CA GLY D 153 2.85 1.56 -42.15
C GLY D 153 3.77 0.83 -41.17
N VAL D 154 4.25 1.54 -40.17
CA VAL D 154 5.12 0.95 -39.15
C VAL D 154 4.39 -0.18 -38.41
N SER D 155 5.16 -1.20 -38.00
CA SER D 155 4.61 -2.33 -37.27
C SER D 155 5.42 -2.65 -36.02
N PHE D 157 6.61 -0.49 -32.87
CA PHE D 157 6.51 0.81 -32.20
C PHE D 157 7.31 0.88 -30.89
N GLY D 158 7.35 -0.23 -30.15
CA GLY D 158 8.09 -0.33 -28.90
C GLY D 158 9.43 0.39 -28.83
N PRO D 159 10.36 0.09 -29.76
CA PRO D 159 11.69 0.68 -29.73
C PRO D 159 11.72 2.20 -29.82
N ALA D 160 10.72 2.81 -30.47
CA ALA D 160 10.61 4.25 -30.56
C ALA D 160 10.23 4.88 -29.23
N TYR D 161 9.28 4.26 -28.53
CA TYR D 161 8.90 4.64 -27.17
C TYR D 161 10.09 4.51 -26.23
N GLU D 162 10.74 3.36 -26.32
CA GLU D 162 11.93 3.04 -25.55
C GLU D 162 13.02 4.09 -25.77
N PHE D 163 13.31 4.39 -27.04
CA PHE D 163 14.34 5.37 -27.38
C PHE D 163 14.02 6.77 -26.87
N ALA D 164 12.76 7.17 -27.06
CA ALA D 164 12.29 8.47 -26.56
C ALA D 164 12.54 8.63 -25.07
N LEU D 165 12.16 7.61 -24.30
CA LEU D 165 12.31 7.65 -22.84
C LEU D 165 13.77 7.55 -22.38
N MET D 166 14.57 6.77 -23.12
CA MET D 166 16.00 6.64 -22.86
C MET D 166 16.72 7.96 -23.11
N LEU D 167 16.33 8.66 -24.17
CA LEU D 167 16.92 9.95 -24.50
C LEU D 167 16.54 11.01 -23.47
N HIS D 168 15.27 11.04 -23.07
CA HIS D 168 14.83 11.88 -21.96
C HIS D 168 15.71 11.66 -20.71
N TYR D 169 15.92 10.40 -20.35
CA TYR D 169 16.80 10.00 -19.25
C TYR D 169 18.22 10.55 -19.39
N GLU D 170 18.79 10.41 -20.59
CA GLU D 170 20.16 10.86 -20.87
C GLU D 170 20.28 12.39 -20.80
N LEU D 171 19.30 13.09 -21.34
CA LEU D 171 19.26 14.55 -21.32
C LEU D 171 19.21 15.11 -19.90
N LYS D 172 18.41 14.47 -19.06
CA LYS D 172 18.32 14.83 -17.64
C LYS D 172 19.65 14.60 -16.93
N LYS D 173 20.25 13.43 -17.11
CA LYS D 173 21.55 13.13 -16.52
C LYS D 173 22.61 14.14 -16.96
N ARG D 174 22.49 14.61 -18.20
CA ARG D 174 23.42 15.61 -18.74
C ARG D 174 23.02 17.03 -18.35
N GLY D 175 21.84 17.18 -17.77
CA GLY D 175 21.35 18.47 -17.30
C GLY D 175 20.90 19.43 -18.40
N ILE D 176 20.49 18.89 -19.53
CA ILE D 176 20.09 19.70 -20.69
C ILE D 176 18.65 19.45 -21.19
N ARG D 177 17.86 18.71 -20.40
CA ARG D 177 16.47 18.43 -20.76
C ARG D 177 15.59 19.70 -20.87
N TYR D 178 15.85 20.70 -20.03
CA TYR D 178 15.08 21.94 -20.07
C TYR D 178 15.45 22.83 -21.27
N LYS D 179 16.47 22.41 -22.02
CA LYS D 179 16.90 23.08 -23.25
C LYS D 179 16.55 22.27 -24.50
N VAL D 180 16.03 21.06 -24.32
CA VAL D 180 15.71 20.16 -25.43
C VAL D 180 14.23 19.79 -25.43
N PRO D 181 13.41 20.49 -26.25
CA PRO D 181 12.02 20.07 -26.50
C PRO D 181 11.96 18.67 -27.12
N MET D 182 11.03 17.85 -26.65
CA MET D 182 10.86 16.49 -27.17
C MET D 182 9.42 16.27 -27.59
N THR D 183 9.25 15.74 -28.80
CA THR D 183 7.93 15.49 -29.37
C THR D 183 7.91 14.10 -29.99
N PHE D 184 6.86 13.33 -29.71
CA PHE D 184 6.73 11.97 -30.21
C PHE D 184 5.58 11.94 -31.21
N ILE D 185 5.87 11.59 -32.45
CA ILE D 185 4.84 11.61 -33.50
C ILE D 185 4.62 10.21 -34.06
N THR D 186 3.38 9.72 -34.02
CA THR D 186 3.11 8.32 -34.41
C THR D 186 1.89 8.16 -35.30
N SER D 187 1.95 7.12 -36.13
CA SER D 187 0.84 6.66 -36.97
C SER D 187 -0.20 5.86 -36.17
N GLU D 188 0.14 5.47 -34.95
CA GLU D 188 -0.82 4.82 -34.04
C GLU D 188 -1.98 5.77 -33.80
N PRO D 189 -3.22 5.24 -33.77
CA PRO D 189 -4.39 6.09 -33.52
C PRO D 189 -4.34 6.73 -32.13
N TYR D 190 -3.63 6.07 -31.20
CA TYR D 190 -3.37 6.60 -29.87
C TYR D 190 -2.05 6.04 -29.35
N LEU D 191 -1.51 6.67 -28.32
CA LEU D 191 -0.29 6.20 -27.66
C LEU D 191 -0.47 4.82 -27.03
N GLY D 192 0.54 3.98 -27.15
CA GLY D 192 0.50 2.62 -26.60
C GLY D 192 -0.47 1.70 -27.31
N HIS D 193 -0.74 2.01 -28.57
CA HIS D 193 -1.52 1.11 -29.43
C HIS D 193 -0.66 -0.06 -29.86
N PHE D 194 0.59 0.23 -30.24
CA PHE D 194 1.64 -0.75 -30.58
C PHE D 194 1.33 -1.62 -31.81
N GLY D 195 0.30 -1.23 -32.55
CA GLY D 195 -0.19 -2.05 -33.66
C GLY D 195 -0.92 -3.30 -33.20
N VAL D 196 -1.34 -3.33 -31.93
CA VAL D 196 -2.00 -4.51 -31.37
C VAL D 196 -3.35 -4.22 -30.70
N GLY D 197 -3.82 -2.98 -30.84
CA GLY D 197 -5.05 -2.54 -30.20
C GLY D 197 -4.80 -2.24 -28.73
N GLY D 198 -3.54 -1.97 -28.39
CA GLY D 198 -3.12 -1.77 -27.01
C GLY D 198 -2.97 -3.06 -26.23
N ILE D 199 -2.38 -2.96 -25.04
CA ILE D 199 -2.24 -4.10 -24.14
C ILE D 199 -2.70 -3.63 -22.76
N GLY D 200 -3.87 -4.12 -22.32
CA GLY D 200 -4.50 -3.61 -21.11
C GLY D 200 -4.63 -2.11 -21.15
N ALA D 201 -4.20 -1.45 -20.08
CA ALA D 201 -4.23 0.00 -19.97
C ALA D 201 -2.92 0.64 -20.44
N SER D 202 -2.41 0.17 -21.58
CA SER D 202 -1.15 0.70 -22.12
C SER D 202 -1.30 2.14 -22.59
N LYS D 203 -2.46 2.47 -23.16
CA LYS D 203 -2.74 3.84 -23.60
C LYS D 203 -2.64 4.82 -22.43
N ARG D 204 -3.33 4.49 -21.34
CA ARG D 204 -3.31 5.27 -20.09
C ARG D 204 -1.90 5.34 -19.50
N LEU D 205 -1.19 4.21 -19.49
CA LEU D 205 0.18 4.13 -18.97
C LEU D 205 1.18 5.03 -19.71
N VAL D 206 1.16 4.97 -21.04
CA VAL D 206 2.14 5.69 -21.84
C VAL D 206 1.85 7.20 -21.84
N GLU D 207 0.57 7.56 -21.87
CA GLU D 207 0.16 8.96 -21.78
C GLU D 207 0.65 9.59 -20.48
N ASP D 208 0.48 8.86 -19.36
CA ASP D 208 0.95 9.32 -18.04
C ASP D 208 2.46 9.44 -18.01
N LEU D 209 3.13 8.45 -18.59
CA LEU D 209 4.58 8.44 -18.75
C LEU D 209 5.06 9.69 -19.48
N PHE D 210 4.49 9.93 -20.66
CA PHE D 210 4.83 11.10 -21.47
C PHE D 210 4.51 12.43 -20.79
N ALA D 211 3.39 12.48 -20.06
CA ALA D 211 3.00 13.68 -19.31
C ALA D 211 3.94 13.98 -18.14
N GLU D 212 4.31 12.95 -17.39
CA GLU D 212 5.22 13.10 -16.25
C GLU D 212 6.63 13.51 -16.69
N ARG D 213 6.98 13.13 -17.92
CA ARG D 213 8.32 13.38 -18.45
C ARG D 213 8.33 14.47 -19.53
N ASN D 214 7.20 15.15 -19.68
CA ASN D 214 7.05 16.26 -20.64
C ASN D 214 7.51 15.90 -22.05
N ILE D 215 7.09 14.73 -22.52
CA ILE D 215 7.24 14.38 -23.93
C ILE D 215 5.92 14.75 -24.58
N ASP D 216 5.95 15.79 -25.41
CA ASP D 216 4.79 16.17 -26.21
C ASP D 216 4.52 15.09 -27.24
N TRP D 217 3.28 14.95 -27.68
CA TRP D 217 2.95 13.90 -28.64
C TRP D 217 1.84 14.24 -29.62
N ILE D 218 1.94 13.67 -30.82
CA ILE D 218 0.94 13.78 -31.86
C ILE D 218 0.70 12.38 -32.42
N ALA D 219 -0.53 11.88 -32.23
CA ALA D 219 -0.89 10.56 -32.73
C ALA D 219 -1.91 10.66 -33.87
N ASN D 220 -2.15 9.54 -34.54
CA ASN D 220 -3.17 9.42 -35.59
C ASN D 220 -2.88 10.34 -36.78
N VAL D 221 -1.59 10.52 -37.07
CA VAL D 221 -1.15 11.38 -38.18
C VAL D 221 -0.08 10.69 -39.02
N ALA D 222 0.11 11.18 -40.23
CA ALA D 222 1.07 10.62 -41.16
C ALA D 222 2.27 11.54 -41.33
N VAL D 223 3.44 11.07 -40.91
CA VAL D 223 4.68 11.80 -41.14
C VAL D 223 5.02 11.73 -42.64
N LYS D 224 5.13 12.91 -43.26
CA LYS D 224 5.31 13.01 -44.71
C LYS D 224 6.75 13.35 -45.13
N ALA D 225 7.45 14.09 -44.28
CA ALA D 225 8.81 14.54 -44.59
C ALA D 225 9.67 14.83 -43.36
N ILE D 226 10.97 14.54 -43.49
CA ILE D 226 11.96 14.95 -42.50
C ILE D 226 13.03 15.80 -43.19
N GLU D 227 12.95 17.11 -42.97
CA GLU D 227 13.96 18.05 -43.46
C GLU D 227 15.09 18.16 -42.40
N PRO D 228 16.23 18.79 -42.76
CA PRO D 228 17.31 18.95 -41.78
C PRO D 228 16.91 19.79 -40.55
N ASP D 229 15.86 20.58 -40.70
CA ASP D 229 15.43 21.51 -39.64
C ASP D 229 13.99 21.31 -39.14
N LYS D 230 13.24 20.41 -39.78
CA LYS D 230 11.83 20.18 -39.44
C LYS D 230 11.28 18.80 -39.82
N VAL D 231 10.17 18.43 -39.19
CA VAL D 231 9.38 17.25 -39.54
C VAL D 231 8.02 17.75 -40.00
N ILE D 232 7.59 17.27 -41.15
CA ILE D 232 6.29 17.64 -41.71
C ILE D 232 5.33 16.45 -41.63
N TYR D 233 4.10 16.70 -41.15
CA TYR D 233 3.09 15.66 -41.02
C TYR D 233 1.70 16.10 -41.46
N GLU D 234 0.88 15.13 -41.87
CA GLU D 234 -0.49 15.38 -42.31
C GLU D 234 -1.50 14.73 -41.37
N ASP D 235 -2.55 15.46 -41.01
CA ASP D 235 -3.64 14.90 -40.19
C ASP D 235 -4.70 14.22 -41.06
N LEU D 236 -5.83 13.85 -40.44
CA LEU D 236 -6.88 13.13 -41.16
C LEU D 236 -7.83 14.03 -41.96
N ASN D 237 -7.72 15.34 -41.75
CA ASN D 237 -8.52 16.31 -42.49
C ASN D 237 -7.88 16.78 -43.78
N GLY D 238 -6.68 16.26 -44.06
CA GLY D 238 -5.92 16.67 -45.23
C GLY D 238 -5.15 17.96 -45.01
N ASN D 239 -4.75 18.21 -43.76
CA ASN D 239 -4.01 19.41 -43.42
C ASN D 239 -2.56 19.11 -43.06
N THR D 240 -1.64 19.84 -43.69
CA THR D 240 -0.21 19.69 -43.44
C THR D 240 0.23 20.57 -42.26
N HIS D 241 1.12 20.01 -41.44
CA HIS D 241 1.68 20.72 -40.28
C HIS D 241 3.18 20.44 -40.17
N GLU D 242 3.91 21.37 -39.57
CA GLU D 242 5.34 21.15 -39.32
C GLU D 242 5.74 21.43 -37.88
N VAL D 243 6.85 20.82 -37.47
CA VAL D 243 7.40 20.96 -36.12
C VAL D 243 8.93 21.05 -36.23
N PRO D 244 9.54 22.07 -35.61
CA PRO D 244 11.02 22.20 -35.62
C PRO D 244 11.74 20.96 -35.06
N ALA D 245 12.90 20.63 -35.63
CA ALA D 245 13.68 19.48 -35.20
C ALA D 245 15.15 19.61 -35.57
N LYS D 246 16.02 19.51 -34.56
CA LYS D 246 17.47 19.44 -34.79
C LYS D 246 17.90 17.98 -34.89
N PHE D 247 17.29 17.14 -34.07
CA PHE D 247 17.54 15.71 -34.09
C PHE D 247 16.23 14.96 -34.26
N THR D 248 16.24 13.94 -35.12
CA THR D 248 15.09 13.06 -35.24
C THR D 248 15.50 11.60 -35.26
N MET D 249 14.62 10.75 -34.76
CA MET D 249 14.75 9.30 -34.88
C MET D 249 13.38 8.73 -35.22
N PHE D 250 13.25 8.17 -36.42
CA PHE D 250 11.98 7.61 -36.85
C PHE D 250 12.05 6.14 -37.22
N MET D 251 11.00 5.40 -36.89
CA MET D 251 10.86 4.02 -37.30
C MET D 251 10.50 4.01 -38.77
N PRO D 252 11.25 3.24 -39.58
CA PRO D 252 10.83 2.97 -40.94
C PRO D 252 9.75 1.89 -40.94
N SER D 253 8.95 1.82 -42.00
CA SER D 253 8.01 0.72 -42.16
C SER D 253 8.74 -0.50 -42.70
N PHE D 254 8.10 -1.67 -42.64
CA PHE D 254 8.73 -2.90 -43.08
C PHE D 254 8.07 -3.45 -44.33
N GLN D 255 8.87 -4.00 -45.22
CA GLN D 255 8.34 -4.86 -46.26
C GLN D 255 9.25 -6.08 -46.42
N GLY D 256 8.87 -6.99 -47.31
CA GLY D 256 9.69 -8.15 -47.61
C GLY D 256 10.85 -7.79 -48.53
N PRO D 257 12.02 -8.45 -48.32
CA PRO D 257 13.20 -8.29 -49.16
C PRO D 257 12.97 -8.71 -50.61
N GLU D 258 13.91 -8.35 -51.48
CA GLU D 258 13.84 -8.75 -52.88
C GLU D 258 13.98 -10.26 -53.06
N VAL D 259 14.73 -10.90 -52.17
CA VAL D 259 14.90 -12.36 -52.19
C VAL D 259 13.56 -13.10 -52.07
N VAL D 260 12.63 -12.54 -51.30
CA VAL D 260 11.27 -13.10 -51.18
C VAL D 260 10.44 -12.75 -52.42
N ALA D 261 10.54 -11.50 -52.86
CA ALA D 261 9.83 -11.03 -54.06
C ALA D 261 10.14 -11.86 -55.31
N SER D 262 11.36 -12.38 -55.39
CA SER D 262 11.81 -13.18 -56.54
C SER D 262 11.17 -14.56 -56.60
N ALA D 263 10.51 -14.97 -55.52
CA ALA D 263 9.88 -16.30 -55.45
C ALA D 263 8.45 -16.33 -56.00
N GLY D 264 7.95 -15.17 -56.44
CA GLY D 264 6.64 -15.09 -57.08
C GLY D 264 5.54 -14.64 -56.14
N ASP D 265 4.35 -14.42 -56.70
CA ASP D 265 3.23 -13.88 -55.92
C ASP D 265 2.49 -14.91 -55.06
N LYS D 266 2.97 -16.15 -55.09
CA LYS D 266 2.46 -17.20 -54.21
C LYS D 266 3.27 -17.31 -52.93
N VAL D 267 4.50 -16.79 -52.96
CA VAL D 267 5.38 -16.77 -51.79
C VAL D 267 5.44 -15.37 -51.17
N ALA D 268 5.65 -14.36 -52.02
CA ALA D 268 5.68 -12.98 -51.57
C ALA D 268 4.31 -12.33 -51.71
N ASN D 269 3.75 -11.87 -50.59
CA ASN D 269 2.49 -11.12 -50.58
C ASN D 269 2.62 -9.94 -51.54
N PRO D 270 1.63 -9.78 -52.44
CA PRO D 270 1.71 -8.71 -53.45
C PRO D 270 1.70 -7.28 -52.86
N ALA D 271 1.06 -7.12 -51.71
CA ALA D 271 0.96 -5.80 -51.07
C ALA D 271 2.24 -5.32 -50.36
N ASN D 272 2.98 -6.25 -49.75
CA ASN D 272 4.13 -5.87 -48.92
C ASN D 272 5.38 -6.74 -49.09
N LYS D 273 5.31 -7.73 -49.97
CA LYS D 273 6.42 -8.66 -50.27
C LYS D 273 6.87 -9.56 -49.10
N MET D 274 6.12 -9.55 -48.00
CA MET D 274 6.39 -10.47 -46.89
C MET D 274 5.95 -11.89 -47.24
N VAL D 275 6.46 -12.87 -46.50
CA VAL D 275 6.22 -14.28 -46.82
C VAL D 275 4.80 -14.70 -46.49
N ILE D 276 4.06 -15.14 -47.51
CA ILE D 276 2.72 -15.69 -47.31
C ILE D 276 2.81 -17.00 -46.54
N VAL D 277 2.17 -17.03 -45.37
CA VAL D 277 2.15 -18.23 -44.52
C VAL D 277 0.73 -18.54 -44.02
N ASN D 278 0.53 -19.79 -43.61
CA ASN D 278 -0.72 -20.19 -42.98
C ASN D 278 -0.57 -20.21 -41.44
N ARG D 279 -1.56 -20.75 -40.75
CA ARG D 279 -1.54 -20.88 -39.28
C ARG D 279 -0.29 -21.57 -38.74
N CYS D 280 0.24 -22.50 -39.52
CA CYS D 280 1.40 -23.31 -39.12
C CYS D 280 2.70 -22.68 -39.61
N PHE D 281 2.59 -21.46 -40.13
CA PHE D 281 3.73 -20.68 -40.65
C PHE D 281 4.42 -21.35 -41.84
N GLN D 282 3.57 -21.98 -42.64
CA GLN D 282 3.96 -22.74 -43.81
C GLN D 282 3.34 -22.04 -45.02
N ASN D 283 4.06 -22.00 -46.14
CA ASN D 283 3.51 -21.44 -47.36
C ASN D 283 2.37 -22.33 -47.86
N PRO D 284 1.21 -21.73 -48.16
CA PRO D 284 0.03 -22.49 -48.62
C PRO D 284 0.25 -23.24 -49.94
N THR D 285 1.11 -22.73 -50.80
CA THR D 285 1.30 -23.34 -52.14
C THR D 285 2.54 -24.23 -52.25
N TYR D 286 3.63 -23.80 -51.62
CA TYR D 286 4.86 -24.58 -51.54
C TYR D 286 5.05 -25.07 -50.11
N LYS D 287 4.55 -26.26 -49.83
CA LYS D 287 4.43 -26.77 -48.47
C LYS D 287 5.76 -27.07 -47.76
N ASN D 288 6.87 -26.96 -48.51
CA ASN D 288 8.21 -27.13 -47.95
C ASN D 288 8.89 -25.80 -47.62
N ILE D 289 8.14 -24.72 -47.79
CA ILE D 289 8.62 -23.38 -47.45
C ILE D 289 7.89 -22.92 -46.20
N PHE D 290 8.66 -22.38 -45.25
CA PHE D 290 8.13 -21.84 -44.02
C PHE D 290 8.73 -20.45 -43.80
N GLY D 291 8.01 -19.60 -43.08
CA GLY D 291 8.52 -18.29 -42.73
C GLY D 291 8.56 -18.09 -41.24
N VAL D 292 9.62 -17.46 -40.74
CA VAL D 292 9.72 -17.15 -39.31
C VAL D 292 10.21 -15.72 -39.09
N GLY D 293 9.58 -15.02 -38.17
CA GLY D 293 10.06 -13.70 -37.77
C GLY D 293 9.28 -12.56 -38.40
N VAL D 294 9.90 -11.38 -38.44
CA VAL D 294 9.23 -10.17 -38.94
C VAL D 294 8.85 -10.25 -40.43
N VAL D 295 9.55 -11.10 -41.18
CA VAL D 295 9.35 -11.22 -42.64
C VAL D 295 8.02 -11.91 -43.00
N THR D 296 7.36 -12.50 -42.01
CA THR D 296 6.11 -13.21 -42.23
C THR D 296 4.95 -12.23 -42.43
N ALA D 297 4.08 -12.53 -43.39
CA ALA D 297 2.92 -11.69 -43.66
C ALA D 297 1.80 -12.02 -42.69
N ILE D 298 1.62 -11.18 -41.68
CA ILE D 298 0.53 -11.35 -40.73
C ILE D 298 -0.42 -10.18 -40.90
N PRO D 299 -1.73 -10.45 -41.09
CA PRO D 299 -2.69 -9.36 -41.29
C PRO D 299 -2.70 -8.44 -40.08
N PRO D 300 -2.94 -7.13 -40.29
CA PRO D 300 -2.96 -6.21 -39.14
C PRO D 300 -4.12 -6.57 -38.20
N ILE D 301 -3.88 -6.39 -36.90
CA ILE D 301 -4.90 -6.67 -35.87
C ILE D 301 -6.11 -5.76 -36.04
N GLU D 302 -5.83 -4.50 -36.35
CA GLU D 302 -6.84 -3.46 -36.53
C GLU D 302 -6.44 -2.64 -37.76
N LYS D 303 -7.43 -2.28 -38.59
CA LYS D 303 -7.17 -1.31 -39.65
C LYS D 303 -7.35 0.09 -39.08
N THR D 304 -6.23 0.77 -38.87
CA THR D 304 -6.22 2.09 -38.23
C THR D 304 -6.27 3.20 -39.29
N PRO D 305 -6.82 4.38 -38.94
CA PRO D 305 -6.94 5.51 -39.89
C PRO D 305 -5.64 5.85 -40.63
N ILE D 306 -4.52 5.92 -39.93
CA ILE D 306 -3.20 5.92 -40.57
C ILE D 306 -2.69 4.48 -40.55
N PRO D 307 -2.38 3.90 -41.73
CA PRO D 307 -1.99 2.49 -41.81
C PRO D 307 -0.93 2.08 -40.78
N THR D 308 -1.14 0.90 -40.19
CA THR D 308 -0.36 0.39 -39.07
C THR D 308 -0.34 -1.14 -39.16
N GLY D 309 0.74 -1.76 -38.69
CA GLY D 309 0.89 -3.22 -38.78
C GLY D 309 1.24 -3.91 -37.47
N VAL D 310 1.23 -5.24 -37.49
CA VAL D 310 1.44 -6.05 -36.28
C VAL D 310 2.94 -6.30 -36.00
N PRO D 311 3.38 -6.11 -34.74
CA PRO D 311 4.76 -6.44 -34.40
C PRO D 311 4.99 -7.94 -34.29
N LYS D 312 6.22 -8.36 -34.58
CA LYS D 312 6.63 -9.72 -34.28
C LYS D 312 7.76 -9.61 -33.29
N THR D 313 7.44 -9.94 -32.04
CA THR D 313 8.38 -9.79 -30.94
C THR D 313 9.16 -11.08 -30.74
N GLY D 314 10.22 -11.02 -29.93
CA GLY D 314 11.08 -12.16 -29.66
C GLY D 314 10.35 -13.42 -29.26
N MET D 315 9.45 -13.32 -28.27
CA MET D 315 8.71 -14.50 -27.80
C MET D 315 7.85 -15.08 -28.91
N MET D 316 7.16 -14.22 -29.66
CA MET D 316 6.35 -14.62 -30.81
C MET D 316 7.19 -15.42 -31.80
N ILE D 317 8.36 -14.88 -32.12
CA ILE D 317 9.26 -15.46 -33.12
C ILE D 317 9.87 -16.77 -32.64
N GLU D 318 10.23 -16.83 -31.36
CA GLU D 318 10.71 -18.07 -30.76
C GLU D 318 9.67 -19.19 -30.82
N GLN D 319 8.40 -18.81 -30.65
CA GLN D 319 7.30 -19.75 -30.76
C GLN D 319 7.09 -20.20 -32.21
N MET D 320 7.14 -19.27 -33.17
CA MET D 320 7.14 -19.58 -34.60
C MET D 320 8.20 -20.63 -34.94
N ALA D 321 9.41 -20.38 -34.44
CA ALA D 321 10.57 -21.23 -34.68
C ALA D 321 10.35 -22.64 -34.16
N MET D 322 9.70 -22.74 -33.00
CA MET D 322 9.36 -24.03 -32.38
C MET D 322 8.34 -24.79 -33.22
N ALA D 323 7.28 -24.08 -33.63
CA ALA D 323 6.23 -24.68 -34.46
C ALA D 323 6.76 -25.16 -35.81
N VAL D 324 7.56 -24.31 -36.47
CA VAL D 324 8.11 -24.59 -37.79
C VAL D 324 9.08 -25.76 -37.75
N ALA D 325 9.95 -25.80 -36.74
CA ALA D 325 10.88 -26.91 -36.58
C ALA D 325 10.12 -28.23 -36.41
N HIS D 326 9.09 -28.23 -35.58
CA HIS D 326 8.25 -29.43 -35.38
C HIS D 326 7.50 -29.84 -36.63
N ASN D 327 7.04 -28.87 -37.42
CA ASN D 327 6.35 -29.17 -38.69
C ASN D 327 7.26 -29.80 -39.74
N ILE D 328 8.52 -29.37 -39.77
CA ILE D 328 9.52 -29.90 -40.71
C ILE D 328 9.88 -31.34 -40.30
N VAL D 329 10.25 -31.49 -39.04
CA VAL D 329 10.58 -32.79 -38.45
C VAL D 329 9.44 -33.81 -38.60
N ASN D 330 8.21 -33.37 -38.32
CA ASN D 330 7.04 -34.22 -38.53
C ASN D 330 6.81 -34.64 -39.99
N ASP D 331 7.05 -33.71 -40.92
CA ASP D 331 6.98 -34.04 -42.34
C ASP D 331 8.03 -35.09 -42.74
N ILE D 332 9.25 -34.96 -42.18
CA ILE D 332 10.33 -35.92 -42.42
C ILE D 332 9.98 -37.31 -41.86
N ARG D 333 9.45 -37.31 -40.63
CA ARG D 333 9.13 -38.53 -39.89
C ARG D 333 7.75 -39.07 -40.21
N ASN D 334 7.12 -38.57 -41.28
CA ASN D 334 5.80 -39.03 -41.74
C ASN D 334 4.71 -38.95 -40.67
N ASN D 335 4.79 -37.91 -39.83
CA ASN D 335 3.84 -37.66 -38.76
C ASN D 335 2.92 -36.51 -39.17
N PRO D 336 1.61 -36.79 -39.30
CA PRO D 336 0.64 -35.81 -39.81
C PRO D 336 0.38 -34.63 -38.88
N ASP D 337 0.76 -34.74 -37.62
CA ASP D 337 0.54 -33.69 -36.63
C ASP D 337 1.29 -32.42 -36.99
N LYS D 338 0.58 -31.29 -36.98
CA LYS D 338 1.17 -29.99 -37.23
C LYS D 338 0.88 -29.01 -36.09
N TYR D 339 1.75 -28.03 -35.94
CA TYR D 339 1.69 -27.09 -34.84
C TYR D 339 1.57 -25.64 -35.29
N ALA D 340 0.80 -24.88 -34.51
CA ALA D 340 0.74 -23.43 -34.63
C ALA D 340 1.39 -22.83 -33.38
N PRO D 341 2.14 -21.72 -33.55
CA PRO D 341 2.70 -21.05 -32.37
C PRO D 341 1.56 -20.36 -31.62
N ARG D 342 1.68 -20.26 -30.29
CA ARG D 342 0.69 -19.55 -29.49
C ARG D 342 0.68 -18.05 -29.86
N LEU D 343 1.86 -17.52 -30.19
CA LEU D 343 2.04 -16.09 -30.49
C LEU D 343 1.70 -15.19 -29.28
N SER D 344 2.19 -15.58 -28.10
CA SER D 344 2.16 -14.71 -26.94
C SER D 344 3.46 -13.93 -26.88
N ALA D 345 3.53 -12.92 -26.02
CA ALA D 345 4.72 -12.06 -25.94
C ALA D 345 4.87 -11.38 -24.59
N ILE D 346 6.04 -11.52 -23.99
CA ILE D 346 6.49 -10.63 -22.92
C ILE D 346 7.32 -9.58 -23.64
N ILE D 348 9.35 -5.94 -22.96
CA ILE D 348 9.82 -4.96 -21.99
C ILE D 348 10.38 -3.75 -22.72
N ALA D 349 9.77 -2.59 -22.44
CA ALA D 349 10.28 -1.33 -22.96
C ALA D 349 11.11 -0.64 -21.88
N ASP D 350 12.43 -0.65 -22.09
CA ASP D 350 13.41 -0.05 -21.20
C ASP D 350 13.39 1.48 -21.32
N PHE D 351 13.32 2.16 -20.19
CA PHE D 351 13.24 3.63 -20.21
C PHE D 351 14.50 4.31 -19.64
N GLY D 352 15.48 3.50 -19.24
CA GLY D 352 16.69 4.03 -18.60
C GLY D 352 16.97 3.33 -17.28
N GLU D 353 16.35 3.83 -16.22
CA GLU D 353 16.48 3.24 -14.87
C GLU D 353 15.30 2.34 -14.50
N ASP D 354 14.16 2.59 -15.14
CA ASP D 354 12.97 1.73 -15.00
C ASP D 354 12.51 1.28 -16.38
N ALA D 355 11.45 0.48 -16.42
CA ALA D 355 10.96 -0.07 -17.68
C ALA D 355 9.48 -0.42 -17.61
N GLY D 356 8.87 -0.59 -18.77
CA GLY D 356 7.49 -1.04 -18.87
C GLY D 356 7.45 -2.50 -19.22
N PHE D 357 6.67 -3.27 -18.47
CA PHE D 357 6.52 -4.71 -18.69
C PHE D 357 5.14 -4.94 -19.27
N PHE D 358 5.12 -5.51 -20.47
CA PHE D 358 3.89 -5.75 -21.21
C PHE D 358 3.85 -7.22 -21.59
N PHE D 359 2.80 -7.92 -21.17
CA PHE D 359 2.57 -9.31 -21.53
C PHE D 359 1.19 -9.45 -22.15
N ALA D 360 1.10 -10.11 -23.30
CA ALA D 360 -0.18 -10.37 -23.97
C ALA D 360 -0.24 -11.82 -24.42
N ASP D 361 -1.31 -12.51 -24.04
CA ASP D 361 -1.48 -13.91 -24.41
C ASP D 361 -2.85 -14.24 -24.99
N PRO D 362 -2.93 -14.47 -26.32
CA PRO D 362 -1.92 -14.19 -27.34
C PRO D 362 -1.89 -12.71 -27.69
N VAL D 363 -0.86 -12.27 -28.40
CA VAL D 363 -0.75 -10.88 -28.87
C VAL D 363 -1.91 -10.51 -29.78
N ILE D 364 -2.27 -11.43 -30.68
CA ILE D 364 -3.41 -11.23 -31.58
C ILE D 364 -4.69 -11.62 -30.85
N PRO D 365 -5.60 -10.64 -30.61
CA PRO D 365 -6.84 -10.87 -29.89
C PRO D 365 -7.76 -11.85 -30.63
N PRO D 366 -8.71 -12.49 -29.92
CA PRO D 366 -9.03 -12.28 -28.49
C PRO D 366 -7.97 -12.89 -27.56
N ARG D 367 -7.75 -12.22 -26.44
CA ARG D 367 -6.69 -12.61 -25.50
C ARG D 367 -7.26 -13.36 -24.30
N GLU D 368 -6.43 -14.28 -23.79
CA GLU D 368 -6.73 -14.97 -22.54
C GLU D 368 -6.39 -14.04 -21.36
N ARG D 369 -5.24 -13.37 -21.45
CA ARG D 369 -4.71 -12.54 -20.35
C ARG D 369 -3.76 -11.47 -20.87
N VAL D 370 -3.71 -10.35 -20.17
CA VAL D 370 -2.64 -9.38 -20.32
C VAL D 370 -2.05 -9.05 -18.95
N ILE D 371 -0.80 -8.59 -18.93
CA ILE D 371 -0.20 -7.98 -17.76
C ILE D 371 0.51 -6.70 -18.18
N THR D 372 0.20 -5.60 -17.51
CA THR D 372 0.84 -4.33 -17.76
C THR D 372 1.38 -3.77 -16.44
N LYS D 373 2.70 -3.65 -16.36
CA LYS D 373 3.37 -3.22 -15.15
C LYS D 373 4.55 -2.31 -15.48
N MET D 374 4.98 -1.54 -14.48
CA MET D 374 6.10 -0.64 -14.65
C MET D 374 6.90 -0.59 -13.36
N GLY D 375 8.22 -0.62 -13.49
CA GLY D 375 9.10 -0.50 -12.33
C GLY D 375 10.57 -0.63 -12.67
N LYS D 376 11.42 -0.35 -11.69
CA LYS D 376 12.87 -0.49 -11.83
C LYS D 376 13.25 -1.96 -12.07
N TRP D 377 12.51 -2.87 -11.43
CA TRP D 377 12.69 -4.31 -11.61
C TRP D 377 12.62 -4.75 -13.08
N ALA D 378 11.79 -4.06 -13.87
CA ALA D 378 11.59 -4.41 -15.26
C ALA D 378 12.81 -4.07 -16.12
N HIS D 379 13.52 -3.02 -15.73
CA HIS D 379 14.77 -2.63 -16.37
C HIS D 379 15.84 -3.69 -16.13
N TYR D 380 15.95 -4.13 -14.88
CA TYR D 380 16.92 -5.16 -14.51
C TYR D 380 16.62 -6.50 -15.19
N PHE D 381 15.34 -6.82 -15.33
CA PHE D 381 14.93 -8.03 -16.04
C PHE D 381 15.33 -8.00 -17.50
N LYS D 382 15.22 -6.84 -18.15
CA LYS D 382 15.56 -6.73 -19.57
C LYS D 382 17.06 -6.92 -19.80
N THR D 383 17.87 -6.34 -18.92
CA THR D 383 19.31 -6.54 -18.95
C THR D 383 19.68 -8.00 -18.70
N ALA D 384 19.01 -8.61 -17.72
CA ALA D 384 19.22 -10.03 -17.38
C ALA D 384 18.88 -10.94 -18.56
N PHE D 385 17.75 -10.68 -19.20
CA PHE D 385 17.33 -11.43 -20.37
C PHE D 385 18.27 -11.31 -21.57
N GLU D 386 18.81 -10.11 -21.79
CA GLU D 386 19.86 -9.88 -22.77
C GLU D 386 21.03 -10.86 -22.58
N LYS D 387 21.56 -10.90 -21.36
CA LYS D 387 22.64 -11.83 -21.00
C LYS D 387 22.24 -13.29 -21.23
N TYR D 388 21.02 -13.63 -20.83
CA TYR D 388 20.50 -14.99 -20.99
C TYR D 388 20.34 -15.41 -22.47
N PHE D 389 19.72 -14.55 -23.28
CA PHE D 389 19.47 -14.91 -24.68
C PHE D 389 20.77 -15.09 -25.46
N LEU D 390 21.72 -14.19 -25.20
CA LEU D 390 23.04 -14.26 -25.82
C LEU D 390 23.77 -15.54 -25.43
N TRP D 391 23.67 -15.92 -24.17
CA TRP D 391 24.19 -17.21 -23.71
C TRP D 391 23.57 -18.38 -24.50
N LYS D 392 22.25 -18.34 -24.68
CA LYS D 392 21.54 -19.39 -25.45
C LYS D 392 22.07 -19.53 -26.87
N VAL D 393 22.30 -18.39 -27.51
CA VAL D 393 22.88 -18.34 -28.85
C VAL D 393 24.26 -18.99 -28.88
N ARG D 394 25.12 -18.62 -27.93
CA ARG D 394 26.49 -19.15 -27.87
C ARG D 394 26.54 -20.61 -27.47
N ASN D 395 25.47 -21.12 -26.86
CA ASN D 395 25.45 -22.49 -26.37
C ASN D 395 24.58 -23.51 -27.13
N GLY D 396 23.90 -23.04 -28.17
CA GLY D 396 23.22 -23.93 -29.12
C GLY D 396 21.84 -24.44 -28.72
N ASN D 397 21.18 -23.75 -27.80
CA ASN D 397 19.84 -24.13 -27.35
C ASN D 397 19.02 -22.89 -27.05
N ILE D 398 18.15 -22.52 -27.99
CA ILE D 398 17.27 -21.36 -27.81
C ILE D 398 16.02 -21.74 -26.98
N ALA D 399 15.80 -23.03 -26.79
CA ALA D 399 14.66 -23.51 -26.01
C ALA D 399 15.04 -24.54 -24.94
N PRO D 400 15.80 -24.12 -23.90
CA PRO D 400 16.11 -25.04 -22.79
C PRO D 400 14.82 -25.46 -22.09
N SER D 401 14.72 -26.73 -21.70
CA SER D 401 13.46 -27.28 -21.19
C SER D 401 12.94 -26.57 -19.93
N PHE D 402 13.85 -26.13 -19.08
CA PHE D 402 13.47 -25.38 -17.88
C PHE D 402 12.75 -24.06 -18.21
N GLU D 403 13.09 -23.44 -19.34
CA GLU D 403 12.49 -22.17 -19.76
C GLU D 403 10.99 -22.31 -20.02
N GLU D 404 10.60 -23.35 -20.76
CA GLU D 404 9.18 -23.62 -21.00
C GLU D 404 8.42 -23.85 -19.68
N LYS D 405 9.04 -24.60 -18.77
CA LYS D 405 8.44 -24.88 -17.46
C LYS D 405 8.24 -23.62 -16.62
N VAL D 406 9.26 -22.77 -16.61
CA VAL D 406 9.26 -21.51 -15.86
C VAL D 406 8.19 -20.55 -16.41
N LEU D 407 8.11 -20.43 -17.73
CA LEU D 407 7.09 -19.62 -18.40
C LEU D 407 5.67 -20.14 -18.12
N GLU D 408 5.53 -21.45 -18.02
CA GLU D 408 4.26 -22.08 -17.64
C GLU D 408 3.92 -21.76 -16.17
N ILE D 409 4.91 -21.92 -15.29
CA ILE D 409 4.77 -21.63 -13.86
C ILE D 409 4.34 -20.18 -13.63
N PHE D 410 5.07 -19.23 -14.22
CA PHE D 410 4.86 -17.82 -13.93
C PHE D 410 3.74 -17.15 -14.73
N LEU D 411 3.61 -17.50 -16.01
CA LEU D 411 2.71 -16.77 -16.91
C LEU D 411 1.70 -17.64 -17.65
N LYS D 412 1.64 -18.93 -17.28
CA LYS D 412 0.72 -19.91 -17.88
C LYS D 412 0.87 -20.08 -19.39
N VAL D 413 2.08 -19.89 -19.89
CA VAL D 413 2.35 -19.94 -21.33
C VAL D 413 2.66 -21.36 -21.80
N HIS D 414 2.03 -21.75 -22.90
CA HIS D 414 2.49 -22.88 -23.70
C HIS D 414 2.82 -22.31 -25.08
N PRO D 415 4.03 -22.60 -25.59
CA PRO D 415 4.52 -21.94 -26.81
C PRO D 415 3.85 -22.36 -28.11
N ILE D 416 3.46 -23.63 -28.22
CA ILE D 416 2.85 -24.13 -29.46
C ILE D 416 1.61 -24.97 -29.17
N GLU D 417 0.71 -25.08 -30.15
CA GLU D 417 -0.50 -25.89 -30.03
C GLU D 417 -0.68 -26.79 -31.24
N LEU D 418 -1.13 -28.03 -31.02
CA LEU D 418 -1.58 -28.89 -32.09
C LEU D 418 -2.62 -28.16 -32.91
N CYS D 419 -2.41 -28.09 -34.23
CA CYS D 419 -3.35 -27.42 -35.12
C CYS D 419 -3.99 -28.44 -36.05
N LYS D 420 -5.29 -28.64 -35.89
CA LYS D 420 -6.02 -29.65 -36.65
C LYS D 420 -6.30 -29.21 -38.10
N ASP D 421 -6.03 -27.94 -38.38
CA ASP D 421 -6.23 -27.37 -39.71
C ASP D 421 -5.37 -26.11 -39.90
N CYS D 422 -4.28 -26.26 -40.65
CA CYS D 422 -3.34 -25.16 -40.88
C CYS D 422 -3.89 -24.06 -41.79
N GLU D 423 -4.98 -24.37 -42.51
CA GLU D 423 -5.56 -23.44 -43.49
C GLU D 423 -6.22 -22.20 -42.88
N GLY D 424 -5.58 -21.06 -43.09
CA GLY D 424 -6.06 -19.79 -42.58
C GLY D 424 -4.89 -18.86 -42.36
N ALA D 425 -5.18 -17.60 -42.06
CA ALA D 425 -4.17 -16.58 -41.77
C ALA D 425 -3.34 -16.95 -40.53
N PRO D 426 -2.05 -16.58 -40.51
CA PRO D 426 -1.29 -16.82 -39.27
C PRO D 426 -1.91 -16.01 -38.15
N GLY D 427 -1.98 -16.59 -36.96
CA GLY D 427 -2.61 -15.93 -35.82
C GLY D 427 -4.08 -16.24 -35.63
N SER D 428 -4.73 -16.74 -36.68
CA SER D 428 -6.13 -17.17 -36.59
C SER D 428 -6.20 -18.54 -35.93
N ARG D 429 -7.30 -18.78 -35.23
CA ARG D 429 -7.45 -19.97 -34.39
C ARG D 429 -7.90 -21.20 -35.18
N CYS D 430 -7.23 -22.33 -34.94
CA CYS D 430 -7.55 -23.63 -35.57
C CYS D 430 -8.86 -24.20 -35.01
N ALA E 2 -45.80 -34.09 23.71
CA ALA E 2 -45.52 -32.70 24.18
C ALA E 2 -44.45 -32.67 25.27
N LYS E 3 -43.19 -32.61 24.85
CA LYS E 3 -42.06 -32.58 25.78
C LYS E 3 -41.81 -31.18 26.35
N HIS E 4 -41.18 -31.12 27.52
CA HIS E 4 -40.96 -29.86 28.23
C HIS E 4 -39.47 -29.63 28.52
N VAL E 5 -38.96 -28.50 28.02
CA VAL E 5 -37.59 -28.06 28.33
C VAL E 5 -37.65 -26.82 29.23
N VAL E 6 -36.93 -26.87 30.35
CA VAL E 6 -36.72 -25.67 31.16
C VAL E 6 -35.33 -25.11 30.92
N VAL E 7 -35.27 -23.82 30.65
CA VAL E 7 -34.02 -23.08 30.51
C VAL E 7 -33.87 -22.17 31.72
N ILE E 8 -32.75 -22.28 32.40
CA ILE E 8 -32.45 -21.36 33.51
C ILE E 8 -31.45 -20.31 33.03
N GLY E 9 -31.90 -19.05 33.00
CA GLY E 9 -31.06 -17.95 32.57
C GLY E 9 -31.56 -17.27 31.31
N GLY E 10 -31.84 -15.97 31.40
CA GLY E 10 -32.34 -15.19 30.27
C GLY E 10 -31.26 -14.29 29.68
N GLY E 11 -30.08 -14.87 29.46
CA GLY E 11 -29.00 -14.16 28.80
C GLY E 11 -28.73 -14.77 27.43
N VAL E 12 -27.50 -14.63 26.97
CA VAL E 12 -27.10 -15.09 25.64
C VAL E 12 -27.35 -16.59 25.43
N GLY E 13 -26.90 -17.40 26.39
CA GLY E 13 -26.99 -18.85 26.28
C GLY E 13 -28.42 -19.35 26.37
N GLY E 14 -29.14 -18.86 27.37
CA GLY E 14 -30.53 -19.26 27.61
C GLY E 14 -31.48 -18.86 26.50
N ILE E 15 -31.43 -17.59 26.10
CA ILE E 15 -32.24 -17.07 24.99
C ILE E 15 -31.93 -17.81 23.68
N ALA E 16 -30.65 -17.98 23.38
CA ALA E 16 -30.25 -18.68 22.15
C ALA E 16 -30.73 -20.13 22.13
N THR E 17 -30.60 -20.84 23.24
CA THR E 17 -31.04 -22.24 23.30
C THR E 17 -32.56 -22.33 23.19
N ALA E 18 -33.27 -21.49 23.94
CA ALA E 18 -34.74 -21.47 23.91
C ALA E 18 -35.29 -21.14 22.51
N TYR E 19 -34.69 -20.15 21.83
CA TYR E 19 -35.13 -19.76 20.48
C TYR E 19 -34.83 -20.82 19.43
N ASN E 20 -33.64 -21.42 19.52
CA ASN E 20 -33.25 -22.53 18.65
C ASN E 20 -34.21 -23.71 18.75
N LEU E 21 -34.53 -24.09 19.99
CA LEU E 21 -35.45 -25.18 20.28
C LEU E 21 -36.84 -24.87 19.72
N ARG E 22 -37.28 -23.63 19.88
CA ARG E 22 -38.57 -23.18 19.38
C ARG E 22 -38.66 -23.22 17.84
N ASN E 23 -37.62 -22.77 17.17
CA ASN E 23 -37.58 -22.78 15.71
C ASN E 23 -37.45 -24.20 15.14
N LEU E 24 -36.75 -25.06 15.88
CA LEU E 24 -36.60 -26.46 15.52
C LEU E 24 -37.90 -27.24 15.74
N MET E 25 -38.63 -26.87 16.79
CA MET E 25 -39.72 -27.68 17.29
C MET E 25 -40.84 -26.80 17.84
N PRO E 26 -41.71 -26.29 16.94
CA PRO E 26 -42.82 -25.39 17.33
C PRO E 26 -43.77 -25.99 18.37
N ASP E 27 -43.84 -27.31 18.42
CA ASP E 27 -44.73 -28.07 19.31
C ASP E 27 -44.17 -28.26 20.72
N LEU E 28 -42.86 -28.02 20.87
CA LEU E 28 -42.15 -28.21 22.14
C LEU E 28 -42.61 -27.19 23.18
N LYS E 29 -42.78 -27.63 24.42
CA LYS E 29 -43.03 -26.72 25.53
C LYS E 29 -41.70 -26.21 26.09
N ILE E 30 -41.59 -24.89 26.20
CA ILE E 30 -40.36 -24.26 26.68
C ILE E 30 -40.68 -23.24 27.77
N THR E 31 -40.03 -23.40 28.91
CA THR E 31 -40.13 -22.48 30.02
C THR E 31 -38.77 -21.89 30.31
N LEU E 32 -38.70 -20.56 30.38
CA LEU E 32 -37.45 -19.88 30.70
C LEU E 32 -37.54 -19.22 32.07
N ILE E 33 -36.63 -19.62 32.97
CA ILE E 33 -36.54 -19.05 34.32
C ILE E 33 -35.37 -18.06 34.38
N SER E 34 -35.63 -16.83 34.79
CA SER E 34 -34.56 -15.84 34.98
C SER E 34 -34.90 -14.86 36.09
N ASP E 35 -33.89 -14.54 36.90
CA ASP E 35 -34.06 -13.59 38.00
C ASP E 35 -34.14 -12.14 37.51
N ARG E 36 -33.56 -11.86 36.35
CA ARG E 36 -33.67 -10.54 35.75
C ARG E 36 -34.82 -10.47 34.75
N PRO E 37 -35.65 -9.40 34.82
CA PRO E 37 -36.79 -9.22 33.91
C PRO E 37 -36.40 -8.85 32.48
N TYR E 38 -35.10 -8.68 32.22
CA TYR E 38 -34.62 -8.24 30.93
C TYR E 38 -33.47 -9.11 30.42
N PHE E 39 -33.36 -9.22 29.09
CA PHE E 39 -32.11 -9.65 28.46
C PHE E 39 -31.19 -8.45 28.41
N GLY E 40 -29.94 -8.63 28.84
CA GLY E 40 -28.94 -7.58 28.78
C GLY E 40 -27.85 -7.93 27.78
N PHE E 41 -27.60 -7.03 26.84
CA PHE E 41 -26.55 -7.23 25.84
C PHE E 41 -25.18 -6.92 26.45
N THR E 42 -24.62 -7.95 27.07
CA THR E 42 -23.34 -7.89 27.80
C THR E 42 -22.19 -7.19 27.05
N PRO E 43 -22.02 -7.46 25.74
CA PRO E 43 -20.95 -6.76 25.01
C PRO E 43 -21.03 -5.22 25.00
N ALA E 44 -22.18 -4.64 25.35
CA ALA E 44 -22.28 -3.18 25.45
C ALA E 44 -22.23 -2.64 26.89
N PHE E 45 -21.87 -3.50 27.85
CA PHE E 45 -21.72 -3.08 29.25
C PHE E 45 -20.49 -2.19 29.50
N PRO E 46 -19.35 -2.44 28.82
CA PRO E 46 -18.27 -1.45 28.90
C PRO E 46 -18.70 -0.04 28.41
N HIS E 47 -19.42 0.01 27.30
CA HIS E 47 -19.97 1.26 26.78
C HIS E 47 -20.92 1.93 27.78
N LEU E 48 -21.78 1.12 28.41
CA LEU E 48 -22.70 1.59 29.44
C LEU E 48 -21.94 2.21 30.61
N ALA E 49 -20.90 1.52 31.07
CA ALA E 49 -20.00 2.03 32.10
C ALA E 49 -19.35 3.35 31.69
N MET E 50 -19.01 3.47 30.41
CA MET E 50 -18.42 4.69 29.87
C MET E 50 -19.44 5.82 29.69
N GLY E 51 -20.72 5.50 29.93
CA GLY E 51 -21.81 6.46 29.70
C GLY E 51 -22.12 6.67 28.23
N TRP E 52 -21.72 5.71 27.40
CA TRP E 52 -21.91 5.78 25.94
C TRP E 52 -23.17 5.04 25.49
N ARG E 53 -23.86 4.42 26.44
CA ARG E 53 -25.17 3.82 26.18
C ARG E 53 -26.15 4.20 27.28
N LYS E 54 -27.43 4.24 26.92
CA LYS E 54 -28.51 4.20 27.90
C LYS E 54 -28.91 2.74 28.10
N PHE E 55 -29.22 2.37 29.34
CA PHE E 55 -29.59 0.99 29.68
C PHE E 55 -30.71 0.43 28.79
N GLU E 56 -31.70 1.28 28.51
CA GLU E 56 -32.88 0.92 27.74
C GLU E 56 -32.56 0.50 26.30
N ASP E 57 -31.47 1.05 25.76
CA ASP E 57 -31.06 0.77 24.39
C ASP E 57 -30.31 -0.56 24.21
N ILE E 58 -29.81 -1.12 25.31
CA ILE E 58 -29.03 -2.37 25.26
C ILE E 58 -29.68 -3.51 26.05
N SER E 59 -30.97 -3.38 26.29
CA SER E 59 -31.74 -4.39 27.03
C SER E 59 -33.12 -4.60 26.45
N VAL E 60 -33.69 -5.77 26.73
CA VAL E 60 -34.99 -6.17 26.20
C VAL E 60 -35.83 -6.80 27.31
N PRO E 61 -36.93 -6.14 27.72
CA PRO E 61 -37.87 -6.76 28.66
C PRO E 61 -38.43 -8.07 28.10
N LEU E 62 -38.38 -9.13 28.90
CA LEU E 62 -38.68 -10.48 28.41
C LEU E 62 -40.13 -10.92 28.65
N ALA E 63 -40.74 -10.42 29.72
CA ALA E 63 -42.14 -10.74 30.03
C ALA E 63 -43.12 -10.45 28.88
N PRO E 64 -43.06 -9.24 28.29
CA PRO E 64 -43.94 -8.96 27.16
C PRO E 64 -43.56 -9.67 25.85
N LEU E 65 -42.32 -10.15 25.77
CA LEU E 65 -41.74 -10.65 24.53
C LEU E 65 -41.88 -12.16 24.33
N LEU E 66 -41.47 -12.91 25.34
CA LEU E 66 -41.32 -14.37 25.20
C LEU E 66 -42.61 -15.13 24.87
N PRO E 67 -43.77 -14.71 25.42
CA PRO E 67 -45.05 -15.30 25.01
C PRO E 67 -45.33 -15.22 23.50
N LYS E 68 -44.73 -14.25 22.82
CA LYS E 68 -44.92 -14.10 21.36
C LYS E 68 -44.33 -15.28 20.58
N PHE E 69 -43.32 -15.92 21.17
CA PHE E 69 -42.69 -17.12 20.58
C PHE E 69 -43.07 -18.39 21.35
N ASN E 70 -44.21 -18.33 22.04
CA ASN E 70 -44.74 -19.43 22.85
C ASN E 70 -43.73 -19.98 23.87
N ILE E 71 -42.95 -19.07 24.47
CA ILE E 71 -42.04 -19.40 25.56
C ILE E 71 -42.61 -18.86 26.86
N GLU E 72 -42.78 -19.75 27.85
CA GLU E 72 -43.26 -19.35 29.17
C GLU E 72 -42.12 -18.71 29.95
N PHE E 73 -42.33 -17.49 30.44
CA PHE E 73 -41.32 -16.76 31.20
C PHE E 73 -41.69 -16.65 32.67
N ILE E 74 -40.80 -17.13 33.54
CA ILE E 74 -40.97 -16.92 34.97
C ILE E 74 -39.84 -16.09 35.55
N ASN E 75 -40.18 -14.86 35.96
CA ASN E 75 -39.23 -13.90 36.50
C ASN E 75 -38.91 -14.22 37.96
N GLU E 76 -38.15 -15.28 38.15
CA GLU E 76 -37.73 -15.76 39.46
C GLU E 76 -36.34 -16.33 39.39
N LYS E 77 -35.64 -16.29 40.52
CA LYS E 77 -34.35 -16.93 40.64
C LYS E 77 -34.54 -18.42 40.88
N ALA E 78 -33.88 -19.25 40.07
CA ALA E 78 -33.85 -20.68 40.34
C ALA E 78 -32.97 -20.93 41.55
N GLU E 79 -33.54 -21.63 42.54
CA GLU E 79 -32.87 -21.83 43.82
C GLU E 79 -32.13 -23.17 43.87
N SER E 80 -32.80 -24.24 43.44
CA SER E 80 -32.23 -25.58 43.51
C SER E 80 -32.63 -26.45 42.32
N ILE E 81 -31.79 -27.42 42.01
CA ILE E 81 -32.07 -28.41 40.98
C ILE E 81 -32.02 -29.80 41.63
N ASP E 82 -33.08 -30.58 41.41
CA ASP E 82 -33.11 -31.99 41.79
C ASP E 82 -33.04 -32.79 40.51
N PRO E 83 -31.84 -33.32 40.19
CA PRO E 83 -31.61 -34.01 38.91
C PRO E 83 -32.27 -35.39 38.86
N ASP E 84 -32.43 -36.03 40.01
CA ASP E 84 -33.05 -37.35 40.08
C ASP E 84 -34.58 -37.29 39.98
N ALA E 85 -35.15 -36.16 40.40
CA ALA E 85 -36.59 -35.93 40.28
C ALA E 85 -36.97 -35.21 38.98
N ASN E 86 -35.96 -34.74 38.24
CA ASN E 86 -36.17 -33.90 37.05
C ASN E 86 -36.99 -32.65 37.37
N THR E 87 -36.59 -31.95 38.43
CA THR E 87 -37.32 -30.77 38.90
C THR E 87 -36.39 -29.58 39.14
N VAL E 88 -36.94 -28.39 39.00
CA VAL E 88 -36.28 -27.13 39.37
C VAL E 88 -37.20 -26.38 40.34
N THR E 89 -36.62 -25.83 41.40
CA THR E 89 -37.38 -25.06 42.40
C THR E 89 -36.92 -23.60 42.43
N THR E 90 -37.88 -22.69 42.32
CA THR E 90 -37.59 -21.26 42.36
C THR E 90 -37.51 -20.74 43.80
N GLN E 91 -37.09 -19.48 43.95
CA GLN E 91 -36.89 -18.88 45.27
C GLN E 91 -38.17 -18.79 46.11
N SER E 92 -39.31 -18.61 45.43
CA SER E 92 -40.61 -18.61 46.10
C SER E 92 -41.01 -20.03 46.52
N GLY E 93 -40.76 -21.01 45.66
CA GLY E 93 -41.03 -22.40 45.98
C GLY E 93 -41.73 -23.21 44.90
N LYS E 94 -41.83 -22.64 43.70
CA LYS E 94 -42.45 -23.30 42.55
C LYS E 94 -41.59 -24.44 42.03
N LYS E 95 -42.13 -25.66 42.09
CA LYS E 95 -41.44 -26.83 41.54
C LYS E 95 -41.82 -27.01 40.07
N ILE E 96 -40.85 -26.84 39.18
CA ILE E 96 -41.08 -27.02 37.75
C ILE E 96 -40.44 -28.32 37.28
N GLU E 97 -41.29 -29.22 36.78
CA GLU E 97 -40.82 -30.48 36.23
C GLU E 97 -40.29 -30.26 34.82
N TYR E 98 -39.24 -31.00 34.46
CA TYR E 98 -38.69 -30.94 33.11
C TYR E 98 -38.41 -32.32 32.53
N ASP E 99 -38.52 -32.42 31.21
CA ASP E 99 -38.00 -33.57 30.49
C ASP E 99 -36.53 -33.30 30.15
N TYR E 100 -36.24 -32.05 29.76
CA TYR E 100 -34.87 -31.60 29.52
C TYR E 100 -34.59 -30.31 30.28
N LEU E 101 -33.36 -30.19 30.75
CA LEU E 101 -32.92 -28.99 31.45
C LEU E 101 -31.68 -28.40 30.79
N VAL E 102 -31.72 -27.09 30.56
CA VAL E 102 -30.57 -26.32 30.09
C VAL E 102 -30.21 -25.26 31.13
N ILE E 103 -29.01 -25.39 31.68
CA ILE E 103 -28.49 -24.44 32.68
C ILE E 103 -27.62 -23.41 31.98
N ALA E 104 -28.02 -22.15 32.07
CA ALA E 104 -27.34 -21.05 31.40
C ALA E 104 -27.39 -19.79 32.26
N THR E 105 -26.91 -19.93 33.50
CA THR E 105 -27.00 -18.86 34.50
C THR E 105 -25.88 -17.81 34.41
N GLY E 106 -24.93 -18.04 33.50
CA GLY E 106 -23.83 -17.10 33.33
C GLY E 106 -22.83 -17.16 34.46
N PRO E 107 -21.98 -16.12 34.57
CA PRO E 107 -21.00 -16.10 35.66
C PRO E 107 -21.57 -15.70 37.00
N LYS E 108 -21.16 -16.42 38.06
CA LYS E 108 -21.27 -15.88 39.42
C LYS E 108 -19.93 -15.22 39.75
N LEU E 109 -20.00 -13.93 40.12
CA LEU E 109 -18.80 -13.10 40.24
C LEU E 109 -18.13 -13.23 41.60
N VAL E 110 -16.80 -13.40 41.57
CA VAL E 110 -16.00 -13.50 42.79
C VAL E 110 -14.96 -12.37 42.79
N PHE E 111 -15.15 -11.42 43.70
CA PHE E 111 -14.24 -10.29 43.83
C PHE E 111 -13.13 -10.67 44.80
N GLY E 112 -12.20 -11.49 44.31
CA GLY E 112 -11.21 -12.18 45.14
C GLY E 112 -10.16 -11.33 45.83
N ALA E 113 -9.88 -10.14 45.30
CA ALA E 113 -8.92 -9.25 45.93
C ALA E 113 -9.55 -8.56 47.14
N GLU E 114 -8.78 -8.42 48.22
CA GLU E 114 -9.24 -7.72 49.42
C GLU E 114 -9.68 -6.29 49.09
N GLY E 115 -10.90 -5.94 49.48
CA GLY E 115 -11.46 -4.62 49.23
C GLY E 115 -11.95 -4.37 47.81
N GLN E 116 -11.93 -5.40 46.97
CA GLN E 116 -12.28 -5.25 45.56
C GLN E 116 -13.74 -4.86 45.32
N GLU E 117 -14.66 -5.54 45.99
CA GLU E 117 -16.08 -5.26 45.81
C GLU E 117 -16.44 -3.86 46.31
N GLU E 118 -15.78 -3.44 47.41
CA GLU E 118 -16.08 -2.18 48.08
C GLU E 118 -15.39 -0.97 47.45
N ASN E 119 -14.12 -1.15 47.07
CA ASN E 119 -13.27 -0.04 46.64
C ASN E 119 -13.06 0.05 45.12
N SER E 120 -13.25 -1.06 44.42
CA SER E 120 -13.06 -1.04 42.97
C SER E 120 -14.38 -0.84 42.23
N THR E 121 -14.32 -0.91 40.91
CA THR E 121 -15.52 -0.94 40.08
C THR E 121 -15.48 -2.17 39.16
N SER E 122 -16.64 -2.56 38.67
CA SER E 122 -16.73 -3.65 37.69
C SER E 122 -17.80 -3.34 36.64
N ILE E 123 -17.70 -4.02 35.51
CA ILE E 123 -18.57 -3.75 34.37
C ILE E 123 -19.27 -5.02 33.88
N CYS E 124 -19.28 -6.06 34.72
CA CYS E 124 -19.79 -7.38 34.33
C CYS E 124 -21.31 -7.49 34.30
N THR E 125 -22.00 -6.63 35.06
CA THR E 125 -23.46 -6.54 34.97
C THR E 125 -23.84 -5.10 34.65
N ALA E 126 -25.08 -4.91 34.20
CA ALA E 126 -25.58 -3.57 33.90
C ALA E 126 -25.61 -2.73 35.17
N GLU E 127 -26.00 -3.36 36.28
CA GLU E 127 -26.06 -2.70 37.59
C GLU E 127 -24.68 -2.23 38.02
N HIS E 128 -23.68 -3.09 37.86
CA HIS E 128 -22.28 -2.75 38.17
C HIS E 128 -21.74 -1.67 37.25
N ALA E 129 -22.02 -1.78 35.95
CA ALA E 129 -21.55 -0.82 34.95
C ALA E 129 -22.10 0.58 35.20
N LEU E 130 -23.36 0.67 35.63
CA LEU E 130 -24.00 1.94 35.92
C LEU E 130 -23.34 2.63 37.13
N GLU E 131 -22.90 1.83 38.08
CA GLU E 131 -22.15 2.33 39.24
C GLU E 131 -20.78 2.84 38.83
N THR E 132 -20.13 2.13 37.91
CA THR E 132 -18.83 2.54 37.38
C THR E 132 -18.87 3.92 36.71
N GLN E 133 -19.95 4.21 35.98
CA GLN E 133 -20.13 5.53 35.36
C GLN E 133 -20.17 6.63 36.41
N LYS E 134 -20.91 6.40 37.50
CA LYS E 134 -20.95 7.33 38.62
C LYS E 134 -19.55 7.60 39.15
N LYS E 135 -18.73 6.56 39.24
CA LYS E 135 -17.35 6.69 39.73
C LYS E 135 -16.42 7.35 38.72
N LEU E 136 -16.69 7.15 37.43
CA LEU E 136 -15.92 7.81 36.37
C LEU E 136 -16.12 9.33 36.40
N GLN E 137 -17.35 9.76 36.67
CA GLN E 137 -17.65 11.18 36.84
C GLN E 137 -16.85 11.80 37.98
N GLU E 138 -16.70 11.05 39.07
CA GLU E 138 -15.84 11.43 40.19
C GLU E 138 -14.37 11.57 39.77
N LEU E 139 -13.92 10.69 38.88
CA LEU E 139 -12.56 10.73 38.35
C LEU E 139 -12.32 11.94 37.45
N TYR E 140 -13.28 12.25 36.60
CA TYR E 140 -13.17 13.42 35.72
C TYR E 140 -13.16 14.72 36.52
N ALA E 141 -13.94 14.73 37.61
CA ALA E 141 -14.04 15.89 38.50
C ALA E 141 -12.74 16.10 39.29
N ASN E 142 -12.21 15.02 39.86
CA ASN E 142 -10.96 15.04 40.61
C ASN E 142 -9.95 14.02 40.03
N PRO E 143 -9.22 14.41 38.97
CA PRO E 143 -8.28 13.51 38.26
C PRO E 143 -7.20 12.91 39.16
N GLY E 144 -6.86 11.65 38.88
CA GLY E 144 -5.82 10.93 39.61
C GLY E 144 -5.43 9.65 38.87
N PRO E 145 -4.52 8.85 39.46
CA PRO E 145 -4.05 7.63 38.81
C PRO E 145 -5.16 6.60 38.57
N VAL E 146 -5.09 5.94 37.42
CA VAL E 146 -6.03 4.89 37.07
C VAL E 146 -5.28 3.56 36.95
N VAL E 147 -5.84 2.52 37.56
CA VAL E 147 -5.37 1.16 37.29
C VAL E 147 -6.51 0.17 37.00
N ILE E 148 -6.35 -0.54 35.90
CA ILE E 148 -7.37 -1.43 35.38
C ILE E 148 -6.74 -2.80 35.20
N GLY E 149 -7.52 -3.87 35.34
CA GLY E 149 -7.01 -5.18 34.98
C GLY E 149 -7.81 -6.37 35.44
N ALA E 150 -7.09 -7.46 35.68
CA ALA E 150 -7.68 -8.75 36.02
C ALA E 150 -6.98 -9.34 37.25
N ILE E 151 -7.78 -9.90 38.15
CA ILE E 151 -7.26 -10.59 39.34
C ILE E 151 -6.97 -12.06 38.97
N PRO E 152 -6.33 -12.83 39.89
CA PRO E 152 -6.09 -14.24 39.57
C PRO E 152 -7.38 -15.02 39.35
N GLY E 153 -7.36 -15.98 38.43
CA GLY E 153 -8.51 -16.84 38.16
C GLY E 153 -9.49 -16.26 37.14
N VAL E 154 -9.22 -15.05 36.69
CA VAL E 154 -10.07 -14.40 35.68
C VAL E 154 -10.08 -15.21 34.38
N SER E 155 -11.25 -15.26 33.74
CA SER E 155 -11.40 -15.94 32.46
C SER E 155 -11.93 -15.03 31.33
N PHE E 157 -11.01 -11.53 29.83
CA PHE E 157 -10.04 -10.43 29.85
C PHE E 157 -10.38 -9.31 28.88
N GLY E 158 -11.04 -9.65 27.78
CA GLY E 158 -11.37 -8.70 26.71
C GLY E 158 -11.99 -7.39 27.15
N PRO E 159 -13.05 -7.42 27.98
CA PRO E 159 -13.68 -6.19 28.43
C PRO E 159 -12.79 -5.26 29.26
N ALA E 160 -11.80 -5.82 29.95
CA ALA E 160 -10.82 -5.01 30.68
C ALA E 160 -9.93 -4.21 29.73
N TYR E 161 -9.48 -4.87 28.65
CA TYR E 161 -8.73 -4.18 27.59
C TYR E 161 -9.58 -3.11 26.90
N GLU E 162 -10.82 -3.47 26.56
CA GLU E 162 -11.76 -2.52 25.94
C GLU E 162 -11.93 -1.30 26.82
N PHE E 163 -12.24 -1.55 28.10
CA PHE E 163 -12.50 -0.47 29.05
C PHE E 163 -11.31 0.48 29.18
N ALA E 164 -10.12 -0.09 29.36
CA ALA E 164 -8.87 0.68 29.41
C ALA E 164 -8.70 1.60 28.20
N LEU E 165 -8.88 1.05 27.00
CA LEU E 165 -8.72 1.82 25.77
C LEU E 165 -9.81 2.87 25.55
N MET E 166 -11.05 2.51 25.89
CA MET E 166 -12.19 3.44 25.88
C MET E 166 -11.97 4.61 26.84
N LEU E 167 -11.48 4.30 28.05
CA LEU E 167 -11.20 5.33 29.05
C LEU E 167 -10.06 6.26 28.62
N HIS E 168 -8.99 5.70 28.08
CA HIS E 168 -7.93 6.48 27.46
C HIS E 168 -8.52 7.45 26.43
N TYR E 169 -9.33 6.88 25.51
CA TYR E 169 -10.02 7.67 24.49
C TYR E 169 -10.81 8.84 25.10
N GLU E 170 -11.60 8.56 26.13
CA GLU E 170 -12.42 9.58 26.80
C GLU E 170 -11.57 10.67 27.47
N LEU E 171 -10.57 10.24 28.24
CA LEU E 171 -9.62 11.15 28.90
C LEU E 171 -8.98 12.11 27.92
N LYS E 172 -8.59 11.57 26.76
CA LYS E 172 -7.94 12.33 25.71
C LYS E 172 -8.91 13.33 25.08
N LYS E 173 -10.16 12.92 24.92
CA LYS E 173 -11.21 13.81 24.39
C LYS E 173 -11.53 14.94 25.37
N ARG E 174 -11.37 14.67 26.67
CA ARG E 174 -11.61 15.66 27.70
C ARG E 174 -10.39 16.54 27.97
N GLY E 175 -9.28 16.23 27.31
CA GLY E 175 -8.02 16.99 27.43
C GLY E 175 -7.32 16.83 28.77
N ILE E 176 -7.54 15.68 29.41
CA ILE E 176 -6.96 15.41 30.74
C ILE E 176 -6.09 14.15 30.80
N ARG E 177 -5.81 13.54 29.64
CA ARG E 177 -5.01 12.32 29.57
C ARG E 177 -3.59 12.51 30.13
N TYR E 178 -2.99 13.66 29.85
CA TYR E 178 -1.64 13.96 30.34
C TYR E 178 -1.62 14.30 31.85
N LYS E 179 -2.80 14.22 32.46
CA LYS E 179 -2.98 14.43 33.90
C LYS E 179 -3.38 13.13 34.60
N VAL E 180 -3.61 12.08 33.82
CA VAL E 180 -4.12 10.81 34.36
C VAL E 180 -3.23 9.63 33.95
N PRO E 181 -2.36 9.16 34.87
CA PRO E 181 -1.60 7.93 34.65
C PRO E 181 -2.51 6.72 34.53
N MET E 182 -2.17 5.82 33.61
CA MET E 182 -2.94 4.60 33.40
C MET E 182 -2.01 3.38 33.46
N THR E 183 -2.42 2.40 34.25
CA THR E 183 -1.68 1.15 34.42
C THR E 183 -2.64 -0.02 34.31
N PHE E 184 -2.23 -1.03 33.54
CA PHE E 184 -3.02 -2.26 33.34
C PHE E 184 -2.30 -3.42 34.02
N ILE E 185 -2.96 -4.03 35.01
CA ILE E 185 -2.35 -5.14 35.74
C ILE E 185 -3.16 -6.42 35.49
N THR E 186 -2.48 -7.50 35.08
CA THR E 186 -3.19 -8.72 34.70
C THR E 186 -2.54 -10.01 35.18
N SER E 187 -3.39 -11.01 35.42
CA SER E 187 -2.95 -12.36 35.77
C SER E 187 -2.48 -13.14 34.55
N GLU E 188 -2.78 -12.62 33.35
CA GLU E 188 -2.24 -13.18 32.10
C GLU E 188 -0.72 -13.16 32.17
N PRO E 189 -0.07 -14.22 31.65
CA PRO E 189 1.39 -14.26 31.58
C PRO E 189 1.98 -13.16 30.69
N TYR E 190 1.19 -12.70 29.72
CA TYR E 190 1.55 -11.56 28.90
C TYR E 190 0.28 -10.88 28.39
N LEU E 191 0.40 -9.64 27.89
CA LEU E 191 -0.71 -8.93 27.28
C LEU E 191 -1.24 -9.68 26.06
N GLY E 192 -2.57 -9.75 25.94
CA GLY E 192 -3.17 -10.41 24.80
C GLY E 192 -3.10 -11.92 24.83
N HIS E 193 -2.93 -12.48 26.04
CA HIS E 193 -3.07 -13.92 26.27
C HIS E 193 -4.56 -14.29 26.22
N PHE E 194 -5.39 -13.46 26.86
CA PHE E 194 -6.88 -13.57 26.84
C PHE E 194 -7.42 -14.86 27.46
N GLY E 195 -6.53 -15.67 28.04
CA GLY E 195 -6.92 -16.96 28.57
C GLY E 195 -6.99 -18.02 27.49
N VAL E 196 -6.39 -17.74 26.33
CA VAL E 196 -6.46 -18.65 25.17
C VAL E 196 -5.09 -18.95 24.57
N GLY E 197 -4.03 -18.56 25.28
CA GLY E 197 -2.67 -18.69 24.76
C GLY E 197 -2.40 -17.69 23.66
N GLY E 198 -3.21 -16.63 23.61
CA GLY E 198 -3.08 -15.61 22.59
C GLY E 198 -3.80 -15.95 21.30
N ILE E 199 -4.08 -14.92 20.50
CA ILE E 199 -4.71 -15.11 19.20
C ILE E 199 -3.82 -14.48 18.14
N GLY E 200 -3.18 -15.32 17.33
CA GLY E 200 -2.20 -14.86 16.37
C GLY E 200 -1.18 -13.99 17.07
N ALA E 201 -0.88 -12.85 16.46
CA ALA E 201 0.08 -11.89 17.01
C ALA E 201 -0.55 -10.92 18.03
N SER E 202 -1.50 -11.38 18.83
CA SER E 202 -2.20 -10.53 19.79
C SER E 202 -1.29 -9.88 20.85
N LYS E 203 -0.28 -10.62 21.31
CA LYS E 203 0.70 -10.10 22.27
C LYS E 203 1.39 -8.84 21.72
N ARG E 204 2.07 -9.00 20.58
CA ARG E 204 2.69 -7.91 19.82
C ARG E 204 1.72 -6.74 19.61
N LEU E 205 0.52 -7.05 19.14
CA LEU E 205 -0.52 -6.05 18.82
C LEU E 205 -0.94 -5.23 20.02
N VAL E 206 -1.25 -5.89 21.14
CA VAL E 206 -1.74 -5.19 22.33
C VAL E 206 -0.61 -4.41 22.99
N GLU E 207 0.59 -4.98 22.97
CA GLU E 207 1.78 -4.30 23.49
C GLU E 207 2.00 -2.96 22.77
N ASP E 208 1.93 -2.99 21.43
CA ASP E 208 2.13 -1.79 20.61
C ASP E 208 1.05 -0.77 20.83
N LEU E 209 -0.18 -1.25 20.99
CA LEU E 209 -1.34 -0.43 21.29
C LEU E 209 -1.17 0.33 22.60
N PHE E 210 -0.84 -0.42 23.65
CA PHE E 210 -0.57 0.15 24.97
C PHE E 210 0.61 1.12 24.95
N ALA E 211 1.63 0.78 24.17
CA ALA E 211 2.81 1.65 23.99
C ALA E 211 2.48 2.97 23.29
N GLU E 212 1.70 2.89 22.22
CA GLU E 212 1.30 4.08 21.45
C GLU E 212 0.40 5.00 22.26
N ARG E 213 -0.33 4.43 23.21
CA ARG E 213 -1.28 5.19 24.01
C ARG E 213 -0.79 5.45 25.43
N ASN E 214 0.48 5.13 25.68
CA ASN E 214 1.09 5.30 27.00
C ASN E 214 0.24 4.69 28.13
N ILE E 215 -0.15 3.43 27.94
CA ILE E 215 -0.76 2.67 29.00
C ILE E 215 0.30 1.72 29.56
N ASP E 216 0.77 2.04 30.77
CA ASP E 216 1.74 1.19 31.46
C ASP E 216 1.07 -0.13 31.80
N TRP E 217 1.85 -1.20 31.85
CA TRP E 217 1.29 -2.52 32.14
C TRP E 217 2.21 -3.40 32.99
N ILE E 218 1.58 -4.26 33.78
CA ILE E 218 2.27 -5.26 34.60
C ILE E 218 1.52 -6.56 34.38
N ALA E 219 2.20 -7.57 33.85
CA ALA E 219 1.59 -8.86 33.57
C ALA E 219 2.15 -9.95 34.48
N ASN E 220 1.46 -11.10 34.51
CA ASN E 220 1.96 -12.27 35.21
C ASN E 220 2.12 -12.04 36.72
N VAL E 221 1.20 -11.28 37.30
CA VAL E 221 1.19 -11.01 38.74
C VAL E 221 -0.20 -11.24 39.33
N ALA E 222 -0.27 -11.35 40.66
CA ALA E 222 -1.54 -11.58 41.34
C ALA E 222 -1.95 -10.35 42.13
N VAL E 223 -3.02 -9.69 41.70
CA VAL E 223 -3.61 -8.58 42.45
C VAL E 223 -4.22 -9.15 43.73
N LYS E 224 -3.74 -8.66 44.88
CA LYS E 224 -4.12 -9.20 46.19
C LYS E 224 -5.10 -8.31 46.95
N ALA E 225 -5.00 -7.00 46.73
CA ALA E 225 -5.85 -6.03 47.42
C ALA E 225 -6.08 -4.77 46.60
N ILE E 226 -7.30 -4.23 46.72
CA ILE E 226 -7.65 -2.92 46.17
C ILE E 226 -8.06 -2.01 47.32
N GLU E 227 -7.24 -0.99 47.57
CA GLU E 227 -7.52 -0.02 48.63
C GLU E 227 -8.08 1.27 48.01
N PRO E 228 -8.59 2.22 48.83
CA PRO E 228 -9.14 3.45 48.26
C PRO E 228 -8.09 4.32 47.54
N ASP E 229 -6.81 4.10 47.84
CA ASP E 229 -5.73 4.90 47.27
C ASP E 229 -4.61 4.09 46.61
N LYS E 230 -4.72 2.76 46.63
CA LYS E 230 -3.70 1.89 46.05
C LYS E 230 -4.19 0.49 45.64
N VAL E 231 -3.45 -0.10 44.72
CA VAL E 231 -3.63 -1.50 44.33
C VAL E 231 -2.38 -2.26 44.76
N ILE E 232 -2.57 -3.38 45.45
CA ILE E 232 -1.47 -4.21 45.90
C ILE E 232 -1.45 -5.53 45.11
N TYR E 233 -0.29 -5.82 44.53
CA TYR E 233 -0.10 -7.06 43.78
C TYR E 233 1.16 -7.81 44.22
N GLU E 234 1.14 -9.11 44.00
CA GLU E 234 2.23 -10.00 44.39
C GLU E 234 2.82 -10.62 43.12
N ASP E 235 4.15 -10.64 43.03
CA ASP E 235 4.81 -11.27 41.88
C ASP E 235 5.02 -12.76 42.13
N LEU E 236 5.61 -13.45 41.13
CA LEU E 236 5.84 -14.89 41.22
C LEU E 236 6.86 -15.27 42.28
N ASN E 237 7.81 -14.37 42.54
CA ASN E 237 8.79 -14.54 43.61
C ASN E 237 8.18 -14.36 45.01
N GLY E 238 6.89 -14.04 45.06
CA GLY E 238 6.16 -13.85 46.32
C GLY E 238 6.31 -12.48 46.95
N ASN E 239 6.96 -11.57 46.24
CA ASN E 239 7.17 -10.19 46.72
C ASN E 239 5.97 -9.30 46.44
N THR E 240 5.61 -8.48 47.42
CA THR E 240 4.46 -7.59 47.30
C THR E 240 4.85 -6.19 46.79
N HIS E 241 3.98 -5.63 45.93
CA HIS E 241 4.21 -4.30 45.35
C HIS E 241 2.93 -3.45 45.41
N GLU E 242 3.08 -2.14 45.32
CA GLU E 242 1.91 -1.26 45.30
C GLU E 242 1.95 -0.16 44.24
N VAL E 243 0.76 0.27 43.81
CA VAL E 243 0.60 1.30 42.80
C VAL E 243 -0.55 2.24 43.21
N PRO E 244 -0.31 3.57 43.18
CA PRO E 244 -1.34 4.57 43.49
C PRO E 244 -2.54 4.46 42.56
N ALA E 245 -3.75 4.68 43.09
CA ALA E 245 -4.98 4.54 42.30
C ALA E 245 -6.15 5.34 42.88
N LYS E 246 -6.57 6.38 42.15
CA LYS E 246 -7.77 7.13 42.50
C LYS E 246 -9.00 6.39 42.01
N PHE E 247 -8.89 5.80 40.81
CA PHE E 247 -9.95 5.01 40.22
C PHE E 247 -9.40 3.67 39.74
N THR E 248 -10.13 2.60 40.04
CA THR E 248 -9.78 1.28 39.51
C THR E 248 -10.99 0.59 38.87
N MET E 249 -10.70 -0.36 37.99
CA MET E 249 -11.73 -1.22 37.43
C MET E 249 -11.10 -2.59 37.20
N PHE E 250 -11.59 -3.58 37.92
CA PHE E 250 -11.04 -4.92 37.84
C PHE E 250 -12.09 -5.96 37.48
N MET E 251 -11.67 -6.94 36.68
CA MET E 251 -12.49 -8.11 36.37
C MET E 251 -12.48 -9.02 37.60
N PRO E 252 -13.67 -9.46 38.02
CA PRO E 252 -13.72 -10.54 39.01
C PRO E 252 -13.51 -11.89 38.34
N SER E 253 -13.16 -12.91 39.12
CA SER E 253 -13.13 -14.27 38.61
C SER E 253 -14.54 -14.86 38.63
N PHE E 254 -14.73 -15.98 37.95
CA PHE E 254 -16.05 -16.58 37.83
C PHE E 254 -16.14 -17.91 38.56
N GLN E 255 -17.30 -18.20 39.13
CA GLN E 255 -17.59 -19.53 39.61
C GLN E 255 -19.03 -19.89 39.27
N GLY E 256 -19.42 -21.13 39.55
CA GLY E 256 -20.78 -21.58 39.35
C GLY E 256 -21.67 -21.17 40.51
N PRO E 257 -22.98 -21.08 40.26
CA PRO E 257 -23.95 -20.63 41.25
C PRO E 257 -24.34 -21.74 42.23
N GLU E 258 -25.04 -21.37 43.30
CA GLU E 258 -25.51 -22.34 44.29
C GLU E 258 -26.56 -23.27 43.69
N VAL E 259 -27.30 -22.77 42.69
CA VAL E 259 -28.34 -23.57 42.02
C VAL E 259 -27.76 -24.81 41.31
N VAL E 260 -26.57 -24.64 40.72
CA VAL E 260 -25.83 -25.76 40.13
C VAL E 260 -25.26 -26.65 41.24
N ALA E 261 -24.73 -26.01 42.29
CA ALA E 261 -24.17 -26.72 43.45
C ALA E 261 -25.21 -27.61 44.13
N SER E 262 -26.47 -27.16 44.13
CA SER E 262 -27.58 -27.90 44.74
C SER E 262 -27.80 -29.29 44.11
N ALA E 263 -27.54 -29.42 42.82
CA ALA E 263 -27.55 -30.72 42.15
C ALA E 263 -26.32 -31.54 42.59
N GLY E 264 -26.20 -32.78 42.11
CA GLY E 264 -25.09 -33.64 42.51
C GLY E 264 -23.70 -33.07 42.27
N ASP E 265 -22.69 -33.68 42.89
CA ASP E 265 -21.30 -33.42 42.50
C ASP E 265 -21.02 -34.10 41.16
N LYS E 266 -22.06 -34.68 40.58
CA LYS E 266 -22.02 -35.21 39.23
C LYS E 266 -22.42 -34.13 38.22
N VAL E 267 -23.05 -33.06 38.73
CA VAL E 267 -23.48 -31.92 37.92
C VAL E 267 -22.60 -30.68 38.17
N ALA E 268 -22.33 -30.41 39.44
CA ALA E 268 -21.51 -29.27 39.84
C ALA E 268 -20.05 -29.69 39.96
N ASN E 269 -19.19 -29.02 39.19
CA ASN E 269 -17.75 -29.23 39.28
C ASN E 269 -17.26 -28.89 40.69
N PRO E 270 -16.69 -29.89 41.40
CA PRO E 270 -16.28 -29.73 42.80
C PRO E 270 -15.29 -28.58 43.04
N ALA E 271 -14.52 -28.21 42.02
CA ALA E 271 -13.51 -27.16 42.15
C ALA E 271 -14.04 -25.73 41.95
N ASN E 272 -15.12 -25.58 41.18
CA ASN E 272 -15.60 -24.23 40.83
C ASN E 272 -17.13 -24.07 40.72
N LYS E 273 -17.86 -25.16 40.99
CA LYS E 273 -19.33 -25.18 40.97
C LYS E 273 -19.97 -24.96 39.59
N MET E 274 -19.14 -24.91 38.54
CA MET E 274 -19.64 -24.82 37.17
C MET E 274 -20.18 -26.17 36.69
N VAL E 275 -20.98 -26.15 35.63
CA VAL E 275 -21.70 -27.33 35.17
C VAL E 275 -20.79 -28.34 34.45
N ILE E 276 -20.75 -29.57 34.97
CA ILE E 276 -19.99 -30.64 34.33
C ILE E 276 -20.70 -31.04 33.04
N VAL E 277 -20.01 -30.84 31.93
CA VAL E 277 -20.55 -31.17 30.61
C VAL E 277 -19.52 -31.97 29.82
N ASN E 278 -19.99 -32.67 28.79
CA ASN E 278 -19.11 -33.37 27.87
C ASN E 278 -18.92 -32.59 26.56
N ARG E 279 -18.43 -33.27 25.53
CA ARG E 279 -18.14 -32.64 24.24
C ARG E 279 -19.40 -32.07 23.61
N CYS E 280 -20.53 -32.69 23.91
CA CYS E 280 -21.84 -32.33 23.36
C CYS E 280 -22.59 -31.37 24.32
N PHE E 281 -21.85 -30.79 25.26
CA PHE E 281 -22.38 -29.89 26.30
C PHE E 281 -23.56 -30.46 27.07
N GLN E 282 -23.45 -31.76 27.31
CA GLN E 282 -24.42 -32.57 28.02
C GLN E 282 -23.74 -33.13 29.27
N ASN E 283 -24.48 -33.18 30.36
CA ASN E 283 -23.97 -33.80 31.59
C ASN E 283 -23.71 -35.29 31.33
N PRO E 284 -22.53 -35.78 31.74
CA PRO E 284 -22.20 -37.21 31.58
C PRO E 284 -23.12 -38.14 32.37
N THR E 285 -23.54 -37.72 33.57
CA THR E 285 -24.39 -38.54 34.43
C THR E 285 -25.87 -38.41 34.08
N TYR E 286 -26.38 -37.18 34.10
CA TYR E 286 -27.78 -36.90 33.82
C TYR E 286 -27.92 -36.39 32.39
N LYS E 287 -28.27 -37.30 31.49
CA LYS E 287 -28.21 -37.06 30.06
C LYS E 287 -29.26 -36.09 29.50
N ASN E 288 -30.26 -35.79 30.32
CA ASN E 288 -31.27 -34.80 29.98
C ASN E 288 -30.92 -33.40 30.52
N ILE E 289 -29.73 -33.28 31.11
CA ILE E 289 -29.21 -31.99 31.54
C ILE E 289 -28.08 -31.53 30.61
N PHE E 290 -28.18 -30.27 30.18
CA PHE E 290 -27.19 -29.62 29.35
C PHE E 290 -26.75 -28.31 29.99
N GLY E 291 -25.54 -27.87 29.68
CA GLY E 291 -25.07 -26.56 30.09
C GLY E 291 -24.72 -25.71 28.87
N VAL E 292 -25.05 -24.42 28.94
CA VAL E 292 -24.75 -23.49 27.86
C VAL E 292 -24.23 -22.18 28.45
N GLY E 293 -23.08 -21.71 27.96
CA GLY E 293 -22.60 -20.38 28.30
C GLY E 293 -21.46 -20.38 29.29
N VAL E 294 -21.30 -19.25 29.98
CA VAL E 294 -20.19 -19.05 30.93
C VAL E 294 -20.20 -20.05 32.08
N VAL E 295 -21.39 -20.54 32.42
CA VAL E 295 -21.57 -21.45 33.54
C VAL E 295 -21.00 -22.86 33.29
N THR E 296 -20.64 -23.18 32.05
CA THR E 296 -20.10 -24.51 31.74
C THR E 296 -18.65 -24.67 32.22
N ALA E 297 -18.32 -25.86 32.71
CA ALA E 297 -16.97 -26.14 33.18
C ALA E 297 -16.08 -26.57 32.02
N ILE E 298 -15.29 -25.64 31.49
CA ILE E 298 -14.35 -25.94 30.43
C ILE E 298 -12.93 -25.79 30.98
N PRO E 299 -12.08 -26.83 30.84
CA PRO E 299 -10.71 -26.74 31.35
C PRO E 299 -9.92 -25.59 30.73
N PRO E 300 -9.00 -25.00 31.51
CA PRO E 300 -8.08 -23.97 30.99
C PRO E 300 -7.30 -24.49 29.78
N ILE E 301 -7.08 -23.62 28.80
CA ILE E 301 -6.29 -23.96 27.62
C ILE E 301 -4.86 -24.23 28.06
N GLU E 302 -4.32 -23.34 28.89
CA GLU E 302 -3.03 -23.58 29.51
C GLU E 302 -3.05 -23.19 30.98
N LYS E 303 -2.32 -23.95 31.80
CA LYS E 303 -2.11 -23.63 33.20
C LYS E 303 -1.03 -22.54 33.25
N THR E 304 -1.45 -21.33 33.59
CA THR E 304 -0.55 -20.16 33.60
C THR E 304 0.06 -19.94 34.99
N PRO E 305 1.25 -19.30 35.07
CA PRO E 305 1.90 -19.08 36.38
C PRO E 305 0.96 -18.47 37.42
N ILE E 306 0.21 -17.44 37.03
CA ILE E 306 -0.93 -16.97 37.82
C ILE E 306 -2.18 -17.56 37.17
N PRO E 307 -2.99 -18.32 37.93
CA PRO E 307 -4.17 -19.01 37.41
C PRO E 307 -5.05 -18.13 36.50
N THR E 308 -5.40 -18.70 35.35
CA THR E 308 -6.19 -18.04 34.32
C THR E 308 -7.12 -19.08 33.71
N GLY E 309 -8.32 -18.66 33.31
CA GLY E 309 -9.30 -19.57 32.73
C GLY E 309 -9.73 -19.18 31.32
N VAL E 310 -10.54 -20.03 30.70
CA VAL E 310 -10.96 -19.86 29.31
C VAL E 310 -12.21 -18.96 29.19
N PRO E 311 -12.18 -17.97 28.30
CA PRO E 311 -13.41 -17.23 28.05
C PRO E 311 -14.43 -18.06 27.29
N LYS E 312 -15.71 -17.79 27.54
CA LYS E 312 -16.78 -18.27 26.71
C LYS E 312 -17.38 -17.03 26.07
N THR E 313 -17.08 -16.82 24.80
CA THR E 313 -17.51 -15.63 24.07
C THR E 313 -18.88 -15.85 23.44
N GLY E 314 -19.48 -14.77 22.94
CA GLY E 314 -20.81 -14.82 22.34
C GLY E 314 -20.98 -15.84 21.23
N MET E 315 -20.06 -15.84 20.26
CA MET E 315 -20.11 -16.81 19.17
C MET E 315 -20.00 -18.24 19.70
N MET E 316 -19.09 -18.44 20.66
CA MET E 316 -18.94 -19.75 21.33
C MET E 316 -20.25 -20.21 21.96
N ILE E 317 -20.88 -19.30 22.72
CA ILE E 317 -22.14 -19.58 23.40
C ILE E 317 -23.23 -19.92 22.40
N GLU E 318 -23.31 -19.13 21.33
CA GLU E 318 -24.29 -19.37 20.26
C GLU E 318 -24.15 -20.75 19.65
N GLN E 319 -22.91 -21.20 19.48
CA GLN E 319 -22.65 -22.54 18.92
C GLN E 319 -23.03 -23.64 19.91
N MET E 320 -22.73 -23.43 21.20
CA MET E 320 -23.21 -24.31 22.28
C MET E 320 -24.72 -24.45 22.24
N ALA E 321 -25.40 -23.31 22.06
CA ALA E 321 -26.87 -23.26 22.03
C ALA E 321 -27.43 -24.03 20.84
N MET E 322 -26.78 -23.92 19.68
CA MET E 322 -27.18 -24.67 18.49
C MET E 322 -27.01 -26.15 18.73
N ALA E 323 -25.83 -26.54 19.23
CA ALA E 323 -25.49 -27.93 19.51
C ALA E 323 -26.45 -28.54 20.52
N VAL E 324 -26.66 -27.85 21.64
CA VAL E 324 -27.55 -28.33 22.71
C VAL E 324 -29.00 -28.43 22.25
N ALA E 325 -29.45 -27.46 21.45
CA ALA E 325 -30.81 -27.51 20.90
C ALA E 325 -30.99 -28.72 19.99
N HIS E 326 -30.01 -28.99 19.13
CA HIS E 326 -30.06 -30.14 18.23
C HIS E 326 -29.98 -31.47 18.98
N ASN E 327 -29.16 -31.52 20.03
CA ASN E 327 -29.00 -32.71 20.87
C ASN E 327 -30.28 -33.06 21.64
N ILE E 328 -30.99 -32.05 22.13
CA ILE E 328 -32.28 -32.25 22.79
C ILE E 328 -33.33 -32.77 21.80
N VAL E 329 -33.51 -32.04 20.70
CA VAL E 329 -34.44 -32.43 19.62
C VAL E 329 -34.16 -33.83 19.07
N ASN E 330 -32.89 -34.12 18.80
CA ASN E 330 -32.50 -35.44 18.32
C ASN E 330 -32.83 -36.55 19.31
N ASP E 331 -32.69 -36.27 20.61
CA ASP E 331 -33.08 -37.24 21.63
C ASP E 331 -34.58 -37.48 21.60
N ILE E 332 -35.37 -36.41 21.42
CA ILE E 332 -36.81 -36.49 21.30
C ILE E 332 -37.20 -37.33 20.06
N ARG E 333 -36.52 -37.08 18.94
CA ARG E 333 -36.81 -37.76 17.67
C ARG E 333 -36.17 -39.13 17.52
N ASN E 334 -35.59 -39.66 18.59
CA ASN E 334 -34.94 -40.99 18.58
C ASN E 334 -33.80 -41.10 17.57
N ASN E 335 -33.12 -39.97 17.36
CA ASN E 335 -32.01 -39.88 16.43
C ASN E 335 -30.68 -39.96 17.20
N PRO E 336 -29.85 -40.98 16.88
CA PRO E 336 -28.53 -41.17 17.51
C PRO E 336 -27.53 -40.02 17.30
N ASP E 337 -27.66 -39.28 16.20
CA ASP E 337 -26.75 -38.16 15.89
C ASP E 337 -26.67 -37.11 17.00
N LYS E 338 -25.45 -36.82 17.42
CA LYS E 338 -25.15 -35.81 18.43
C LYS E 338 -24.19 -34.78 17.86
N TYR E 339 -24.20 -33.58 18.43
CA TYR E 339 -23.37 -32.49 17.93
C TYR E 339 -22.48 -31.86 18.99
N ALA E 340 -21.29 -31.48 18.56
CA ALA E 340 -20.41 -30.65 19.38
C ALA E 340 -20.35 -29.28 18.71
N PRO E 341 -20.34 -28.20 19.51
CA PRO E 341 -20.15 -26.89 18.90
C PRO E 341 -18.71 -26.78 18.40
N ARG E 342 -18.49 -25.97 17.36
CA ARG E 342 -17.15 -25.72 16.86
C ARG E 342 -16.32 -24.91 17.86
N LEU E 343 -17.00 -24.04 18.62
CA LEU E 343 -16.36 -23.10 19.55
C LEU E 343 -15.31 -22.19 18.89
N SER E 344 -15.64 -21.70 17.70
CA SER E 344 -14.88 -20.62 17.08
C SER E 344 -15.37 -19.31 17.68
N ALA E 345 -14.63 -18.22 17.45
CA ALA E 345 -15.02 -16.90 17.97
C ALA E 345 -14.56 -15.75 17.09
N ILE E 346 -15.48 -14.83 16.83
CA ILE E 346 -15.16 -13.49 16.37
C ILE E 346 -15.30 -12.62 17.59
N ILE E 348 -14.50 -8.76 19.05
CA ILE E 348 -14.13 -7.38 18.71
C ILE E 348 -13.96 -6.56 19.98
N ALA E 349 -12.73 -6.08 20.19
CA ALA E 349 -12.45 -5.19 21.31
C ALA E 349 -12.59 -3.75 20.85
N ASP E 350 -13.66 -3.11 21.28
CA ASP E 350 -13.95 -1.72 20.96
C ASP E 350 -13.05 -0.82 21.78
N PHE E 351 -12.40 0.14 21.12
CA PHE E 351 -11.46 1.04 21.80
C PHE E 351 -11.96 2.49 21.84
N GLY E 352 -13.09 2.76 21.19
CA GLY E 352 -13.64 4.10 21.12
C GLY E 352 -14.01 4.51 19.70
N GLU E 353 -13.00 4.89 18.92
CA GLU E 353 -13.19 5.30 17.53
C GLU E 353 -12.75 4.18 16.59
N ASP E 354 -11.88 3.30 17.10
CA ASP E 354 -11.43 2.13 16.35
C ASP E 354 -11.46 0.91 17.27
N ALA E 355 -11.16 -0.26 16.71
CA ALA E 355 -11.33 -1.50 17.43
C ALA E 355 -10.40 -2.59 16.93
N GLY E 356 -10.09 -3.54 17.81
CA GLY E 356 -9.34 -4.73 17.45
C GLY E 356 -10.31 -5.84 17.09
N PHE E 357 -10.02 -6.51 15.97
CA PHE E 357 -10.82 -7.62 15.49
C PHE E 357 -10.01 -8.90 15.62
N PHE E 358 -10.53 -9.83 16.42
CA PHE E 358 -9.91 -11.12 16.64
C PHE E 358 -10.85 -12.22 16.20
N PHE E 359 -10.34 -13.13 15.37
CA PHE E 359 -11.08 -14.34 14.99
C PHE E 359 -10.19 -15.54 15.29
N ALA E 360 -10.73 -16.50 16.02
CA ALA E 360 -10.01 -17.75 16.32
C ALA E 360 -10.93 -18.94 16.03
N ASP E 361 -10.48 -19.84 15.17
CA ASP E 361 -11.26 -21.02 14.81
C ASP E 361 -10.44 -22.31 14.93
N PRO E 362 -10.73 -23.13 15.96
CA PRO E 362 -11.53 -22.84 17.15
C PRO E 362 -10.79 -21.96 18.15
N VAL E 363 -11.48 -21.50 19.19
CA VAL E 363 -10.84 -20.75 20.27
C VAL E 363 -9.87 -21.65 21.03
N ILE E 364 -10.30 -22.85 21.37
CA ILE E 364 -9.42 -23.84 21.99
C ILE E 364 -8.54 -24.49 20.92
N PRO E 365 -7.21 -24.33 21.04
CA PRO E 365 -6.23 -24.89 20.12
C PRO E 365 -6.25 -26.42 20.05
N PRO E 366 -5.67 -27.01 18.99
CA PRO E 366 -5.05 -26.33 17.85
C PRO E 366 -6.06 -25.67 16.92
N ARG E 367 -5.64 -24.57 16.29
CA ARG E 367 -6.52 -23.76 15.48
C ARG E 367 -6.34 -24.03 13.99
N GLU E 368 -7.45 -23.95 13.26
CA GLU E 368 -7.46 -24.02 11.81
C GLU E 368 -6.94 -22.70 11.25
N ARG E 369 -7.46 -21.58 11.75
CA ARG E 369 -6.97 -20.27 11.35
C ARG E 369 -7.31 -19.20 12.39
N VAL E 370 -6.57 -18.09 12.34
CA VAL E 370 -6.88 -16.90 13.11
C VAL E 370 -6.85 -15.67 12.20
N ILE E 371 -7.54 -14.61 12.60
CA ILE E 371 -7.43 -13.30 11.96
C ILE E 371 -7.32 -12.26 13.07
N THR E 372 -6.26 -11.46 13.01
CA THR E 372 -6.06 -10.37 13.96
C THR E 372 -5.90 -9.07 13.18
N LYS E 373 -6.88 -8.18 13.32
CA LYS E 373 -6.90 -6.93 12.59
C LYS E 373 -7.34 -5.77 13.49
N MET E 374 -7.04 -4.55 13.04
CA MET E 374 -7.42 -3.35 13.78
C MET E 374 -7.77 -2.25 12.79
N GLY E 375 -8.79 -1.48 13.14
CA GLY E 375 -9.19 -0.35 12.34
C GLY E 375 -10.49 0.27 12.80
N LYS E 376 -10.86 1.37 12.16
CA LYS E 376 -12.10 2.08 12.47
C LYS E 376 -13.31 1.22 12.10
N TRP E 377 -13.21 0.49 11.00
CA TRP E 377 -14.28 -0.39 10.52
C TRP E 377 -14.80 -1.39 11.57
N ALA E 378 -13.89 -1.89 12.41
CA ALA E 378 -14.23 -2.91 13.41
C ALA E 378 -15.07 -2.33 14.55
N HIS E 379 -14.86 -1.05 14.83
CA HIS E 379 -15.69 -0.32 15.78
C HIS E 379 -17.11 -0.17 15.24
N TYR E 380 -17.23 0.12 13.95
CA TYR E 380 -18.54 0.24 13.32
C TYR E 380 -19.19 -1.13 13.19
N PHE E 381 -18.38 -2.17 12.99
CA PHE E 381 -18.88 -3.53 13.01
C PHE E 381 -19.46 -3.91 14.37
N LYS E 382 -18.79 -3.52 15.46
CA LYS E 382 -19.26 -3.84 16.80
C LYS E 382 -20.63 -3.19 17.09
N THR E 383 -20.76 -1.91 16.73
CA THR E 383 -22.03 -1.20 16.86
C THR E 383 -23.13 -1.82 15.99
N ALA E 384 -22.76 -2.21 14.77
CA ALA E 384 -23.71 -2.83 13.85
C ALA E 384 -24.21 -4.16 14.41
N PHE E 385 -23.28 -4.98 14.91
CA PHE E 385 -23.64 -6.26 15.50
C PHE E 385 -24.55 -6.12 16.72
N GLU E 386 -24.28 -5.10 17.53
CA GLU E 386 -25.09 -4.82 18.70
C GLU E 386 -26.55 -4.63 18.31
N LYS E 387 -26.79 -3.82 17.28
CA LYS E 387 -28.13 -3.55 16.77
C LYS E 387 -28.76 -4.83 16.23
N TYR E 388 -27.96 -5.61 15.50
CA TYR E 388 -28.39 -6.87 14.90
C TYR E 388 -28.82 -7.89 15.94
N PHE E 389 -27.96 -8.13 16.94
CA PHE E 389 -28.26 -9.13 17.95
C PHE E 389 -29.49 -8.74 18.77
N LEU E 390 -29.61 -7.46 19.10
CA LEU E 390 -30.78 -6.96 19.82
C LEU E 390 -32.06 -7.21 19.03
N TRP E 391 -31.99 -6.95 17.73
CA TRP E 391 -33.09 -7.23 16.82
C TRP E 391 -33.44 -8.73 16.84
N LYS E 392 -32.43 -9.60 16.82
CA LYS E 392 -32.66 -11.05 16.84
C LYS E 392 -33.42 -11.49 18.10
N VAL E 393 -33.03 -10.93 19.25
CA VAL E 393 -33.71 -11.18 20.52
C VAL E 393 -35.20 -10.80 20.45
N ARG E 394 -35.48 -9.62 19.92
CA ARG E 394 -36.85 -9.11 19.80
C ARG E 394 -37.67 -9.80 18.72
N ASN E 395 -36.99 -10.45 17.78
CA ASN E 395 -37.68 -11.09 16.65
C ASN E 395 -37.69 -12.63 16.64
N GLY E 396 -37.16 -13.23 17.70
CA GLY E 396 -37.38 -14.65 17.98
C GLY E 396 -36.54 -15.68 17.25
N ASN E 397 -35.43 -15.25 16.65
CA ASN E 397 -34.52 -16.15 15.97
C ASN E 397 -33.09 -15.65 16.14
N ILE E 398 -32.31 -16.37 16.94
CA ILE E 398 -30.90 -16.03 17.19
C ILE E 398 -29.97 -16.65 16.13
N ALA E 399 -30.50 -17.59 15.35
CA ALA E 399 -29.70 -18.25 14.33
C ALA E 399 -30.44 -18.30 12.98
N PRO E 400 -30.70 -17.12 12.37
CA PRO E 400 -31.32 -17.13 11.06
C PRO E 400 -30.41 -17.78 10.02
N SER E 401 -31.00 -18.51 9.08
CA SER E 401 -30.26 -19.36 8.14
C SER E 401 -29.19 -18.59 7.38
N PHE E 402 -29.52 -17.36 6.98
CA PHE E 402 -28.60 -16.53 6.20
C PHE E 402 -27.29 -16.26 6.95
N GLU E 403 -27.36 -16.14 8.28
CA GLU E 403 -26.19 -15.82 9.11
C GLU E 403 -25.12 -16.93 9.04
N GLU E 404 -25.56 -18.18 9.14
CA GLU E 404 -24.66 -19.33 9.00
C GLU E 404 -24.00 -19.34 7.62
N LYS E 405 -24.78 -19.06 6.58
CA LYS E 405 -24.27 -19.01 5.21
C LYS E 405 -23.28 -17.86 5.02
N VAL E 406 -23.62 -16.69 5.58
CA VAL E 406 -22.72 -15.53 5.55
C VAL E 406 -21.38 -15.81 6.25
N LEU E 407 -21.44 -16.38 7.45
CA LEU E 407 -20.24 -16.77 8.21
C LEU E 407 -19.40 -17.81 7.48
N GLU E 408 -20.07 -18.73 6.79
CA GLU E 408 -19.41 -19.76 5.98
C GLU E 408 -18.61 -19.09 4.85
N ILE E 409 -19.26 -18.21 4.11
CA ILE E 409 -18.65 -17.61 2.92
C ILE E 409 -17.57 -16.56 3.23
N PHE E 410 -17.65 -15.94 4.41
CA PHE E 410 -16.65 -14.96 4.83
C PHE E 410 -15.53 -15.51 5.72
N LEU E 411 -15.86 -16.43 6.62
CA LEU E 411 -14.90 -16.91 7.62
C LEU E 411 -14.66 -18.43 7.60
N LYS E 412 -15.37 -19.13 6.72
CA LYS E 412 -15.28 -20.60 6.61
C LYS E 412 -15.74 -21.32 7.89
N VAL E 413 -16.67 -20.70 8.61
CA VAL E 413 -17.20 -21.21 9.87
C VAL E 413 -18.36 -22.18 9.65
N HIS E 414 -18.28 -23.32 10.31
CA HIS E 414 -19.41 -24.23 10.50
C HIS E 414 -19.59 -24.28 12.02
N PRO E 415 -20.78 -23.88 12.52
CA PRO E 415 -21.00 -23.70 13.96
C PRO E 415 -21.04 -24.98 14.80
N ILE E 416 -21.48 -26.09 14.19
CA ILE E 416 -21.58 -27.37 14.91
C ILE E 416 -21.07 -28.51 14.03
N GLU E 417 -20.60 -29.57 14.68
CA GLU E 417 -20.13 -30.75 13.96
C GLU E 417 -20.76 -32.00 14.55
N LEU E 418 -21.03 -32.97 13.69
CA LEU E 418 -21.43 -34.30 14.11
C LEU E 418 -20.34 -34.87 15.02
N CYS E 419 -20.74 -35.32 16.21
CA CYS E 419 -19.79 -35.89 17.17
C CYS E 419 -20.04 -37.37 17.37
N LYS E 420 -19.09 -38.19 16.93
CA LYS E 420 -19.21 -39.65 17.00
C LYS E 420 -19.12 -40.21 18.44
N ASP E 421 -18.53 -39.43 19.34
CA ASP E 421 -18.29 -39.83 20.72
C ASP E 421 -18.25 -38.58 21.60
N CYS E 422 -19.35 -38.33 22.31
CA CYS E 422 -19.49 -37.17 23.19
C CYS E 422 -18.57 -37.26 24.41
N GLU E 423 -18.13 -38.47 24.75
CA GLU E 423 -17.32 -38.69 25.95
C GLU E 423 -15.97 -37.98 25.92
N GLY E 424 -15.86 -36.92 26.71
CA GLY E 424 -14.63 -36.16 26.82
C GLY E 424 -14.92 -34.77 27.30
N ALA E 425 -13.85 -34.01 27.53
CA ALA E 425 -13.94 -32.62 27.98
C ALA E 425 -14.62 -31.77 26.91
N PRO E 426 -15.36 -30.73 27.33
CA PRO E 426 -15.91 -29.83 26.33
C PRO E 426 -14.74 -29.15 25.60
N GLY E 427 -14.86 -29.00 24.29
CA GLY E 427 -13.81 -28.38 23.50
C GLY E 427 -12.78 -29.36 22.98
N SER E 428 -12.71 -30.57 23.56
CA SER E 428 -11.84 -31.62 23.05
C SER E 428 -12.45 -32.25 21.80
N ARG E 429 -11.62 -32.82 20.94
CA ARG E 429 -12.05 -33.25 19.62
C ARG E 429 -12.55 -34.69 19.61
N CYS E 430 -13.73 -34.89 19.00
CA CYS E 430 -14.33 -36.24 18.85
C CYS E 430 -13.50 -37.05 17.85
N ALA F 2 -61.65 -3.64 8.57
CA ALA F 2 -60.27 -3.58 7.98
C ALA F 2 -60.28 -3.08 6.55
N LYS F 3 -59.32 -2.21 6.21
CA LYS F 3 -59.15 -1.75 4.85
C LYS F 3 -58.47 -2.83 4.02
N HIS F 4 -58.59 -2.71 2.70
CA HIS F 4 -58.07 -3.70 1.78
C HIS F 4 -57.12 -3.08 0.77
N VAL F 5 -55.87 -3.51 0.80
CA VAL F 5 -54.92 -3.10 -0.24
C VAL F 5 -54.60 -4.27 -1.16
N VAL F 6 -54.67 -4.00 -2.46
CA VAL F 6 -54.33 -4.96 -3.49
C VAL F 6 -52.97 -4.59 -4.04
N VAL F 7 -52.07 -5.58 -4.07
CA VAL F 7 -50.72 -5.40 -4.61
C VAL F 7 -50.62 -6.23 -5.88
N ILE F 8 -50.33 -5.60 -7.00
CA ILE F 8 -50.14 -6.32 -8.25
C ILE F 8 -48.65 -6.51 -8.49
N GLY F 9 -48.22 -7.78 -8.48
CA GLY F 9 -46.82 -8.10 -8.69
C GLY F 9 -46.18 -8.76 -7.49
N GLY F 10 -45.68 -9.97 -7.67
CA GLY F 10 -44.97 -10.69 -6.61
C GLY F 10 -43.46 -10.66 -6.77
N GLY F 11 -42.92 -9.46 -6.99
CA GLY F 11 -41.49 -9.27 -7.11
C GLY F 11 -40.94 -8.41 -5.98
N VAL F 12 -39.81 -7.76 -6.23
CA VAL F 12 -39.15 -6.98 -5.19
C VAL F 12 -40.08 -5.90 -4.60
N GLY F 13 -40.64 -5.07 -5.47
CA GLY F 13 -41.51 -3.98 -5.03
C GLY F 13 -42.78 -4.46 -4.35
N GLY F 14 -43.43 -5.44 -4.97
CA GLY F 14 -44.70 -5.97 -4.49
C GLY F 14 -44.60 -6.65 -3.13
N ILE F 15 -43.65 -7.57 -3.01
CA ILE F 15 -43.40 -8.26 -1.74
C ILE F 15 -42.94 -7.27 -0.66
N ALA F 16 -42.03 -6.37 -1.00
CA ALA F 16 -41.52 -5.40 -0.03
C ALA F 16 -42.63 -4.49 0.51
N THR F 17 -43.53 -4.04 -0.37
CA THR F 17 -44.64 -3.20 0.05
C THR F 17 -45.66 -4.00 0.87
N ALA F 18 -46.00 -5.20 0.40
CA ALA F 18 -46.92 -6.08 1.13
C ALA F 18 -46.43 -6.37 2.56
N TYR F 19 -45.17 -6.76 2.67
CA TYR F 19 -44.55 -7.07 3.97
C TYR F 19 -44.47 -5.83 4.86
N ASN F 20 -44.14 -4.69 4.26
CA ASN F 20 -44.07 -3.41 5.01
C ASN F 20 -45.43 -3.02 5.59
N LEU F 21 -46.47 -3.09 4.75
CA LEU F 21 -47.85 -2.86 5.16
C LEU F 21 -48.29 -3.78 6.30
N ARG F 22 -47.99 -5.08 6.15
CA ARG F 22 -48.35 -6.10 7.15
C ARG F 22 -47.70 -5.81 8.50
N ASN F 23 -46.42 -5.43 8.48
CA ASN F 23 -45.68 -5.17 9.71
C ASN F 23 -46.08 -3.87 10.40
N LEU F 24 -46.56 -2.91 9.61
CA LEU F 24 -47.07 -1.64 10.12
C LEU F 24 -48.49 -1.78 10.65
N MET F 25 -49.26 -2.70 10.08
CA MET F 25 -50.69 -2.78 10.35
C MET F 25 -51.16 -4.24 10.26
N PRO F 26 -51.08 -4.99 11.38
CA PRO F 26 -51.58 -6.36 11.44
C PRO F 26 -53.04 -6.49 11.02
N ASP F 27 -53.84 -5.47 11.32
CA ASP F 27 -55.29 -5.47 11.11
C ASP F 27 -55.70 -5.30 9.64
N LEU F 28 -54.75 -4.94 8.78
CA LEU F 28 -55.02 -4.62 7.39
C LEU F 28 -55.18 -5.87 6.52
N LYS F 29 -56.11 -5.82 5.57
CA LYS F 29 -56.26 -6.90 4.59
C LYS F 29 -55.37 -6.60 3.39
N ILE F 30 -54.53 -7.57 3.04
CA ILE F 30 -53.59 -7.42 1.94
C ILE F 30 -53.71 -8.60 0.98
N THR F 31 -53.93 -8.29 -0.30
CA THR F 31 -54.01 -9.30 -1.34
C THR F 31 -52.92 -9.02 -2.38
N LEU F 32 -52.18 -10.07 -2.75
CA LEU F 32 -51.14 -9.94 -3.75
C LEU F 32 -51.47 -10.80 -4.98
N ILE F 33 -51.50 -10.15 -6.13
CA ILE F 33 -51.81 -10.81 -7.41
C ILE F 33 -50.53 -10.87 -8.25
N SER F 34 -50.23 -12.07 -8.77
CA SER F 34 -49.04 -12.26 -9.58
C SER F 34 -49.24 -13.40 -10.59
N ASP F 35 -48.80 -13.17 -11.83
CA ASP F 35 -48.87 -14.20 -12.86
C ASP F 35 -47.81 -15.29 -12.68
N ARG F 36 -46.80 -15.00 -11.87
CA ARG F 36 -45.81 -16.00 -11.50
C ARG F 36 -46.08 -16.56 -10.10
N PRO F 37 -46.01 -17.90 -9.94
CA PRO F 37 -46.29 -18.54 -8.64
C PRO F 37 -45.13 -18.40 -7.65
N TYR F 38 -44.06 -17.76 -8.07
CA TYR F 38 -42.85 -17.66 -7.25
C TYR F 38 -42.32 -16.23 -7.23
N PHE F 39 -41.61 -15.87 -6.16
CA PHE F 39 -40.76 -14.70 -6.15
C PHE F 39 -39.41 -15.11 -6.76
N GLY F 40 -38.96 -14.35 -7.75
CA GLY F 40 -37.64 -14.59 -8.34
C GLY F 40 -36.63 -13.57 -7.86
N PHE F 41 -35.51 -14.04 -7.32
CA PHE F 41 -34.45 -13.12 -6.92
C PHE F 41 -33.67 -12.67 -8.15
N THR F 42 -34.16 -11.59 -8.73
CA THR F 42 -33.70 -11.10 -10.03
C THR F 42 -32.18 -10.77 -10.16
N PRO F 43 -31.52 -10.24 -9.09
CA PRO F 43 -30.06 -10.07 -9.17
C PRO F 43 -29.23 -11.34 -9.37
N ALA F 44 -29.85 -12.50 -9.18
CA ALA F 44 -29.17 -13.77 -9.44
C ALA F 44 -29.50 -14.41 -10.80
N PHE F 45 -30.28 -13.72 -11.63
CA PHE F 45 -30.59 -14.20 -12.99
C PHE F 45 -29.38 -14.26 -13.95
N PRO F 46 -28.43 -13.29 -13.86
CA PRO F 46 -27.19 -13.44 -14.62
C PRO F 46 -26.44 -14.73 -14.25
N HIS F 47 -26.38 -15.02 -12.95
CA HIS F 47 -25.77 -16.24 -12.43
C HIS F 47 -26.55 -17.48 -12.87
N LEU F 48 -27.88 -17.37 -12.90
CA LEU F 48 -28.73 -18.45 -13.41
C LEU F 48 -28.42 -18.73 -14.89
N ALA F 49 -28.32 -17.67 -15.69
CA ALA F 49 -27.94 -17.78 -17.11
C ALA F 49 -26.57 -18.39 -17.31
N MET F 50 -25.66 -18.14 -16.37
CA MET F 50 -24.31 -18.70 -16.42
C MET F 50 -24.24 -20.16 -15.96
N GLY F 51 -25.36 -20.67 -15.43
CA GLY F 51 -25.38 -22.02 -14.87
C GLY F 51 -24.74 -22.08 -13.50
N TRP F 52 -24.66 -20.93 -12.82
CA TRP F 52 -24.03 -20.83 -11.51
C TRP F 52 -25.05 -20.87 -10.37
N ARG F 53 -26.32 -21.04 -10.73
CA ARG F 53 -27.39 -21.20 -9.76
C ARG F 53 -28.38 -22.23 -10.27
N LYS F 54 -29.08 -22.86 -9.32
CA LYS F 54 -30.25 -23.66 -9.62
C LYS F 54 -31.46 -22.76 -9.37
N PHE F 55 -32.49 -22.90 -10.21
CA PHE F 55 -33.68 -22.07 -10.09
C PHE F 55 -34.26 -22.08 -8.68
N GLU F 56 -34.32 -23.27 -8.09
CA GLU F 56 -34.89 -23.49 -6.76
C GLU F 56 -34.19 -22.74 -5.62
N ASP F 57 -32.91 -22.38 -5.82
CA ASP F 57 -32.12 -21.70 -4.79
C ASP F 57 -32.22 -20.18 -4.86
N ILE F 58 -32.86 -19.66 -5.89
CA ILE F 58 -33.00 -18.21 -6.06
C ILE F 58 -34.45 -17.77 -6.29
N SER F 59 -35.37 -18.65 -5.91
CA SER F 59 -36.80 -18.37 -6.03
C SER F 59 -37.53 -18.90 -4.80
N VAL F 60 -38.71 -18.34 -4.55
CA VAL F 60 -39.53 -18.70 -3.40
C VAL F 60 -41.00 -18.85 -3.81
N PRO F 61 -41.56 -20.09 -3.75
CA PRO F 61 -42.99 -20.29 -4.04
C PRO F 61 -43.87 -19.48 -3.09
N LEU F 62 -44.80 -18.71 -3.65
CA LEU F 62 -45.59 -17.74 -2.90
C LEU F 62 -46.87 -18.28 -2.28
N ALA F 63 -47.51 -19.23 -2.97
CA ALA F 63 -48.75 -19.83 -2.48
C ALA F 63 -48.62 -20.42 -1.06
N PRO F 64 -47.57 -21.24 -0.82
CA PRO F 64 -47.38 -21.76 0.54
C PRO F 64 -46.79 -20.74 1.53
N LEU F 65 -46.32 -19.60 1.01
CA LEU F 65 -45.62 -18.61 1.86
C LEU F 65 -46.48 -17.46 2.38
N LEU F 66 -47.15 -16.74 1.47
CA LEU F 66 -47.82 -15.49 1.84
C LEU F 66 -48.85 -15.59 2.97
N PRO F 67 -49.69 -16.66 2.99
CA PRO F 67 -50.63 -16.87 4.10
C PRO F 67 -50.01 -16.91 5.51
N LYS F 68 -48.76 -17.36 5.62
CA LYS F 68 -48.01 -17.31 6.88
C LYS F 68 -47.95 -15.90 7.49
N PHE F 69 -48.07 -14.89 6.64
CA PHE F 69 -48.03 -13.50 7.08
C PHE F 69 -49.37 -12.83 6.83
N ASN F 70 -50.42 -13.64 6.74
CA ASN F 70 -51.81 -13.18 6.54
C ASN F 70 -51.98 -12.35 5.25
N ILE F 71 -51.36 -12.82 4.17
CA ILE F 71 -51.49 -12.19 2.85
C ILE F 71 -52.09 -13.19 1.87
N GLU F 72 -53.20 -12.82 1.24
CA GLU F 72 -53.84 -13.64 0.23
C GLU F 72 -53.07 -13.57 -1.08
N PHE F 73 -52.70 -14.74 -1.61
CA PHE F 73 -52.02 -14.80 -2.90
C PHE F 73 -52.96 -15.27 -4.02
N ILE F 74 -53.11 -14.42 -5.04
CA ILE F 74 -53.88 -14.77 -6.23
C ILE F 74 -52.90 -15.01 -7.38
N ASN F 75 -52.73 -16.27 -7.78
CA ASN F 75 -51.83 -16.61 -8.86
C ASN F 75 -52.50 -16.48 -10.22
N GLU F 76 -52.79 -15.24 -10.59
CA GLU F 76 -53.35 -14.90 -11.89
C GLU F 76 -52.70 -13.61 -12.39
N LYS F 77 -52.75 -13.37 -13.69
CA LYS F 77 -52.33 -12.09 -14.25
C LYS F 77 -53.47 -11.09 -14.11
N ALA F 78 -53.14 -9.90 -13.59
CA ALA F 78 -54.09 -8.78 -13.59
C ALA F 78 -54.17 -8.24 -15.01
N GLU F 79 -55.37 -8.26 -15.59
CA GLU F 79 -55.58 -7.81 -16.97
C GLU F 79 -55.92 -6.32 -17.10
N SER F 80 -56.75 -5.83 -16.20
CA SER F 80 -57.22 -4.45 -16.25
C SER F 80 -57.47 -3.82 -14.88
N ILE F 81 -57.47 -2.49 -14.85
CA ILE F 81 -57.72 -1.70 -13.65
C ILE F 81 -58.79 -0.66 -13.92
N ASP F 82 -59.82 -0.63 -13.09
CA ASP F 82 -60.83 0.42 -13.12
C ASP F 82 -60.60 1.32 -11.91
N PRO F 83 -59.91 2.46 -12.13
CA PRO F 83 -59.53 3.35 -11.01
C PRO F 83 -60.72 4.11 -10.42
N ASP F 84 -61.77 4.30 -11.21
CA ASP F 84 -62.98 4.98 -10.76
C ASP F 84 -63.87 4.05 -9.94
N ALA F 85 -63.85 2.76 -10.28
CA ALA F 85 -64.58 1.75 -9.53
C ALA F 85 -63.75 1.13 -8.39
N ASN F 86 -62.47 1.46 -8.35
CA ASN F 86 -61.52 0.86 -7.40
C ASN F 86 -61.49 -0.67 -7.50
N THR F 87 -61.32 -1.16 -8.72
CA THR F 87 -61.35 -2.58 -9.00
C THR F 87 -60.20 -3.00 -9.91
N VAL F 88 -59.70 -4.21 -9.67
CA VAL F 88 -58.77 -4.88 -10.58
C VAL F 88 -59.46 -6.12 -11.14
N THR F 89 -59.26 -6.37 -12.43
CA THR F 89 -59.83 -7.56 -13.06
C THR F 89 -58.72 -8.47 -13.58
N THR F 90 -58.72 -9.71 -13.12
CA THR F 90 -57.73 -10.70 -13.50
C THR F 90 -58.05 -11.29 -14.88
N GLN F 91 -57.13 -12.09 -15.40
CA GLN F 91 -57.27 -12.68 -16.74
C GLN F 91 -58.44 -13.65 -16.85
N SER F 92 -58.83 -14.26 -15.73
CA SER F 92 -59.97 -15.18 -15.69
C SER F 92 -61.30 -14.45 -15.58
N GLY F 93 -61.25 -13.14 -15.30
CA GLY F 93 -62.45 -12.31 -15.20
C GLY F 93 -62.87 -11.98 -13.79
N LYS F 94 -62.09 -12.45 -12.81
CA LYS F 94 -62.34 -12.16 -11.39
C LYS F 94 -62.16 -10.68 -11.09
N LYS F 95 -63.21 -10.08 -10.51
CA LYS F 95 -63.16 -8.69 -10.09
C LYS F 95 -62.77 -8.59 -8.63
N ILE F 96 -61.68 -7.89 -8.37
CA ILE F 96 -61.18 -7.69 -7.00
C ILE F 96 -61.24 -6.21 -6.64
N GLU F 97 -61.99 -5.89 -5.59
CA GLU F 97 -62.14 -4.51 -5.12
C GLU F 97 -61.00 -4.15 -4.18
N TYR F 98 -60.57 -2.89 -4.21
CA TYR F 98 -59.53 -2.40 -3.30
C TYR F 98 -59.90 -1.06 -2.67
N ASP F 99 -59.30 -0.79 -1.51
CA ASP F 99 -59.28 0.55 -0.92
C ASP F 99 -58.02 1.28 -1.36
N TYR F 100 -56.92 0.54 -1.46
CA TYR F 100 -55.67 1.06 -2.01
C TYR F 100 -55.09 0.07 -3.01
N LEU F 101 -54.43 0.60 -4.03
CA LEU F 101 -53.78 -0.22 -5.03
C LEU F 101 -52.28 0.08 -5.11
N VAL F 102 -51.49 -0.97 -5.04
CA VAL F 102 -50.05 -0.87 -5.25
C VAL F 102 -49.75 -1.61 -6.55
N ILE F 103 -49.35 -0.86 -7.56
CA ILE F 103 -48.96 -1.44 -8.84
C ILE F 103 -47.46 -1.69 -8.84
N ALA F 104 -47.07 -2.95 -8.96
CA ALA F 104 -45.67 -3.34 -8.88
C ALA F 104 -45.35 -4.48 -9.85
N THR F 105 -45.72 -4.27 -11.11
CA THR F 105 -45.66 -5.33 -12.12
C THR F 105 -44.28 -5.50 -12.76
N GLY F 106 -43.33 -4.63 -12.40
CA GLY F 106 -41.99 -4.67 -12.97
C GLY F 106 -41.98 -4.27 -14.43
N PRO F 107 -40.90 -4.62 -15.17
CA PRO F 107 -40.79 -4.28 -16.58
C PRO F 107 -41.64 -5.11 -17.52
N LYS F 108 -42.23 -4.47 -18.53
CA LYS F 108 -42.71 -5.17 -19.70
C LYS F 108 -41.60 -5.03 -20.74
N LEU F 109 -41.06 -6.17 -21.13
CA LEU F 109 -39.86 -6.22 -21.96
C LEU F 109 -40.18 -5.95 -23.42
N VAL F 110 -39.44 -5.02 -24.02
CA VAL F 110 -39.59 -4.69 -25.43
C VAL F 110 -38.28 -5.04 -26.13
N PHE F 111 -38.36 -6.00 -27.05
CA PHE F 111 -37.20 -6.42 -27.83
C PHE F 111 -37.15 -5.60 -29.12
N GLY F 112 -36.74 -4.34 -28.97
CA GLY F 112 -36.84 -3.33 -30.03
C GLY F 112 -36.00 -3.53 -31.27
N ALA F 113 -34.90 -4.28 -31.16
CA ALA F 113 -34.07 -4.56 -32.33
C ALA F 113 -34.72 -5.64 -33.20
N GLU F 114 -34.65 -5.46 -34.52
CA GLU F 114 -35.21 -6.44 -35.47
C GLU F 114 -34.62 -7.84 -35.27
N GLY F 115 -35.49 -8.79 -34.95
CA GLY F 115 -35.07 -10.18 -34.75
C GLY F 115 -34.42 -10.47 -33.40
N GLN F 116 -34.49 -9.51 -32.48
CA GLN F 116 -33.86 -9.64 -31.17
C GLN F 116 -34.46 -10.76 -30.35
N GLU F 117 -35.79 -10.75 -30.21
CA GLU F 117 -36.49 -11.77 -29.42
C GLU F 117 -36.22 -13.19 -29.91
N GLU F 118 -36.05 -13.34 -31.23
CA GLU F 118 -35.87 -14.64 -31.87
C GLU F 118 -34.41 -15.11 -31.96
N ASN F 119 -33.49 -14.17 -32.17
CA ASN F 119 -32.09 -14.51 -32.46
C ASN F 119 -31.12 -14.29 -31.29
N SER F 120 -31.47 -13.40 -30.37
CA SER F 120 -30.58 -13.04 -29.27
C SER F 120 -31.01 -13.78 -28.01
N THR F 121 -30.28 -13.56 -26.91
CA THR F 121 -30.72 -14.03 -25.60
C THR F 121 -30.96 -12.85 -24.68
N SER F 122 -31.66 -13.12 -23.58
CA SER F 122 -31.83 -12.14 -22.53
C SER F 122 -31.82 -12.85 -21.18
N ILE F 123 -31.66 -12.09 -20.11
CA ILE F 123 -31.48 -12.67 -18.78
C ILE F 123 -32.41 -11.99 -17.77
N CYS F 124 -33.40 -11.26 -18.29
CA CYS F 124 -34.28 -10.44 -17.45
C CYS F 124 -35.35 -11.24 -16.72
N THR F 125 -35.68 -12.44 -17.21
CA THR F 125 -36.56 -13.35 -16.48
C THR F 125 -35.84 -14.68 -16.25
N ALA F 126 -36.27 -15.43 -15.23
CA ALA F 126 -35.73 -16.76 -14.95
C ALA F 126 -35.87 -17.67 -16.16
N GLU F 127 -37.05 -17.60 -16.80
CA GLU F 127 -37.35 -18.35 -18.01
C GLU F 127 -36.38 -18.01 -19.15
N HIS F 128 -36.18 -16.72 -19.39
CA HIS F 128 -35.22 -16.27 -20.42
C HIS F 128 -33.78 -16.63 -20.08
N ALA F 129 -33.41 -16.52 -18.80
CA ALA F 129 -32.06 -16.84 -18.34
C ALA F 129 -31.71 -18.31 -18.57
N LEU F 130 -32.69 -19.19 -18.34
CA LEU F 130 -32.51 -20.62 -18.55
C LEU F 130 -32.32 -20.96 -20.02
N GLU F 131 -32.99 -20.24 -20.91
CA GLU F 131 -32.79 -20.39 -22.35
C GLU F 131 -31.38 -19.94 -22.75
N THR F 132 -30.89 -18.89 -22.11
CA THR F 132 -29.54 -18.37 -22.34
C THR F 132 -28.45 -19.40 -22.00
N GLN F 133 -28.61 -20.11 -20.88
CA GLN F 133 -27.65 -21.15 -20.49
C GLN F 133 -27.52 -22.25 -21.56
N LYS F 134 -28.66 -22.64 -22.14
CA LYS F 134 -28.68 -23.61 -23.24
C LYS F 134 -27.84 -23.13 -24.44
N LYS F 135 -27.97 -21.86 -24.78
CA LYS F 135 -27.23 -21.28 -25.90
C LYS F 135 -25.75 -21.10 -25.58
N LEU F 136 -25.45 -20.84 -24.30
CA LEU F 136 -24.06 -20.75 -23.86
C LEU F 136 -23.33 -22.07 -24.02
N GLN F 137 -24.03 -23.16 -23.75
CA GLN F 137 -23.46 -24.50 -23.88
C GLN F 137 -23.08 -24.80 -25.34
N GLU F 138 -23.86 -24.27 -26.27
CA GLU F 138 -23.56 -24.34 -27.70
C GLU F 138 -22.30 -23.55 -28.03
N LEU F 139 -22.16 -22.37 -27.41
CA LEU F 139 -20.99 -21.53 -27.59
C LEU F 139 -19.70 -22.20 -27.11
N TYR F 140 -19.75 -22.89 -25.98
CA TYR F 140 -18.54 -23.53 -25.42
C TYR F 140 -18.07 -24.68 -26.32
N ALA F 141 -19.02 -25.38 -26.91
CA ALA F 141 -18.75 -26.50 -27.82
C ALA F 141 -18.23 -26.02 -29.17
N ASN F 142 -18.82 -24.94 -29.69
CA ASN F 142 -18.38 -24.33 -30.95
C ASN F 142 -18.16 -22.83 -30.78
N PRO F 143 -16.97 -22.44 -30.28
CA PRO F 143 -16.68 -21.04 -29.99
C PRO F 143 -16.69 -20.11 -31.21
N GLY F 144 -17.20 -18.91 -31.01
CA GLY F 144 -17.27 -17.87 -32.05
C GLY F 144 -17.49 -16.52 -31.40
N PRO F 145 -17.68 -15.45 -32.22
CA PRO F 145 -17.81 -14.10 -31.69
C PRO F 145 -19.03 -13.88 -30.80
N VAL F 146 -18.82 -13.17 -29.69
CA VAL F 146 -19.86 -12.86 -28.73
C VAL F 146 -20.11 -11.35 -28.72
N VAL F 147 -21.37 -10.94 -28.79
CA VAL F 147 -21.72 -9.52 -28.69
C VAL F 147 -22.80 -9.37 -27.62
N ILE F 148 -22.53 -8.50 -26.65
CA ILE F 148 -23.43 -8.28 -25.54
C ILE F 148 -23.72 -6.79 -25.42
N GLY F 149 -24.86 -6.43 -24.86
CA GLY F 149 -25.10 -5.01 -24.56
C GLY F 149 -26.53 -4.58 -24.42
N ALA F 150 -26.80 -3.36 -24.89
CA ALA F 150 -28.07 -2.70 -24.66
C ALA F 150 -28.54 -1.99 -25.92
N ILE F 151 -29.81 -2.16 -26.23
CA ILE F 151 -30.48 -1.47 -27.34
C ILE F 151 -30.92 -0.05 -26.90
N PRO F 152 -31.39 0.79 -27.85
CA PRO F 152 -31.91 2.11 -27.47
C PRO F 152 -33.07 2.04 -26.48
N GLY F 153 -33.12 3.01 -25.57
CA GLY F 153 -34.20 3.10 -24.59
C GLY F 153 -34.00 2.26 -23.36
N VAL F 154 -32.91 1.48 -23.33
CA VAL F 154 -32.61 0.64 -22.17
C VAL F 154 -32.42 1.50 -20.91
N SER F 155 -32.82 0.93 -19.78
CA SER F 155 -32.72 1.62 -18.51
C SER F 155 -32.05 0.77 -17.45
N PHE F 157 -28.70 -1.33 -17.17
CA PHE F 157 -27.45 -1.68 -17.85
C PHE F 157 -26.56 -2.62 -17.05
N GLY F 158 -26.57 -2.47 -15.73
CA GLY F 158 -25.76 -3.31 -14.83
C GLY F 158 -25.67 -4.79 -15.20
N PRO F 159 -26.83 -5.45 -15.38
CA PRO F 159 -26.86 -6.89 -15.71
C PRO F 159 -26.09 -7.26 -16.97
N ALA F 160 -26.03 -6.36 -17.96
CA ALA F 160 -25.30 -6.63 -19.20
C ALA F 160 -23.80 -6.60 -18.95
N TYR F 161 -23.36 -5.64 -18.13
CA TYR F 161 -21.96 -5.55 -17.73
C TYR F 161 -21.55 -6.78 -16.92
N GLU F 162 -22.40 -7.18 -15.97
CA GLU F 162 -22.18 -8.37 -15.16
C GLU F 162 -22.06 -9.60 -16.02
N PHE F 163 -23.02 -9.79 -16.92
CA PHE F 163 -23.05 -10.94 -17.80
C PHE F 163 -21.81 -11.02 -18.66
N ALA F 164 -21.42 -9.89 -19.28
CA ALA F 164 -20.18 -9.83 -20.06
C ALA F 164 -18.94 -10.29 -19.25
N LEU F 165 -18.75 -9.73 -18.06
CA LEU F 165 -17.58 -10.06 -17.25
C LEU F 165 -17.62 -11.50 -16.72
N MET F 166 -18.80 -11.94 -16.29
CA MET F 166 -19.00 -13.33 -15.84
C MET F 166 -18.71 -14.32 -16.96
N LEU F 167 -19.17 -14.00 -18.17
CA LEU F 167 -18.90 -14.85 -19.33
C LEU F 167 -17.41 -14.88 -19.64
N HIS F 168 -16.77 -13.69 -19.63
CA HIS F 168 -15.31 -13.63 -19.70
C HIS F 168 -14.63 -14.56 -18.68
N TYR F 169 -15.10 -14.51 -17.43
CA TYR F 169 -14.59 -15.36 -16.36
C TYR F 169 -14.76 -16.85 -16.67
N GLU F 170 -15.95 -17.24 -17.09
CA GLU F 170 -16.25 -18.63 -17.44
C GLU F 170 -15.41 -19.15 -18.61
N LEU F 171 -15.27 -18.33 -19.65
CA LEU F 171 -14.46 -18.70 -20.83
C LEU F 171 -12.98 -18.91 -20.50
N LYS F 172 -12.47 -18.11 -19.57
CA LYS F 172 -11.10 -18.27 -19.07
C LYS F 172 -10.94 -19.54 -18.24
N LYS F 173 -11.97 -19.85 -17.44
CA LYS F 173 -12.00 -21.06 -16.61
C LYS F 173 -11.95 -22.30 -17.50
N ARG F 174 -12.59 -22.20 -18.67
CA ARG F 174 -12.57 -23.25 -19.68
C ARG F 174 -11.35 -23.15 -20.59
N GLY F 175 -10.60 -22.06 -20.47
CA GLY F 175 -9.39 -21.85 -21.28
C GLY F 175 -9.69 -21.70 -22.77
N ILE F 176 -10.85 -21.16 -23.10
CA ILE F 176 -11.26 -20.96 -24.49
C ILE F 176 -11.55 -19.49 -24.82
N ARG F 177 -11.22 -18.59 -23.90
CA ARG F 177 -11.42 -17.15 -24.12
C ARG F 177 -10.69 -16.66 -25.37
N TYR F 178 -9.52 -17.23 -25.65
CA TYR F 178 -8.73 -16.86 -26.84
C TYR F 178 -9.39 -17.30 -28.16
N LYS F 179 -10.48 -18.05 -28.06
CA LYS F 179 -11.27 -18.47 -29.22
C LYS F 179 -12.55 -17.66 -29.34
N VAL F 180 -12.77 -16.76 -28.38
CA VAL F 180 -14.03 -16.02 -28.28
C VAL F 180 -13.83 -14.51 -28.26
N PRO F 181 -13.97 -13.85 -29.42
CA PRO F 181 -14.05 -12.40 -29.46
C PRO F 181 -15.26 -11.92 -28.64
N MET F 182 -15.09 -10.87 -27.84
CA MET F 182 -16.19 -10.32 -27.06
C MET F 182 -16.29 -8.83 -27.32
N THR F 183 -17.48 -8.39 -27.70
CA THR F 183 -17.76 -6.97 -27.94
C THR F 183 -18.98 -6.54 -27.13
N PHE F 184 -18.88 -5.39 -26.48
CA PHE F 184 -19.98 -4.86 -25.70
C PHE F 184 -20.53 -3.65 -26.44
N ILE F 185 -21.81 -3.66 -26.79
CA ILE F 185 -22.41 -2.53 -27.51
C ILE F 185 -23.55 -1.91 -26.71
N THR F 186 -23.49 -0.60 -26.53
CA THR F 186 -24.46 0.09 -25.67
C THR F 186 -24.97 1.43 -26.19
N SER F 187 -26.22 1.74 -25.83
CA SER F 187 -26.84 3.03 -26.09
C SER F 187 -26.37 4.13 -25.14
N GLU F 188 -25.72 3.75 -24.04
CA GLU F 188 -25.10 4.72 -23.11
C GLU F 188 -24.15 5.58 -23.93
N PRO F 189 -24.08 6.89 -23.62
CA PRO F 189 -23.12 7.74 -24.35
C PRO F 189 -21.67 7.35 -24.09
N TYR F 190 -21.44 6.62 -22.99
CA TYR F 190 -20.12 6.09 -22.64
C TYR F 190 -20.31 4.89 -21.68
N LEU F 191 -19.27 4.08 -21.54
CA LEU F 191 -19.29 2.94 -20.61
C LEU F 191 -19.43 3.44 -19.16
N GLY F 192 -20.24 2.74 -18.38
CA GLY F 192 -20.42 3.07 -16.97
C GLY F 192 -21.27 4.32 -16.75
N HIS F 193 -22.08 4.63 -17.75
CA HIS F 193 -23.06 5.71 -17.63
C HIS F 193 -24.23 5.20 -16.79
N PHE F 194 -24.70 3.98 -17.11
CA PHE F 194 -25.77 3.28 -16.38
C PHE F 194 -27.14 3.95 -16.39
N GLY F 195 -27.33 4.94 -17.27
CA GLY F 195 -28.59 5.70 -17.29
C GLY F 195 -28.68 6.66 -16.11
N VAL F 196 -27.54 6.98 -15.54
CA VAL F 196 -27.46 7.77 -14.31
C VAL F 196 -26.37 8.85 -14.39
N GLY F 197 -25.80 9.02 -15.58
CA GLY F 197 -24.73 10.01 -15.80
C GLY F 197 -23.43 9.61 -15.14
N GLY F 198 -23.24 8.29 -14.98
CA GLY F 198 -22.07 7.75 -14.27
C GLY F 198 -22.23 7.81 -12.76
N ILE F 199 -21.43 7.00 -12.09
CA ILE F 199 -21.34 7.03 -10.62
C ILE F 199 -19.87 7.17 -10.28
N GLY F 200 -19.49 8.33 -9.74
CA GLY F 200 -18.08 8.65 -9.56
C GLY F 200 -17.35 8.48 -10.87
N ALA F 201 -16.15 7.91 -10.79
CA ALA F 201 -15.34 7.67 -11.99
C ALA F 201 -15.63 6.29 -12.57
N SER F 202 -16.91 5.95 -12.71
CA SER F 202 -17.29 4.65 -13.22
C SER F 202 -16.92 4.45 -14.70
N LYS F 203 -16.93 5.52 -15.49
CA LYS F 203 -16.51 5.44 -16.88
C LYS F 203 -15.08 4.91 -17.00
N ARG F 204 -14.14 5.58 -16.33
CA ARG F 204 -12.74 5.16 -16.31
C ARG F 204 -12.60 3.72 -15.78
N LEU F 205 -13.27 3.43 -14.67
CA LEU F 205 -13.28 2.10 -14.06
C LEU F 205 -13.66 1.00 -15.06
N VAL F 206 -14.81 1.15 -15.72
CA VAL F 206 -15.29 0.14 -16.65
C VAL F 206 -14.40 0.06 -17.91
N GLU F 207 -14.03 1.21 -18.46
CA GLU F 207 -13.05 1.26 -19.55
C GLU F 207 -11.78 0.50 -19.21
N ASP F 208 -11.23 0.76 -18.03
CA ASP F 208 -10.02 0.08 -17.56
C ASP F 208 -10.25 -1.43 -17.48
N LEU F 209 -11.39 -1.80 -16.90
CA LEU F 209 -11.77 -3.20 -16.73
C LEU F 209 -11.91 -3.95 -18.06
N PHE F 210 -12.59 -3.32 -19.02
CA PHE F 210 -12.76 -3.90 -20.36
C PHE F 210 -11.43 -4.00 -21.10
N ALA F 211 -10.58 -2.99 -20.94
CA ALA F 211 -9.24 -3.00 -21.53
C ALA F 211 -8.39 -4.14 -20.96
N GLU F 212 -8.39 -4.26 -19.64
CA GLU F 212 -7.65 -5.33 -18.96
C GLU F 212 -8.14 -6.73 -19.35
N ARG F 213 -9.43 -6.85 -19.67
CA ARG F 213 -10.05 -8.15 -19.96
C ARG F 213 -10.36 -8.41 -21.45
N ASN F 214 -9.88 -7.50 -22.31
CA ASN F 214 -10.03 -7.60 -23.78
C ASN F 214 -11.47 -7.75 -24.23
N ILE F 215 -12.35 -6.99 -23.59
CA ILE F 215 -13.70 -6.80 -24.06
C ILE F 215 -13.74 -5.52 -24.88
N ASP F 216 -13.95 -5.68 -26.19
CA ASP F 216 -14.09 -4.55 -27.09
C ASP F 216 -15.44 -3.89 -26.83
N TRP F 217 -15.52 -2.60 -27.13
CA TRP F 217 -16.77 -1.90 -26.86
C TRP F 217 -17.09 -0.82 -27.88
N ILE F 218 -18.39 -0.61 -28.07
CA ILE F 218 -18.92 0.46 -28.90
C ILE F 218 -20.03 1.14 -28.11
N ALA F 219 -19.85 2.42 -27.78
CA ALA F 219 -20.85 3.18 -27.03
C ALA F 219 -21.51 4.24 -27.91
N ASN F 220 -22.59 4.83 -27.40
CA ASN F 220 -23.30 5.91 -28.08
C ASN F 220 -23.87 5.52 -29.45
N VAL F 221 -24.27 4.25 -29.60
CA VAL F 221 -24.84 3.76 -30.87
C VAL F 221 -26.20 3.09 -30.64
N ALA F 222 -26.98 2.97 -31.70
CA ALA F 222 -28.30 2.34 -31.67
C ALA F 222 -28.29 0.96 -32.35
N VAL F 223 -28.46 -0.09 -31.56
CA VAL F 223 -28.57 -1.46 -32.09
C VAL F 223 -29.94 -1.59 -32.77
N LYS F 224 -29.91 -1.94 -34.06
CA LYS F 224 -31.12 -1.93 -34.92
C LYS F 224 -31.62 -3.32 -35.26
N ALA F 225 -30.70 -4.29 -35.30
CA ALA F 225 -31.05 -5.64 -35.70
C ALA F 225 -30.09 -6.67 -35.11
N ILE F 226 -30.65 -7.80 -34.69
CA ILE F 226 -29.85 -8.97 -34.34
C ILE F 226 -30.22 -10.10 -35.29
N GLU F 227 -29.27 -10.44 -36.15
CA GLU F 227 -29.43 -11.53 -37.09
C GLU F 227 -28.72 -12.75 -36.52
N PRO F 228 -28.95 -13.96 -37.11
CA PRO F 228 -28.33 -15.16 -36.57
C PRO F 228 -26.79 -15.14 -36.58
N ASP F 229 -26.20 -14.30 -37.42
CA ASP F 229 -24.75 -14.31 -37.62
C ASP F 229 -24.08 -12.95 -37.40
N LYS F 230 -24.87 -11.93 -37.07
CA LYS F 230 -24.35 -10.58 -36.88
C LYS F 230 -25.27 -9.65 -36.09
N VAL F 231 -24.70 -8.54 -35.65
CA VAL F 231 -25.43 -7.45 -34.97
C VAL F 231 -25.25 -6.18 -35.78
N ILE F 232 -26.35 -5.53 -36.09
CA ILE F 232 -26.35 -4.32 -36.92
C ILE F 232 -26.73 -3.12 -36.07
N TYR F 233 -25.87 -2.10 -36.09
CA TYR F 233 -26.10 -0.90 -35.29
C TYR F 233 -25.88 0.35 -36.11
N GLU F 234 -26.32 1.49 -35.55
CA GLU F 234 -26.25 2.76 -36.23
C GLU F 234 -25.66 3.81 -35.28
N ASP F 235 -24.66 4.54 -35.72
CA ASP F 235 -24.08 5.59 -34.89
C ASP F 235 -24.95 6.84 -34.92
N LEU F 236 -24.56 7.87 -34.16
CA LEU F 236 -25.32 9.11 -34.08
C LEU F 236 -25.65 9.72 -35.44
N ASN F 237 -24.66 9.72 -36.33
CA ASN F 237 -24.77 10.29 -37.67
C ASN F 237 -25.71 9.53 -38.61
N GLY F 238 -26.09 8.32 -38.24
CA GLY F 238 -26.97 7.50 -39.08
C GLY F 238 -26.23 6.51 -39.97
N ASN F 239 -24.92 6.37 -39.73
CA ASN F 239 -24.12 5.36 -40.41
C ASN F 239 -24.34 3.97 -39.83
N THR F 240 -24.59 3.01 -40.69
CA THR F 240 -24.86 1.64 -40.27
C THR F 240 -23.58 0.78 -40.30
N HIS F 241 -23.35 0.06 -39.21
CA HIS F 241 -22.24 -0.87 -39.13
C HIS F 241 -22.74 -2.23 -38.65
N GLU F 242 -21.95 -3.27 -38.91
CA GLU F 242 -22.26 -4.61 -38.43
C GLU F 242 -21.05 -5.29 -37.83
N VAL F 243 -21.31 -6.18 -36.88
CA VAL F 243 -20.28 -6.95 -36.20
C VAL F 243 -20.73 -8.41 -36.20
N PRO F 244 -19.82 -9.35 -36.53
CA PRO F 244 -20.17 -10.76 -36.52
C PRO F 244 -20.53 -11.26 -35.12
N ALA F 245 -21.47 -12.19 -35.03
CA ALA F 245 -21.95 -12.68 -33.74
C ALA F 245 -22.51 -14.09 -33.83
N LYS F 246 -21.90 -15.01 -33.10
CA LYS F 246 -22.41 -16.36 -32.96
C LYS F 246 -23.37 -16.45 -31.77
N PHE F 247 -23.01 -15.77 -30.68
CA PHE F 247 -23.85 -15.69 -29.50
C PHE F 247 -24.04 -14.22 -29.13
N THR F 248 -25.28 -13.83 -28.86
CA THR F 248 -25.53 -12.51 -28.31
C THR F 248 -26.43 -12.55 -27.08
N MET F 249 -26.32 -11.50 -26.27
CA MET F 249 -27.17 -11.30 -25.13
C MET F 249 -27.41 -9.80 -25.04
N PHE F 250 -28.62 -9.38 -25.40
CA PHE F 250 -28.98 -7.96 -25.29
C PHE F 250 -30.07 -7.70 -24.26
N MET F 251 -29.95 -6.56 -23.58
CA MET F 251 -31.01 -6.06 -22.72
C MET F 251 -32.14 -5.49 -23.59
N PRO F 252 -33.40 -5.88 -23.29
CA PRO F 252 -34.53 -5.20 -23.91
C PRO F 252 -34.79 -3.87 -23.21
N SER F 253 -35.53 -2.97 -23.86
CA SER F 253 -36.02 -1.76 -23.19
C SER F 253 -37.29 -2.13 -22.40
N PHE F 254 -37.71 -1.23 -21.51
CA PHE F 254 -38.92 -1.48 -20.72
C PHE F 254 -40.05 -0.53 -21.07
N GLN F 255 -41.28 -1.03 -20.99
CA GLN F 255 -42.45 -0.16 -21.01
C GLN F 255 -43.43 -0.62 -19.93
N GLY F 256 -44.54 0.09 -19.79
CA GLY F 256 -45.55 -0.30 -18.83
C GLY F 256 -46.47 -1.35 -19.45
N PRO F 257 -47.13 -2.14 -18.61
CA PRO F 257 -47.96 -3.23 -19.08
C PRO F 257 -49.32 -2.72 -19.58
N GLU F 258 -50.07 -3.60 -20.23
CA GLU F 258 -51.42 -3.26 -20.69
C GLU F 258 -52.40 -3.14 -19.53
N VAL F 259 -52.06 -3.72 -18.38
CA VAL F 259 -52.86 -3.55 -17.16
C VAL F 259 -52.82 -2.09 -16.67
N VAL F 260 -51.67 -1.44 -16.81
CA VAL F 260 -51.54 -0.03 -16.46
C VAL F 260 -52.19 0.87 -17.51
N ALA F 261 -51.95 0.55 -18.78
CA ALA F 261 -52.61 1.22 -19.91
C ALA F 261 -54.12 1.27 -19.73
N SER F 262 -54.70 0.18 -19.26
CA SER F 262 -56.16 0.05 -19.12
C SER F 262 -56.77 0.99 -18.08
N ALA F 263 -55.92 1.62 -17.26
CA ALA F 263 -56.40 2.54 -16.22
C ALA F 263 -56.60 3.98 -16.71
N GLY F 264 -56.21 4.25 -17.96
CA GLY F 264 -56.41 5.57 -18.58
C GLY F 264 -55.14 6.40 -18.57
N ASP F 265 -55.20 7.59 -19.20
CA ASP F 265 -54.00 8.42 -19.36
C ASP F 265 -53.63 9.29 -18.14
N LYS F 266 -54.38 9.16 -17.06
CA LYS F 266 -54.05 9.81 -15.80
C LYS F 266 -53.22 8.89 -14.91
N VAL F 267 -53.21 7.60 -15.26
CA VAL F 267 -52.43 6.59 -14.53
C VAL F 267 -51.28 6.07 -15.40
N ALA F 268 -51.57 5.83 -16.67
CA ALA F 268 -50.56 5.36 -17.62
C ALA F 268 -49.92 6.53 -18.35
N ASN F 269 -48.60 6.63 -18.23
CA ASN F 269 -47.81 7.61 -18.95
C ASN F 269 -47.97 7.36 -20.45
N PRO F 270 -48.46 8.35 -21.22
CA PRO F 270 -48.69 8.19 -22.67
C PRO F 270 -47.47 7.77 -23.48
N ALA F 271 -46.29 8.14 -23.00
CA ALA F 271 -45.04 7.86 -23.71
C ALA F 271 -44.57 6.42 -23.55
N ASN F 272 -44.87 5.80 -22.42
CA ASN F 272 -44.30 4.49 -22.10
C ASN F 272 -45.21 3.52 -21.33
N LYS F 273 -46.40 3.97 -20.96
CA LYS F 273 -47.38 3.15 -20.23
C LYS F 273 -46.98 2.84 -18.76
N MET F 274 -45.90 3.46 -18.29
CA MET F 274 -45.50 3.29 -16.90
C MET F 274 -46.40 4.11 -15.96
N VAL F 275 -46.42 3.75 -14.68
CA VAL F 275 -47.33 4.37 -13.70
C VAL F 275 -46.92 5.80 -13.38
N ILE F 276 -47.84 6.74 -13.60
CA ILE F 276 -47.63 8.14 -13.26
C ILE F 276 -47.68 8.30 -11.74
N VAL F 277 -46.58 8.76 -11.17
CA VAL F 277 -46.48 8.97 -9.72
C VAL F 277 -45.88 10.33 -9.39
N ASN F 278 -46.15 10.80 -8.18
CA ASN F 278 -45.51 12.00 -7.64
C ASN F 278 -44.28 11.64 -6.80
N ARG F 279 -43.77 12.61 -6.03
CA ARG F 279 -42.61 12.40 -5.15
C ARG F 279 -42.85 11.31 -4.12
N CYS F 280 -44.11 11.15 -3.72
CA CYS F 280 -44.52 10.18 -2.70
C CYS F 280 -44.91 8.83 -3.32
N PHE F 281 -44.60 8.69 -4.60
CA PHE F 281 -44.92 7.50 -5.41
C PHE F 281 -46.40 7.16 -5.40
N GLN F 282 -47.20 8.23 -5.37
CA GLN F 282 -48.64 8.19 -5.38
C GLN F 282 -49.12 8.80 -6.70
N ASN F 283 -50.19 8.23 -7.26
CA ASN F 283 -50.80 8.82 -8.44
C ASN F 283 -51.43 10.17 -8.11
N PRO F 284 -51.07 11.23 -8.87
CA PRO F 284 -51.57 12.59 -8.68
C PRO F 284 -53.10 12.73 -8.74
N THR F 285 -53.75 11.87 -9.53
CA THR F 285 -55.21 11.93 -9.72
C THR F 285 -55.96 10.99 -8.77
N TYR F 286 -55.61 9.71 -8.84
CA TYR F 286 -56.21 8.68 -8.00
C TYR F 286 -55.32 8.45 -6.79
N LYS F 287 -55.65 9.14 -5.70
CA LYS F 287 -54.79 9.23 -4.52
C LYS F 287 -54.59 7.91 -3.75
N ASN F 288 -55.42 6.91 -4.07
CA ASN F 288 -55.32 5.59 -3.47
C ASN F 288 -54.58 4.57 -4.35
N ILE F 289 -54.04 5.06 -5.46
CA ILE F 289 -53.16 4.26 -6.33
C ILE F 289 -51.69 4.68 -6.12
N PHE F 290 -50.85 3.68 -5.86
CA PHE F 290 -49.40 3.90 -5.71
C PHE F 290 -48.64 3.01 -6.67
N GLY F 291 -47.44 3.44 -7.03
CA GLY F 291 -46.54 2.67 -7.87
C GLY F 291 -45.24 2.37 -7.16
N VAL F 292 -44.77 1.14 -7.29
CA VAL F 292 -43.49 0.75 -6.71
C VAL F 292 -42.70 -0.06 -7.74
N GLY F 293 -41.42 0.30 -7.90
CA GLY F 293 -40.50 -0.50 -8.70
C GLY F 293 -40.26 -0.01 -10.11
N VAL F 294 -39.87 -0.95 -10.97
CA VAL F 294 -39.54 -0.65 -12.36
C VAL F 294 -40.72 -0.05 -13.14
N VAL F 295 -41.95 -0.38 -12.74
CA VAL F 295 -43.14 0.10 -13.46
C VAL F 295 -43.43 1.60 -13.28
N THR F 296 -42.73 2.25 -12.36
CA THR F 296 -42.96 3.68 -12.11
C THR F 296 -42.34 4.57 -13.18
N ALA F 297 -43.11 5.57 -13.60
CA ALA F 297 -42.61 6.53 -14.58
C ALA F 297 -41.71 7.56 -13.92
N ILE F 298 -40.40 7.35 -14.02
CA ILE F 298 -39.42 8.32 -13.52
C ILE F 298 -38.70 8.94 -14.71
N PRO F 299 -38.69 10.29 -14.80
CA PRO F 299 -38.01 10.98 -15.91
C PRO F 299 -36.53 10.64 -15.98
N PRO F 300 -36.00 10.45 -17.20
CA PRO F 300 -34.56 10.22 -17.37
C PRO F 300 -33.71 11.30 -16.70
N ILE F 301 -32.61 10.86 -16.09
CA ILE F 301 -31.63 11.73 -15.43
C ILE F 301 -30.98 12.66 -16.45
N GLU F 302 -30.63 12.09 -17.60
CA GLU F 302 -29.99 12.80 -18.70
C GLU F 302 -30.67 12.37 -20.01
N LYS F 303 -30.98 13.33 -20.88
CA LYS F 303 -31.40 13.02 -22.24
C LYS F 303 -30.15 12.74 -23.08
N THR F 304 -29.90 11.46 -23.34
CA THR F 304 -28.69 11.03 -24.00
C THR F 304 -28.89 10.96 -25.52
N PRO F 305 -27.80 11.12 -26.31
CA PRO F 305 -27.86 11.11 -27.78
C PRO F 305 -28.62 9.91 -28.36
N ILE F 306 -28.36 8.72 -27.84
CA ILE F 306 -29.21 7.56 -28.07
C ILE F 306 -30.08 7.45 -26.82
N PRO F 307 -31.41 7.39 -26.99
CA PRO F 307 -32.37 7.26 -25.89
C PRO F 307 -31.95 6.22 -24.83
N THR F 308 -32.01 6.64 -23.58
CA THR F 308 -31.57 5.86 -22.43
C THR F 308 -32.49 6.25 -21.26
N GLY F 309 -32.78 5.31 -20.36
CA GLY F 309 -33.65 5.59 -19.20
C GLY F 309 -33.01 5.32 -17.84
N VAL F 310 -33.74 5.64 -16.76
CA VAL F 310 -33.19 5.51 -15.40
C VAL F 310 -33.44 4.11 -14.82
N PRO F 311 -32.40 3.50 -14.21
CA PRO F 311 -32.63 2.23 -13.54
C PRO F 311 -33.43 2.41 -12.25
N LYS F 312 -34.18 1.38 -11.87
CA LYS F 312 -34.76 1.30 -10.55
C LYS F 312 -34.11 0.10 -9.92
N THR F 313 -33.12 0.36 -9.08
CA THR F 313 -32.34 -0.70 -8.44
C THR F 313 -33.06 -1.20 -7.21
N GLY F 314 -32.59 -2.31 -6.65
CA GLY F 314 -33.23 -2.95 -5.51
C GLY F 314 -33.39 -2.04 -4.32
N MET F 315 -32.30 -1.36 -3.93
CA MET F 315 -32.34 -0.41 -2.82
C MET F 315 -33.34 0.73 -3.03
N MET F 316 -33.36 1.30 -4.24
CA MET F 316 -34.31 2.33 -4.62
C MET F 316 -35.75 1.83 -4.45
N ILE F 317 -35.99 0.62 -4.91
CA ILE F 317 -37.31 0.02 -4.87
C ILE F 317 -37.75 -0.28 -3.43
N GLU F 318 -36.82 -0.78 -2.61
CA GLU F 318 -37.09 -1.03 -1.20
C GLU F 318 -37.47 0.27 -0.48
N GLN F 319 -36.79 1.36 -0.82
CA GLN F 319 -37.10 2.68 -0.28
C GLN F 319 -38.47 3.17 -0.75
N MET F 320 -38.80 2.93 -2.02
CA MET F 320 -40.14 3.21 -2.55
C MET F 320 -41.19 2.43 -1.74
N ALA F 321 -40.94 1.14 -1.55
CA ALA F 321 -41.84 0.26 -0.81
C ALA F 321 -42.11 0.79 0.61
N MET F 322 -41.07 1.20 1.32
CA MET F 322 -41.20 1.79 2.66
C MET F 322 -42.02 3.07 2.64
N ALA F 323 -41.72 3.97 1.70
CA ALA F 323 -42.45 5.22 1.56
C ALA F 323 -43.95 4.98 1.34
N VAL F 324 -44.26 4.16 0.33
CA VAL F 324 -45.64 3.85 -0.05
C VAL F 324 -46.41 3.17 1.08
N ALA F 325 -45.79 2.19 1.73
CA ALA F 325 -46.41 1.51 2.86
C ALA F 325 -46.78 2.48 3.99
N HIS F 326 -45.86 3.39 4.33
CA HIS F 326 -46.15 4.42 5.33
C HIS F 326 -47.21 5.41 4.86
N ASN F 327 -47.20 5.71 3.56
CA ASN F 327 -48.16 6.65 2.99
C ASN F 327 -49.59 6.10 3.04
N ILE F 328 -49.73 4.82 2.73
CA ILE F 328 -51.03 4.13 2.78
C ILE F 328 -51.51 4.00 4.22
N VAL F 329 -50.62 3.55 5.12
CA VAL F 329 -50.98 3.40 6.53
C VAL F 329 -51.36 4.74 7.16
N ASN F 330 -50.57 5.77 6.87
CA ASN F 330 -50.86 7.12 7.36
C ASN F 330 -52.17 7.68 6.85
N ASP F 331 -52.51 7.40 5.59
CA ASP F 331 -53.79 7.83 5.03
C ASP F 331 -54.95 7.11 5.74
N ILE F 332 -54.79 5.80 5.98
CA ILE F 332 -55.80 5.02 6.69
C ILE F 332 -56.05 5.58 8.10
N ARG F 333 -54.96 5.92 8.79
CA ARG F 333 -55.02 6.36 10.19
C ARG F 333 -55.23 7.87 10.35
N ASN F 334 -55.44 8.57 9.24
CA ASN F 334 -55.58 10.03 9.24
C ASN F 334 -54.37 10.74 9.87
N ASN F 335 -53.19 10.21 9.60
CA ASN F 335 -51.92 10.85 9.95
C ASN F 335 -51.45 11.67 8.73
N PRO F 336 -51.23 12.97 8.92
CA PRO F 336 -50.92 13.87 7.81
C PRO F 336 -49.54 13.70 7.19
N ASP F 337 -48.62 13.05 7.89
CA ASP F 337 -47.26 12.86 7.41
C ASP F 337 -47.21 11.94 6.20
N LYS F 338 -46.45 12.37 5.19
CA LYS F 338 -46.23 11.59 3.99
C LYS F 338 -44.75 11.57 3.67
N TYR F 339 -44.33 10.52 2.99
CA TYR F 339 -42.92 10.23 2.79
C TYR F 339 -42.55 10.08 1.34
N ALA F 340 -41.34 10.56 1.02
CA ALA F 340 -40.70 10.30 -0.26
C ALA F 340 -39.47 9.43 -0.01
N PRO F 341 -39.20 8.46 -0.91
CA PRO F 341 -37.97 7.69 -0.75
C PRO F 341 -36.75 8.56 -1.09
N ARG F 342 -35.61 8.27 -0.45
CA ARG F 342 -34.36 8.94 -0.78
C ARG F 342 -33.91 8.60 -2.19
N LEU F 343 -34.19 7.36 -2.60
CA LEU F 343 -33.77 6.81 -3.89
C LEU F 343 -32.24 6.86 -4.06
N SER F 344 -31.55 6.36 -3.03
CA SER F 344 -30.14 6.08 -3.10
C SER F 344 -30.00 4.61 -3.53
N ALA F 345 -28.77 4.20 -3.83
CA ALA F 345 -28.53 2.84 -4.31
C ALA F 345 -27.14 2.32 -3.96
N ILE F 346 -27.11 1.14 -3.36
CA ILE F 346 -25.94 0.27 -3.35
C ILE F 346 -26.12 -0.72 -4.49
N ILE F 348 -24.10 -3.67 -6.77
CA ILE F 348 -22.91 -4.51 -6.94
C ILE F 348 -22.95 -5.28 -8.25
N ALA F 349 -21.98 -5.01 -9.12
CA ALA F 349 -21.87 -5.71 -10.39
C ALA F 349 -20.91 -6.89 -10.26
N ASP F 350 -21.47 -8.09 -10.13
CA ASP F 350 -20.69 -9.31 -9.95
C ASP F 350 -19.99 -9.67 -11.26
N PHE F 351 -18.67 -9.86 -11.20
CA PHE F 351 -17.87 -10.12 -12.39
C PHE F 351 -17.37 -11.56 -12.46
N GLY F 352 -17.69 -12.35 -11.44
CA GLY F 352 -17.23 -13.73 -11.36
C GLY F 352 -16.64 -14.04 -10.00
N GLU F 353 -15.36 -13.71 -9.83
CA GLU F 353 -14.67 -13.90 -8.56
C GLU F 353 -14.40 -12.57 -7.85
N ASP F 354 -14.55 -11.47 -8.59
CA ASP F 354 -14.54 -10.12 -8.02
C ASP F 354 -15.77 -9.35 -8.49
N ALA F 355 -15.97 -8.15 -7.95
CA ALA F 355 -17.13 -7.35 -8.32
C ALA F 355 -16.88 -5.87 -8.18
N GLY F 356 -17.68 -5.08 -8.87
CA GLY F 356 -17.68 -3.63 -8.74
C GLY F 356 -18.74 -3.22 -7.73
N PHE F 357 -18.36 -2.35 -6.81
CA PHE F 357 -19.27 -1.81 -5.82
C PHE F 357 -19.54 -0.34 -6.12
N PHE F 358 -20.81 -0.02 -6.34
CA PHE F 358 -21.24 1.35 -6.63
C PHE F 358 -22.25 1.83 -5.60
N PHE F 359 -21.95 2.95 -4.96
CA PHE F 359 -22.92 3.61 -4.09
C PHE F 359 -23.16 5.03 -4.58
N ALA F 360 -24.43 5.38 -4.78
CA ALA F 360 -24.83 6.73 -5.18
C ALA F 360 -25.91 7.29 -4.24
N ASP F 361 -25.66 8.46 -3.67
CA ASP F 361 -26.61 9.05 -2.75
C ASP F 361 -26.87 10.54 -3.04
N PRO F 362 -28.01 10.86 -3.68
CA PRO F 362 -28.99 9.94 -4.25
C PRO F 362 -28.54 9.45 -5.63
N VAL F 363 -29.31 8.56 -6.24
CA VAL F 363 -29.00 8.09 -7.59
C VAL F 363 -29.22 9.22 -8.60
N ILE F 364 -30.31 9.97 -8.44
CA ILE F 364 -30.59 11.11 -9.31
C ILE F 364 -29.78 12.31 -8.82
N PRO F 365 -28.87 12.84 -9.66
CA PRO F 365 -28.05 14.03 -9.33
C PRO F 365 -28.85 15.31 -9.06
N PRO F 366 -28.26 16.29 -8.35
CA PRO F 366 -26.91 16.23 -7.79
C PRO F 366 -26.79 15.31 -6.56
N ARG F 367 -25.62 14.71 -6.40
CA ARG F 367 -25.37 13.74 -5.34
C ARG F 367 -24.57 14.32 -4.18
N GLU F 368 -24.90 13.82 -2.98
CA GLU F 368 -24.16 14.16 -1.78
C GLU F 368 -22.85 13.38 -1.72
N ARG F 369 -22.91 12.12 -2.17
CA ARG F 369 -21.82 11.17 -1.97
C ARG F 369 -21.90 10.07 -3.02
N VAL F 370 -20.74 9.59 -3.45
CA VAL F 370 -20.64 8.32 -4.20
C VAL F 370 -19.48 7.49 -3.68
N ILE F 371 -19.58 6.17 -3.84
CA ILE F 371 -18.45 5.27 -3.62
C ILE F 371 -18.34 4.36 -4.83
N THR F 372 -17.15 4.30 -5.42
CA THR F 372 -16.88 3.39 -6.53
C THR F 372 -15.66 2.56 -6.19
N LYS F 373 -15.88 1.26 -6.01
CA LYS F 373 -14.82 0.35 -5.58
C LYS F 373 -14.87 -0.98 -6.32
N MET F 374 -13.75 -1.71 -6.28
CA MET F 374 -13.65 -3.01 -6.92
C MET F 374 -12.80 -3.94 -6.08
N GLY F 375 -13.22 -5.19 -5.98
CA GLY F 375 -12.47 -6.19 -5.24
C GLY F 375 -13.22 -7.48 -5.08
N LYS F 376 -12.51 -8.50 -4.61
CA LYS F 376 -13.12 -9.80 -4.35
C LYS F 376 -14.17 -9.68 -3.26
N TRP F 377 -13.90 -8.84 -2.25
CA TRP F 377 -14.83 -8.59 -1.15
C TRP F 377 -16.26 -8.29 -1.63
N ALA F 378 -16.39 -7.47 -2.68
CA ALA F 378 -17.68 -7.08 -3.22
C ALA F 378 -18.44 -8.28 -3.80
N HIS F 379 -17.71 -9.24 -4.35
CA HIS F 379 -18.32 -10.47 -4.87
C HIS F 379 -18.93 -11.31 -3.75
N TYR F 380 -18.20 -11.42 -2.64
CA TYR F 380 -18.70 -12.16 -1.49
C TYR F 380 -19.88 -11.44 -0.85
N PHE F 381 -19.85 -10.12 -0.89
CA PHE F 381 -20.96 -9.31 -0.41
C PHE F 381 -22.24 -9.55 -1.24
N LYS F 382 -22.08 -9.55 -2.56
CA LYS F 382 -23.15 -9.86 -3.49
C LYS F 382 -23.83 -11.19 -3.13
N THR F 383 -23.04 -12.25 -3.02
CA THR F 383 -23.53 -13.59 -2.64
C THR F 383 -24.21 -13.60 -1.27
N ALA F 384 -23.58 -12.95 -0.29
CA ALA F 384 -24.12 -12.83 1.06
C ALA F 384 -25.48 -12.14 1.06
N PHE F 385 -25.59 -11.06 0.30
CA PHE F 385 -26.83 -10.30 0.19
C PHE F 385 -27.97 -11.11 -0.43
N GLU F 386 -27.64 -11.93 -1.42
CA GLU F 386 -28.59 -12.86 -2.03
C GLU F 386 -29.22 -13.77 -0.97
N LYS F 387 -28.38 -14.37 -0.13
CA LYS F 387 -28.86 -15.26 0.93
C LYS F 387 -29.75 -14.52 1.94
N TYR F 388 -29.27 -13.34 2.35
CA TYR F 388 -30.01 -12.46 3.26
C TYR F 388 -31.38 -12.07 2.72
N PHE F 389 -31.44 -11.62 1.45
CA PHE F 389 -32.71 -11.13 0.89
C PHE F 389 -33.76 -12.23 0.75
N LEU F 390 -33.35 -13.39 0.26
CA LEU F 390 -34.23 -14.57 0.17
C LEU F 390 -34.73 -15.01 1.54
N TRP F 391 -33.87 -14.89 2.55
CA TRP F 391 -34.27 -15.17 3.92
C TRP F 391 -35.37 -14.19 4.37
N LYS F 392 -35.18 -12.90 4.08
CA LYS F 392 -36.19 -11.88 4.37
C LYS F 392 -37.54 -12.17 3.71
N VAL F 393 -37.50 -12.58 2.43
CA VAL F 393 -38.71 -12.99 1.73
C VAL F 393 -39.41 -14.15 2.46
N ARG F 394 -38.65 -15.19 2.77
CA ARG F 394 -39.17 -16.35 3.48
C ARG F 394 -39.58 -16.07 4.93
N ASN F 395 -39.11 -14.95 5.49
CA ASN F 395 -39.34 -14.66 6.91
C ASN F 395 -40.25 -13.46 7.26
N GLY F 396 -40.73 -12.78 6.23
CA GLY F 396 -41.84 -11.84 6.39
C GLY F 396 -41.51 -10.40 6.74
N ASN F 397 -40.24 -10.04 6.66
CA ASN F 397 -39.82 -8.66 6.95
C ASN F 397 -38.69 -8.28 6.01
N ILE F 398 -39.02 -7.46 5.00
CA ILE F 398 -38.03 -6.95 4.03
C ILE F 398 -37.26 -5.75 4.59
N ALA F 399 -37.75 -5.18 5.69
CA ALA F 399 -37.12 -4.02 6.30
C ALA F 399 -36.88 -4.16 7.81
N PRO F 400 -36.00 -5.10 8.21
CA PRO F 400 -35.68 -5.24 9.64
C PRO F 400 -35.03 -3.95 10.14
N SER F 401 -35.36 -3.55 11.37
CA SER F 401 -34.92 -2.26 11.90
C SER F 401 -33.39 -2.12 11.95
N PHE F 402 -32.69 -3.22 12.22
CA PHE F 402 -31.23 -3.19 12.31
C PHE F 402 -30.58 -2.84 10.96
N GLU F 403 -31.20 -3.27 9.87
CA GLU F 403 -30.68 -3.01 8.51
C GLU F 403 -30.61 -1.51 8.22
N GLU F 404 -31.66 -0.77 8.60
CA GLU F 404 -31.67 0.69 8.47
C GLU F 404 -30.60 1.33 9.36
N LYS F 405 -30.44 0.81 10.57
CA LYS F 405 -29.39 1.31 11.48
C LYS F 405 -27.98 1.06 10.95
N VAL F 406 -27.75 -0.15 10.45
CA VAL F 406 -26.46 -0.53 9.86
C VAL F 406 -26.12 0.35 8.65
N LEU F 407 -27.07 0.52 7.74
CA LEU F 407 -26.88 1.39 6.57
C LEU F 407 -26.66 2.86 6.92
N GLU F 408 -27.24 3.30 8.04
CA GLU F 408 -26.99 4.63 8.58
C GLU F 408 -25.57 4.73 9.17
N ILE F 409 -25.19 3.71 9.93
CA ILE F 409 -23.85 3.63 10.53
C ILE F 409 -22.75 3.62 9.45
N PHE F 410 -22.94 2.84 8.40
CA PHE F 410 -21.89 2.65 7.39
C PHE F 410 -21.91 3.62 6.22
N LEU F 411 -23.10 4.00 5.77
CA LEU F 411 -23.22 4.79 4.55
C LEU F 411 -23.97 6.10 4.71
N LYS F 412 -24.42 6.37 5.95
CA LYS F 412 -25.19 7.57 6.27
C LYS F 412 -26.52 7.62 5.51
N VAL F 413 -27.15 6.44 5.33
CA VAL F 413 -28.39 6.33 4.56
C VAL F 413 -29.61 6.53 5.46
N HIS F 414 -30.52 7.38 4.98
CA HIS F 414 -31.86 7.50 5.55
C HIS F 414 -32.81 7.14 4.40
N PRO F 415 -33.51 5.98 4.52
CA PRO F 415 -34.23 5.47 3.35
C PRO F 415 -35.36 6.38 2.88
N ILE F 416 -36.08 7.00 3.82
CA ILE F 416 -37.23 7.82 3.46
C ILE F 416 -37.20 9.19 4.14
N GLU F 417 -37.80 10.17 3.47
CA GLU F 417 -37.85 11.54 4.00
C GLU F 417 -39.29 12.00 4.15
N LEU F 418 -39.57 12.69 5.25
CA LEU F 418 -40.81 13.42 5.41
C LEU F 418 -40.90 14.41 4.25
N CYS F 419 -42.00 14.38 3.53
CA CYS F 419 -42.17 15.21 2.35
C CYS F 419 -43.28 16.25 2.53
N LYS F 420 -42.88 17.52 2.56
CA LYS F 420 -43.81 18.64 2.79
C LYS F 420 -44.83 18.80 1.65
N ASP F 421 -44.40 18.50 0.44
CA ASP F 421 -45.21 18.66 -0.77
C ASP F 421 -44.95 17.51 -1.74
N CYS F 422 -45.91 16.59 -1.84
CA CYS F 422 -45.78 15.41 -2.70
C CYS F 422 -45.80 15.76 -4.20
N GLU F 423 -46.46 16.86 -4.53
CA GLU F 423 -46.66 17.26 -5.93
C GLU F 423 -45.34 17.63 -6.60
N GLY F 424 -44.99 16.88 -7.64
CA GLY F 424 -43.73 17.03 -8.35
C GLY F 424 -43.33 15.69 -8.93
N ALA F 425 -42.27 15.67 -9.73
CA ALA F 425 -41.80 14.44 -10.34
C ALA F 425 -41.18 13.52 -9.29
N PRO F 426 -41.30 12.19 -9.48
CA PRO F 426 -40.62 11.33 -8.51
C PRO F 426 -39.11 11.51 -8.64
N GLY F 427 -38.43 11.62 -7.51
CA GLY F 427 -36.99 11.84 -7.50
C GLY F 427 -36.59 13.30 -7.34
N SER F 428 -37.52 14.21 -7.63
CA SER F 428 -37.30 15.63 -7.40
C SER F 428 -37.41 15.94 -5.91
N ARG F 429 -36.68 16.96 -5.47
CA ARG F 429 -36.53 17.25 -4.04
C ARG F 429 -37.70 18.08 -3.47
N CYS F 430 -38.28 17.60 -2.37
CA CYS F 430 -39.39 18.30 -1.69
C CYS F 430 -38.98 18.93 -0.35
#